data_9CZF
#
_entry.id   9CZF
#
_cell.length_a   95.840
_cell.length_b   133.130
_cell.length_c   169.550
_cell.angle_alpha   90.00
_cell.angle_beta   90.00
_cell.angle_gamma   90.00
#
_symmetry.space_group_name_H-M   'P 21 21 21'
#
loop_
_entity.id
_entity.type
_entity.pdbx_description
1 polymer 'Integrin alpha-V heavy chain'
2 polymer 'Integrin beta-6'
3 polymer '17E6 Fab light chain'
4 polymer '17E6 Fab heavy chain'
5 branched beta-D-mannopyranose-(1-4)-2-acetamido-2-deoxy-beta-D-glucopyranose-(1-4)-2-acetamido-2-deoxy-beta-D-glucopyranose
6 branched alpha-D-mannopyranose-(1-3)-[alpha-D-mannopyranose-(1-6)]alpha-D-mannopyranose-(1-6)-beta-D-mannopyranose-(1-4)-2-acetamido-2-deoxy-beta-D-glucopyranose-(1-4)-2-acetamido-2-deoxy-beta-D-glucopyranose
7 branched alpha-D-mannopyranose-(1-3)-beta-D-mannopyranose-(1-4)-2-acetamido-2-deoxy-beta-D-glucopyranose-(1-4)-2-acetamido-2-deoxy-beta-D-glucopyranose
8 non-polymer 'CALCIUM ION'
9 non-polymer alpha-D-mannopyranose
10 non-polymer GLYCEROL
11 non-polymer 'MAGNESIUM ION'
12 non-polymer '(2S)-{5-fluoro-2-[(6S)-5-oxaspiro[2.5]octan-6-yl]phenyl}{(3R)-3-[4-(5,6,7,8-tetrahydro-1,8-naphthyridin-2-yl)butoxy]pyrrolidin-1-yl}acetic acid'
13 non-polymer 'ACETATE ION'
14 non-polymer 2-acetamido-2-deoxy-beta-D-glucopyranose
15 non-polymer 'CHLORIDE ION'
16 water water
#
loop_
_entity_poly.entity_id
_entity_poly.type
_entity_poly.pdbx_seq_one_letter_code
_entity_poly.pdbx_strand_id
1 'polypeptide(L)'
;FNLDVDSPAEYSGPEGSYFGFAVDFFVPSASSRMFLLVGAPKANTTQPGIVEGGQVLKCDWSSTRRCQPIEFDATGNRDY
AKDDPLEFKSHQWFGASVRSKQDKILACAPLYHWRTEMKQEREPVGTCFLQDGTKTVEYAPCRSQDIDADGQGFCQGGFS
IDFTKADRVLLGGPGSFYWQGQLISDQVAEIVSKYDPNVYSIKYNNQLATRTAQAIFDDSYLGYSVAVGDFNGDGIDDFV
SGVPRAARTLGMVYIYDGKNMSSLYNFTGEQMAAYFGFSVAATDINGDDYADVFIGAPLFMDRGSDGKLQEVGQVSVSLQ
RASGDFQTTKLNGFEVFARFGSAIAPLGDLDQDGFNDIAIAAPYGGEDKKGIVYIFNGRSTGLNAVPSQILEGQWAARSC
PPSFGYSMKGATDIDKNGYPDLIVGAFGVDRAILYRARPVITVNAGLEVYPSILNQDNKTCSLPGTALKVSCFNVRFCLK
ADGKGVLPRKLNFQVELLLDKLKQKGAIRRALFLYSRSPSHSKNMTISRGGLMQCEELIAYLRDESEFRDKLTPITIFME
YRLDYRTAADTTGLQPILNQFTPANISRQAHILLDGGSLEVLFQG
;
A
2 'polypeptide(L)'
;GCALGGAETCEDCLLIGPQCAWCAQENFTHPSGVGERCDTPANLLAKGCQLNFIENPVSQVEILKNKPLSVGRQKNSSDI
VQIAPQSLILKLRPGGAQTLQVHVRQTEDYPVDLYYLMDLSASMDDDLNTIKELGSRLSKEMSKLTSNFRLGFGSFVEKP
VSPFVKTTPEEIANPCSSIPYFCLPTFGFKHILPLTNDAERFNEIVKNQKISANIDTPEGGFDAIMQAAVCKEKIGWRND
SLHLLVFVSDADSHFGMDSKLAGIVCPNDGLCHLDSKNEYSMSTVLEYPTIGQLIDKLVQNNVLLIFAVTQEQVHLYENY
AKLIPGATVGLLQKDSGNILQLIISAYEELRSEVELEVLGDTEGLNLSFTAICNNGTLFQHQKKCSHMKVGDTASFSVTV
NIPHCERRSRHIIIKPVGLGDALELLVSPECNCDCQKEVEVNSSKCHHGNGSFQCGVCACHPGHMGPRCESGHSLEVLFQ
G
;
B
3 'polypeptide(L)'
;DIQMTQTTSSLSASLGDRVIISCRASQDISNYLSWYQQKPDGTVKLLIFYTSKLHSGVPSRFSGSGSGTDYSLTISNLDQ
EDIATYFCQQGNTFPYTFGGGTKVEMRRADAAPTVSIFPPSSEQLTSGGASVVCFLNNFYPKDINVKWKIDGSERQNGVL
NSWTDQDSKDSTYSFSSTLTLTKDEYERHNSYTCEATHKTSTSPIVKSFNRNEC
;
C
4 'polypeptide(L)'
;QVQLQQSGAELAEPGASVKMSCKASGYTFSSFWMHWVKQRPGQGLEWIGYINPNSGYTECNEIFRDKATMTADTSSSTAY
MQLSGLTSEDSAVYYCASFLGRGAMDYWGQGTSVTVSSAKTTAPSVYPLAPVCGDTTGSSVTLGCLVKGYFPEPVTLTWN
SGSLSAGVHTFPAVLQSSLYTLSSSVTVVASTWPSQSITCNVAHPASSTKVDKKIEPR
;
D
#
# COMPACT_ATOMS: atom_id res chain seq x y z
N PHE A 1 -12.65 -25.30 -11.84
CA PHE A 1 -13.88 -25.82 -12.52
C PHE A 1 -14.81 -26.57 -11.58
N ASN A 2 -14.31 -26.90 -10.38
CA ASN A 2 -15.01 -27.80 -9.47
C ASN A 2 -15.72 -27.08 -8.33
N LEU A 3 -15.74 -25.75 -8.32
CA LEU A 3 -16.45 -25.04 -7.27
C LEU A 3 -17.95 -25.26 -7.39
N ASP A 4 -18.62 -25.46 -6.25
CA ASP A 4 -20.05 -25.71 -6.21
C ASP A 4 -20.78 -24.37 -6.18
N VAL A 5 -21.41 -24.01 -7.29
CA VAL A 5 -22.17 -22.77 -7.38
C VAL A 5 -23.67 -22.99 -7.19
N ASP A 6 -24.12 -24.24 -7.16
CA ASP A 6 -25.56 -24.50 -7.09
C ASP A 6 -26.12 -24.14 -5.72
N SER A 7 -25.38 -24.41 -4.65
CA SER A 7 -25.84 -24.19 -3.28
C SER A 7 -24.66 -23.75 -2.43
N PRO A 8 -24.19 -22.52 -2.62
CA PRO A 8 -23.11 -21.99 -1.78
C PRO A 8 -23.64 -21.39 -0.49
N ALA A 9 -22.77 -21.37 0.52
CA ALA A 9 -23.12 -20.77 1.80
C ALA A 9 -23.15 -19.25 1.66
N GLU A 10 -24.21 -18.64 2.19
CA GLU A 10 -24.46 -17.21 2.02
C GLU A 10 -24.64 -16.57 3.38
N TYR A 11 -23.89 -15.49 3.61
CA TYR A 11 -23.91 -14.77 4.88
C TYR A 11 -24.26 -13.30 4.62
N SER A 12 -25.06 -12.72 5.52
CA SER A 12 -25.52 -11.35 5.37
C SER A 12 -25.14 -10.54 6.61
N GLY A 13 -25.03 -9.23 6.42
CA GLY A 13 -24.74 -8.31 7.49
C GLY A 13 -25.68 -7.12 7.49
N PRO A 14 -25.53 -6.24 8.47
CA PRO A 14 -26.40 -5.07 8.54
C PRO A 14 -26.35 -4.24 7.26
N GLU A 15 -27.52 -3.76 6.83
CA GLU A 15 -27.61 -2.98 5.61
C GLU A 15 -26.81 -1.70 5.74
N GLY A 16 -25.94 -1.44 4.76
CA GLY A 16 -25.12 -0.25 4.75
C GLY A 16 -23.83 -0.35 5.52
N SER A 17 -23.53 -1.51 6.10
CA SER A 17 -22.31 -1.70 6.88
C SER A 17 -21.14 -2.18 6.04
N TYR A 18 -21.34 -2.39 4.74
CA TYR A 18 -20.29 -2.91 3.87
C TYR A 18 -19.79 -4.27 4.36
N PHE A 19 -20.71 -5.07 4.89
CA PHE A 19 -20.40 -6.44 5.27
C PHE A 19 -19.87 -7.21 4.06
N GLY A 20 -18.63 -7.68 4.16
CA GLY A 20 -17.97 -8.36 3.06
C GLY A 20 -16.86 -7.56 2.41
N PHE A 21 -16.59 -6.35 2.89
CA PHE A 21 -15.49 -5.56 2.34
C PHE A 21 -14.16 -6.28 2.50
N ALA A 22 -14.03 -7.11 3.55
CA ALA A 22 -12.84 -7.92 3.79
C ALA A 22 -13.30 -9.29 4.26
N VAL A 23 -12.62 -10.34 3.79
CA VAL A 23 -12.95 -11.71 4.15
C VAL A 23 -11.68 -12.50 4.39
N ASP A 24 -11.75 -13.43 5.34
CA ASP A 24 -10.65 -14.34 5.60
C ASP A 24 -11.19 -15.59 6.29
N PHE A 25 -10.32 -16.60 6.42
CA PHE A 25 -10.62 -17.82 7.15
C PHE A 25 -10.05 -17.73 8.56
N PHE A 26 -10.66 -18.47 9.48
CA PHE A 26 -10.17 -18.56 10.86
C PHE A 26 -9.95 -20.03 11.20
N VAL A 27 -8.73 -20.35 11.62
CA VAL A 27 -8.36 -21.72 11.96
C VAL A 27 -7.79 -21.75 13.38
N PRO A 28 -8.62 -21.77 14.41
CA PRO A 28 -8.09 -21.86 15.78
C PRO A 28 -7.10 -23.00 15.90
N SER A 29 -6.02 -22.76 16.65
CA SER A 29 -4.90 -23.70 16.73
C SER A 29 -5.17 -24.79 17.78
N ALA A 30 -6.30 -25.48 17.59
CA ALA A 30 -6.58 -26.68 18.36
C ALA A 30 -7.23 -27.75 17.48
N SER A 31 -7.07 -27.66 16.16
CA SER A 31 -7.80 -28.51 15.22
C SER A 31 -9.30 -28.44 15.49
N SER A 32 -9.75 -27.28 15.97
CA SER A 32 -11.14 -27.08 16.36
C SER A 32 -11.98 -26.77 15.13
N ARG A 33 -13.21 -26.31 15.36
CA ARG A 33 -14.06 -25.87 14.27
C ARG A 33 -13.36 -24.74 13.50
N MET A 34 -13.82 -24.52 12.27
CA MET A 34 -13.35 -23.42 11.45
C MET A 34 -14.46 -22.41 11.26
N PHE A 35 -14.07 -21.16 11.06
CA PHE A 35 -15.01 -20.05 10.94
C PHE A 35 -14.62 -19.18 9.75
N LEU A 36 -15.50 -18.24 9.44
CA LEU A 36 -15.23 -17.19 8.46
C LEU A 36 -15.11 -15.86 9.18
N LEU A 37 -14.14 -15.05 8.79
CA LEU A 37 -13.98 -13.70 9.28
C LEU A 37 -14.43 -12.73 8.20
N VAL A 38 -15.35 -11.83 8.55
CA VAL A 38 -15.91 -10.88 7.60
C VAL A 38 -15.86 -9.48 8.22
N GLY A 39 -15.25 -8.55 7.48
CA GLY A 39 -15.18 -7.17 7.92
C GLY A 39 -16.40 -6.37 7.46
N ALA A 40 -16.92 -5.55 8.37
CA ALA A 40 -18.03 -4.65 8.10
C ALA A 40 -17.61 -3.26 8.56
N PRO A 41 -16.81 -2.55 7.75
CA PRO A 41 -16.15 -1.33 8.25
C PRO A 41 -17.08 -0.16 8.50
N LYS A 42 -18.33 -0.22 8.06
CA LYS A 42 -19.30 0.84 8.34
C LYS A 42 -20.34 0.43 9.36
N ALA A 43 -20.18 -0.72 9.99
CA ALA A 43 -21.20 -1.22 10.91
C ALA A 43 -21.19 -0.43 12.22
N ASN A 44 -22.38 -0.16 12.73
CA ASN A 44 -22.50 0.49 14.02
C ASN A 44 -22.19 -0.49 15.14
N THR A 45 -21.61 0.03 16.22
CA THR A 45 -21.17 -0.77 17.34
C THR A 45 -21.76 -0.22 18.62
N THR A 46 -21.56 -0.95 19.72
CA THR A 46 -21.99 -0.53 21.04
C THR A 46 -21.00 0.41 21.71
N GLN A 47 -19.86 0.69 21.07
CA GLN A 47 -18.86 1.58 21.64
C GLN A 47 -19.51 2.92 21.97
N PRO A 48 -19.44 3.39 23.21
CA PRO A 48 -20.15 4.63 23.56
C PRO A 48 -19.73 5.81 22.69
N GLY A 49 -20.73 6.46 22.08
CA GLY A 49 -20.50 7.67 21.32
C GLY A 49 -19.85 7.48 19.97
N ILE A 50 -19.67 6.25 19.52
CA ILE A 50 -18.99 5.97 18.26
C ILE A 50 -20.03 5.61 17.21
N VAL A 51 -19.98 6.29 16.06
CA VAL A 51 -20.87 6.04 14.94
C VAL A 51 -20.07 5.34 13.85
N GLU A 52 -20.60 4.22 13.35
CA GLU A 52 -19.98 3.46 12.28
C GLU A 52 -18.49 3.22 12.56
N GLY A 53 -18.20 2.77 13.78
CA GLY A 53 -16.85 2.37 14.11
C GLY A 53 -16.38 1.14 13.36
N GLY A 54 -17.31 0.36 12.82
CA GLY A 54 -16.98 -0.86 12.13
C GLY A 54 -16.73 -2.02 13.07
N GLN A 55 -16.76 -3.23 12.51
CA GLN A 55 -16.55 -4.41 13.32
C GLN A 55 -16.19 -5.58 12.42
N VAL A 56 -15.63 -6.62 13.03
CA VAL A 56 -15.27 -7.86 12.36
C VAL A 56 -16.12 -8.97 12.95
N LEU A 57 -16.69 -9.81 12.08
CA LEU A 57 -17.61 -10.85 12.51
C LEU A 57 -17.00 -12.23 12.28
N LYS A 58 -17.22 -13.12 13.25
CA LYS A 58 -16.89 -14.53 13.13
C LYS A 58 -18.16 -15.29 12.80
N CYS A 59 -18.12 -16.11 11.76
CA CYS A 59 -19.30 -16.76 11.24
C CYS A 59 -19.13 -18.28 11.27
N ASP A 60 -20.08 -18.97 11.91
CA ASP A 60 -20.07 -20.43 11.90
C ASP A 60 -20.25 -20.95 10.49
N TRP A 61 -19.70 -22.13 10.24
CA TRP A 61 -19.85 -22.81 8.95
C TRP A 61 -20.89 -23.92 9.08
N SER A 62 -22.08 -23.66 8.55
CA SER A 62 -23.09 -24.70 8.34
C SER A 62 -23.68 -25.24 9.64
N SER A 63 -23.17 -24.81 10.78
CA SER A 63 -23.82 -25.14 12.05
C SER A 63 -25.11 -24.35 12.19
N THR A 64 -25.03 -23.03 12.03
CA THR A 64 -26.19 -22.16 11.97
C THR A 64 -26.09 -21.11 10.88
N ARG A 65 -24.93 -20.92 10.27
CA ARG A 65 -24.67 -19.81 9.34
C ARG A 65 -24.84 -18.46 10.03
N ARG A 66 -24.58 -18.41 11.33
CA ARG A 66 -24.73 -17.20 12.12
C ARG A 66 -23.38 -16.49 12.26
N CYS A 67 -23.44 -15.17 12.28
CA CYS A 67 -22.26 -14.33 12.48
C CYS A 67 -22.44 -13.51 13.75
N GLN A 68 -21.36 -13.43 14.53
CA GLN A 68 -21.35 -12.62 15.74
C GLN A 68 -20.11 -11.73 15.74
N PRO A 69 -20.23 -10.47 16.17
CA PRO A 69 -19.05 -9.59 16.17
C PRO A 69 -17.99 -10.07 17.15
N ILE A 70 -16.74 -9.88 16.77
CA ILE A 70 -15.61 -10.13 17.64
C ILE A 70 -15.31 -8.86 18.43
N GLU A 71 -15.25 -9.00 19.76
CA GLU A 71 -15.00 -7.85 20.63
C GLU A 71 -13.50 -7.57 20.65
N PHE A 72 -13.04 -6.77 19.69
CA PHE A 72 -11.67 -6.29 19.73
C PHE A 72 -11.53 -5.14 20.73
N ASP A 73 -12.46 -4.19 20.70
CA ASP A 73 -12.40 -3.01 21.56
C ASP A 73 -13.83 -2.51 21.79
N ALA A 74 -14.26 -2.54 23.04
CA ALA A 74 -15.62 -2.15 23.41
C ALA A 74 -15.71 -0.71 23.89
N THR A 75 -14.60 0.03 23.88
CA THR A 75 -14.55 1.38 24.44
C THR A 75 -14.74 2.42 23.34
N GLY A 76 -15.07 3.63 23.76
CA GLY A 76 -15.20 4.77 22.88
C GLY A 76 -13.87 5.48 22.72
N ASN A 77 -13.95 6.81 22.56
CA ASN A 77 -12.76 7.62 22.38
C ASN A 77 -12.15 7.96 23.73
N ARG A 78 -10.85 7.71 23.86
CA ARG A 78 -10.11 8.19 25.03
C ARG A 78 -10.05 9.71 25.01
N ASP A 79 -9.93 10.29 26.21
CA ASP A 79 -9.85 11.73 26.37
C ASP A 79 -8.42 12.14 26.69
N TYR A 80 -7.91 13.13 25.95
CA TYR A 80 -6.70 13.83 26.40
C TYR A 80 -7.03 14.75 27.56
N ALA A 81 -8.23 15.34 27.55
CA ALA A 81 -8.72 16.18 28.63
C ALA A 81 -10.23 16.23 28.51
N LYS A 82 -10.88 16.88 29.47
CA LYS A 82 -12.33 16.99 29.44
C LYS A 82 -12.77 17.69 28.17
N ASP A 83 -13.67 17.05 27.42
CA ASP A 83 -14.16 17.57 26.15
C ASP A 83 -13.03 17.75 25.13
N ASP A 84 -11.94 17.01 25.31
CA ASP A 84 -10.78 17.07 24.41
C ASP A 84 -10.37 15.64 24.10
N PRO A 85 -10.98 15.01 23.10
CA PRO A 85 -10.71 13.59 22.85
C PRO A 85 -9.29 13.37 22.34
N LEU A 86 -8.73 12.22 22.75
CA LEU A 86 -7.42 11.82 22.27
C LEU A 86 -7.49 11.16 20.90
N GLU A 87 -8.60 10.50 20.59
CA GLU A 87 -8.76 9.74 19.36
C GLU A 87 -10.18 9.89 18.85
N PHE A 88 -10.39 9.48 17.60
CA PHE A 88 -11.69 9.58 16.93
C PHE A 88 -11.97 8.26 16.24
N LYS A 89 -12.84 7.44 16.83
CA LYS A 89 -13.13 6.12 16.32
C LYS A 89 -14.34 6.08 15.38
N SER A 90 -15.16 7.12 15.37
CA SER A 90 -16.32 7.13 14.49
C SER A 90 -15.88 7.12 13.03
N HIS A 91 -16.49 6.24 12.24
CA HIS A 91 -16.16 6.10 10.82
C HIS A 91 -14.70 5.74 10.60
N GLN A 92 -14.09 5.07 11.59
CA GLN A 92 -12.70 4.66 11.47
C GLN A 92 -12.50 3.51 10.50
N TRP A 93 -13.58 2.89 10.02
CA TRP A 93 -13.51 1.80 9.06
C TRP A 93 -12.78 0.59 9.65
N PHE A 94 -13.03 0.30 10.93
CA PHE A 94 -12.44 -0.89 11.53
C PHE A 94 -12.97 -2.13 10.84
N GLY A 95 -12.07 -3.02 10.45
CA GLY A 95 -12.41 -4.19 9.68
C GLY A 95 -12.22 -4.03 8.19
N ALA A 96 -11.74 -2.88 7.73
CA ALA A 96 -11.43 -2.73 6.31
C ALA A 96 -10.36 -3.72 5.86
N SER A 97 -9.58 -4.25 6.79
CA SER A 97 -8.58 -5.27 6.49
C SER A 97 -8.56 -6.25 7.65
N VAL A 98 -8.60 -7.54 7.33
CA VAL A 98 -8.62 -8.59 8.34
C VAL A 98 -7.73 -9.72 7.85
N ARG A 99 -6.87 -10.23 8.74
CA ARG A 99 -5.95 -11.30 8.42
CA ARG A 99 -5.98 -11.33 8.41
C ARG A 99 -5.85 -12.24 9.62
N SER A 100 -5.79 -13.54 9.34
CA SER A 100 -5.82 -14.54 10.40
C SER A 100 -4.72 -15.56 10.15
N LYS A 101 -3.76 -15.59 11.06
CA LYS A 101 -2.84 -16.70 11.22
C LYS A 101 -3.21 -17.39 12.53
N GLN A 102 -2.72 -18.62 12.69
CA GLN A 102 -3.49 -19.69 13.32
C GLN A 102 -4.46 -19.27 14.44
N ASP A 103 -3.97 -18.78 15.58
CA ASP A 103 -4.88 -18.23 16.58
C ASP A 103 -5.04 -16.73 16.42
N LYS A 104 -4.00 -16.08 15.93
CA LYS A 104 -3.97 -14.63 15.84
C LYS A 104 -4.97 -14.12 14.81
N ILE A 105 -5.60 -12.99 15.13
CA ILE A 105 -6.49 -12.28 14.21
C ILE A 105 -6.07 -10.82 14.21
N LEU A 106 -5.83 -10.27 13.03
CA LEU A 106 -5.40 -8.88 12.88
C LEU A 106 -6.44 -8.14 12.06
N ALA A 107 -7.04 -7.11 12.67
CA ALA A 107 -7.99 -6.23 12.00
C ALA A 107 -7.56 -4.79 12.23
N CYS A 108 -7.81 -3.94 11.24
CA CYS A 108 -7.30 -2.57 11.25
C CYS A 108 -8.40 -1.58 10.89
N ALA A 109 -8.19 -0.34 11.34
CA ALA A 109 -9.08 0.79 11.07
C ALA A 109 -8.25 1.86 10.35
N PRO A 110 -8.21 1.84 9.02
CA PRO A 110 -7.32 2.78 8.30
C PRO A 110 -7.74 4.23 8.36
N LEU A 111 -8.93 4.54 8.89
CA LEU A 111 -9.40 5.91 9.01
C LEU A 111 -9.61 6.29 10.48
N TYR A 112 -8.85 5.66 11.37
CA TYR A 112 -8.79 6.08 12.76
C TYR A 112 -7.89 7.31 12.86
N HIS A 113 -8.44 8.41 13.38
CA HIS A 113 -7.69 9.64 13.57
C HIS A 113 -7.35 9.80 15.05
N TRP A 114 -6.21 10.45 15.31
CA TRP A 114 -5.75 10.65 16.67
C TRP A 114 -5.29 12.09 16.84
N ARG A 115 -5.49 12.62 18.04
CA ARG A 115 -5.35 14.05 18.23
C ARG A 115 -3.88 14.46 18.19
N THR A 116 -3.20 14.28 19.31
CA THR A 116 -1.76 14.13 19.45
C THR A 116 -1.63 14.56 20.91
N GLU A 117 -0.44 14.63 21.47
CA GLU A 117 -0.36 15.26 22.80
C GLU A 117 0.00 16.75 22.75
N MET A 118 0.65 17.22 21.69
CA MET A 118 1.07 18.62 21.68
C MET A 118 -0.05 19.57 21.31
N LYS A 119 -0.86 19.24 20.29
CA LYS A 119 -1.88 20.15 19.80
C LYS A 119 -3.13 19.39 19.40
N GLN A 120 -4.24 20.12 19.32
CA GLN A 120 -5.51 19.56 18.87
C GLN A 120 -5.45 19.35 17.37
N GLU A 121 -5.33 18.10 16.96
CA GLU A 121 -5.30 17.74 15.55
C GLU A 121 -6.25 16.56 15.33
N ARG A 122 -6.41 16.17 14.07
CA ARG A 122 -7.17 14.97 13.71
C ARG A 122 -6.38 14.31 12.57
N GLU A 123 -5.44 13.44 12.94
CA GLU A 123 -4.49 12.89 11.98
C GLU A 123 -4.77 11.41 11.76
N PRO A 124 -5.09 10.98 10.54
CA PRO A 124 -5.44 9.56 10.30
C PRO A 124 -4.21 8.66 10.27
N VAL A 125 -3.62 8.43 11.45
CA VAL A 125 -2.50 7.50 11.53
C VAL A 125 -2.95 6.06 11.37
N GLY A 126 -4.23 5.78 11.55
CA GLY A 126 -4.73 4.41 11.49
C GLY A 126 -4.33 3.61 12.71
N THR A 127 -5.09 2.56 13.01
CA THR A 127 -4.76 1.69 14.14
C THR A 127 -5.21 0.28 13.80
N CYS A 128 -4.65 -0.68 14.53
CA CYS A 128 -5.00 -2.08 14.37
C CYS A 128 -5.19 -2.70 15.74
N PHE A 129 -5.87 -3.85 15.76
CA PHE A 129 -6.03 -4.65 16.96
C PHE A 129 -5.63 -6.09 16.65
N LEU A 130 -4.83 -6.68 17.52
CA LEU A 130 -4.34 -8.04 17.37
C LEU A 130 -4.86 -8.86 18.54
N GLN A 131 -5.65 -9.89 18.24
CA GLN A 131 -6.22 -10.78 19.24
C GLN A 131 -5.64 -12.18 19.02
N ASP A 132 -4.95 -12.69 20.03
CA ASP A 132 -4.40 -14.05 19.94
C ASP A 132 -5.34 -15.05 20.60
N GLY A 133 -5.53 -14.92 21.91
CA GLY A 133 -6.51 -15.70 22.65
C GLY A 133 -7.45 -14.78 23.39
N THR A 134 -7.38 -14.82 24.72
CA THR A 134 -7.95 -13.74 25.51
C THR A 134 -7.18 -12.44 25.30
N LYS A 135 -5.89 -12.55 24.96
CA LYS A 135 -5.04 -11.38 24.79
C LYS A 135 -5.45 -10.59 23.56
N THR A 136 -5.68 -9.30 23.73
CA THR A 136 -5.91 -8.37 22.63
C THR A 136 -5.10 -7.11 22.90
N VAL A 137 -4.35 -6.66 21.88
CA VAL A 137 -3.50 -5.49 22.02
C VAL A 137 -3.71 -4.59 20.81
N GLU A 138 -3.53 -3.29 21.03
CA GLU A 138 -3.58 -2.32 19.95
C GLU A 138 -2.22 -2.22 19.28
N TYR A 139 -2.23 -2.10 17.96
CA TYR A 139 -1.01 -2.03 17.15
C TYR A 139 -1.17 -0.87 16.17
N ALA A 140 -0.64 0.30 16.53
CA ALA A 140 -0.69 1.50 15.71
C ALA A 140 0.76 1.92 15.44
N PRO A 141 1.46 1.22 14.55
CA PRO A 141 2.88 1.57 14.31
C PRO A 141 3.08 2.96 13.75
N CYS A 142 2.08 3.52 13.09
CA CYS A 142 2.18 4.86 12.52
C CYS A 142 1.74 5.95 13.49
N ARG A 143 1.22 5.58 14.67
CA ARG A 143 0.91 6.55 15.72
C ARG A 143 2.19 6.86 16.49
N SER A 144 3.12 7.50 15.80
CA SER A 144 4.41 7.87 16.34
C SER A 144 4.40 9.36 16.69
N GLN A 145 5.57 9.89 17.03
CA GLN A 145 5.75 11.32 17.23
C GLN A 145 6.13 12.03 15.93
N ASP A 146 6.12 11.31 14.81
CA ASP A 146 6.40 11.88 13.49
C ASP A 146 5.08 12.38 12.90
N ILE A 147 4.69 13.59 13.32
CA ILE A 147 3.38 14.15 13.07
C ILE A 147 3.40 14.97 11.78
N ASP A 148 2.68 14.53 10.75
CA ASP A 148 1.93 15.44 9.89
C ASP A 148 1.90 14.71 8.54
N ALA A 149 1.47 15.37 7.47
CA ALA A 149 1.76 14.81 6.15
C ALA A 149 3.24 14.49 5.99
N ASP A 150 4.12 15.43 6.38
CA ASP A 150 5.55 15.19 6.19
C ASP A 150 6.03 13.98 7.00
N GLY A 151 5.46 13.76 8.18
CA GLY A 151 5.73 12.55 8.93
C GLY A 151 4.76 11.43 8.59
N GLN A 152 4.36 10.64 9.59
CA GLN A 152 3.40 9.57 9.39
C GLN A 152 2.01 9.93 9.92
N GLY A 153 1.73 11.23 10.10
CA GLY A 153 0.45 11.63 10.66
C GLY A 153 -0.74 11.18 9.83
N PHE A 154 -0.56 11.09 8.52
CA PHE A 154 -1.62 10.68 7.60
C PHE A 154 -1.34 9.31 7.00
N CYS A 155 -0.61 8.48 7.74
CA CYS A 155 -0.12 7.21 7.22
C CYS A 155 -1.26 6.25 6.91
N GLN A 156 -2.32 6.26 7.72
CA GLN A 156 -3.42 5.29 7.59
C GLN A 156 -2.89 3.86 7.70
N GLY A 157 -2.13 3.61 8.76
CA GLY A 157 -1.53 2.29 8.92
C GLY A 157 -2.59 1.23 9.10
N GLY A 158 -2.39 0.09 8.43
CA GLY A 158 -3.37 -0.97 8.38
C GLY A 158 -4.18 -1.00 7.11
N PHE A 159 -3.97 -0.02 6.22
CA PHE A 159 -4.67 -0.02 4.93
C PHE A 159 -4.57 -1.37 4.25
N SER A 160 -3.43 -2.05 4.39
CA SER A 160 -3.26 -3.40 3.91
C SER A 160 -2.34 -4.13 4.88
N ILE A 161 -2.60 -5.41 5.10
CA ILE A 161 -1.85 -6.21 6.06
C ILE A 161 -1.70 -7.64 5.54
N ASP A 162 -0.72 -8.34 6.11
CA ASP A 162 -0.53 -9.76 5.85
C ASP A 162 0.34 -10.33 6.96
N PHE A 163 0.36 -11.67 7.04
CA PHE A 163 1.20 -12.40 7.97
C PHE A 163 2.29 -13.13 7.20
N THR A 164 3.51 -13.09 7.72
CA THR A 164 4.57 -13.92 7.16
C THR A 164 4.52 -15.30 7.79
N LYS A 165 5.20 -16.26 7.16
CA LYS A 165 5.19 -17.62 7.68
C LYS A 165 5.89 -17.73 9.02
N ALA A 166 6.73 -16.75 9.38
CA ALA A 166 7.49 -16.76 10.62
C ALA A 166 6.90 -15.83 11.67
N ASP A 167 5.58 -15.64 11.66
CA ASP A 167 4.88 -14.84 12.67
C ASP A 167 5.42 -13.42 12.71
N ARG A 168 5.60 -12.82 11.54
CA ARG A 168 5.81 -11.39 11.40
C ARG A 168 4.60 -10.78 10.72
N VAL A 169 4.28 -9.54 11.10
CA VAL A 169 3.16 -8.81 10.53
C VAL A 169 3.72 -7.88 9.46
N LEU A 170 3.14 -7.94 8.27
CA LEU A 170 3.44 -6.99 7.20
C LEU A 170 2.28 -6.02 7.08
N LEU A 171 2.55 -4.74 7.28
CA LEU A 171 1.53 -3.71 7.27
C LEU A 171 1.96 -2.56 6.37
N GLY A 172 0.99 -1.97 5.70
CA GLY A 172 1.25 -0.88 4.77
C GLY A 172 0.34 0.30 5.01
N GLY A 173 0.92 1.49 4.95
CA GLY A 173 0.16 2.72 5.05
C GLY A 173 0.50 3.66 3.91
N PRO A 174 -0.45 3.94 3.02
CA PRO A 174 -0.14 4.68 1.80
C PRO A 174 0.06 6.17 1.99
N GLY A 175 -0.07 6.69 3.22
CA GLY A 175 -0.06 8.12 3.41
C GLY A 175 1.21 8.70 4.02
N SER A 176 2.12 7.84 4.45
CA SER A 176 3.32 8.32 5.12
C SER A 176 4.18 9.16 4.18
N PHE A 177 4.75 10.23 4.73
CA PHE A 177 5.75 11.06 4.04
C PHE A 177 5.16 11.65 2.76
N TYR A 178 4.14 12.49 2.93
CA TYR A 178 3.43 13.11 1.81
C TYR A 178 3.00 12.05 0.80
N TRP A 179 2.37 11.01 1.31
CA TRP A 179 1.77 9.94 0.51
C TRP A 179 2.80 9.22 -0.36
N GLN A 180 4.07 9.25 0.05
CA GLN A 180 5.03 8.29 -0.50
C GLN A 180 4.61 6.87 -0.16
N GLY A 181 3.95 6.68 0.98
CA GLY A 181 3.60 5.36 1.47
C GLY A 181 4.74 4.76 2.27
N GLN A 182 4.41 3.68 2.98
CA GLN A 182 5.37 3.08 3.89
C GLN A 182 4.97 1.63 4.13
N LEU A 183 6.00 0.78 4.30
CA LEU A 183 5.82 -0.58 4.77
C LEU A 183 6.45 -0.70 6.15
N ILE A 184 5.76 -1.37 7.07
CA ILE A 184 6.27 -1.61 8.41
C ILE A 184 6.04 -3.08 8.75
N SER A 185 7.07 -3.72 9.30
CA SER A 185 6.98 -5.12 9.71
C SER A 185 7.42 -5.25 11.16
N ASP A 186 6.57 -5.88 11.97
CA ASP A 186 6.85 -6.08 13.39
C ASP A 186 6.59 -7.52 13.77
N GLN A 187 7.39 -8.02 14.72
CA GLN A 187 7.20 -9.36 15.23
C GLN A 187 5.99 -9.38 16.16
N VAL A 188 5.08 -10.34 15.95
CA VAL A 188 3.90 -10.43 16.80
C VAL A 188 4.31 -10.53 18.26
N ALA A 189 5.44 -11.18 18.54
CA ALA A 189 5.93 -11.25 19.91
C ALA A 189 6.20 -9.86 20.47
N GLU A 190 6.84 -8.99 19.67
CA GLU A 190 7.04 -7.61 20.10
C GLU A 190 5.71 -6.89 20.27
N ILE A 191 4.81 -7.05 19.29
CA ILE A 191 3.55 -6.29 19.30
C ILE A 191 2.79 -6.54 20.59
N VAL A 192 2.83 -7.76 21.11
CA VAL A 192 2.07 -8.10 22.31
C VAL A 192 2.88 -7.83 23.58
N SER A 193 4.16 -8.16 23.57
CA SER A 193 4.96 -8.01 24.79
C SER A 193 5.20 -6.55 25.12
N LYS A 194 5.45 -5.72 24.10
CA LYS A 194 5.73 -4.31 24.32
C LYS A 194 4.48 -3.47 24.49
N TYR A 195 3.29 -4.06 24.41
CA TYR A 195 2.07 -3.27 24.52
C TYR A 195 1.93 -2.68 25.92
N ASP A 196 1.66 -1.39 25.97
CA ASP A 196 1.36 -0.68 27.21
C ASP A 196 0.28 0.35 26.89
N PRO A 197 -0.93 0.21 27.45
CA PRO A 197 -1.99 1.18 27.10
C PRO A 197 -1.67 2.60 27.51
N ASN A 198 -0.74 2.80 28.45
CA ASN A 198 -0.35 4.14 28.86
C ASN A 198 0.59 4.81 27.86
N VAL A 199 1.12 4.07 26.89
CA VAL A 199 2.06 4.58 25.92
C VAL A 199 1.41 4.52 24.54
N TYR A 200 1.29 5.69 23.90
CA TYR A 200 0.62 5.79 22.61
C TYR A 200 1.54 5.49 21.43
N SER A 201 2.84 5.70 21.60
CA SER A 201 3.85 5.42 20.57
C SER A 201 4.81 4.40 21.17
N ILE A 202 4.61 3.13 20.81
CA ILE A 202 5.33 2.03 21.43
C ILE A 202 6.62 1.78 20.68
N LYS A 203 7.73 1.68 21.41
CA LYS A 203 9.05 1.45 20.84
C LYS A 203 9.24 -0.06 20.65
N TYR A 204 8.82 -0.56 19.49
CA TYR A 204 9.04 -1.95 19.14
C TYR A 204 10.48 -2.14 18.68
N ASN A 205 11.15 -3.14 19.26
CA ASN A 205 12.48 -3.50 18.80
C ASN A 205 12.37 -4.38 17.55
N ASN A 206 13.47 -4.44 16.80
CA ASN A 206 13.55 -5.26 15.60
C ASN A 206 12.48 -4.87 14.57
N GLN A 207 12.01 -3.63 14.62
CA GLN A 207 11.04 -3.16 13.65
C GLN A 207 11.73 -2.89 12.31
N LEU A 208 11.05 -3.26 11.23
CA LEU A 208 11.51 -2.98 9.87
C LEU A 208 10.54 -2.00 9.23
N ALA A 209 11.08 -0.95 8.62
CA ALA A 209 10.24 0.07 8.01
C ALA A 209 10.99 0.76 6.88
N THR A 210 10.28 1.03 5.80
CA THR A 210 10.82 1.86 4.73
C THR A 210 11.03 3.28 5.27
N ARG A 211 11.96 3.99 4.63
CA ARG A 211 12.39 5.30 5.10
C ARG A 211 11.89 6.39 4.17
N THR A 212 11.82 7.61 4.71
CA THR A 212 11.45 8.76 3.90
C THR A 212 12.47 8.96 2.78
N ALA A 213 11.99 9.30 1.59
CA ALA A 213 12.82 9.48 0.41
C ALA A 213 12.61 10.87 -0.17
N GLN A 214 13.25 11.12 -1.31
CA GLN A 214 13.15 12.42 -1.94
C GLN A 214 11.71 12.74 -2.30
N ALA A 215 11.42 14.05 -2.41
CA ALA A 215 10.06 14.48 -2.66
C ALA A 215 9.53 14.02 -4.01
N ILE A 216 10.42 13.65 -4.94
CA ILE A 216 9.97 13.17 -6.24
C ILE A 216 9.08 11.95 -6.11
N PHE A 217 9.22 11.20 -5.02
CA PHE A 217 8.43 9.99 -4.80
C PHE A 217 7.12 10.25 -4.07
N ASP A 218 6.78 11.51 -3.82
CA ASP A 218 5.53 11.82 -3.14
C ASP A 218 4.33 11.27 -3.90
N ASP A 219 3.25 11.01 -3.17
CA ASP A 219 1.97 10.63 -3.76
C ASP A 219 2.10 9.36 -4.59
N SER A 220 2.87 8.40 -4.07
CA SER A 220 3.04 7.11 -4.74
C SER A 220 2.16 6.01 -4.17
N TYR A 221 1.77 6.11 -2.90
CA TYR A 221 0.88 5.16 -2.25
C TYR A 221 1.55 3.79 -2.06
N LEU A 222 2.81 3.78 -1.63
CA LEU A 222 3.42 2.53 -1.19
C LEU A 222 2.62 1.95 -0.04
N GLY A 223 2.39 0.64 -0.08
CA GLY A 223 1.56 0.00 0.91
C GLY A 223 0.08 0.01 0.60
N TYR A 224 -0.31 0.50 -0.58
CA TYR A 224 -1.70 0.39 -1.01
C TYR A 224 -2.17 -1.06 -0.96
N SER A 225 -1.26 -1.99 -1.28
CA SER A 225 -1.54 -3.42 -1.23
C SER A 225 -0.25 -4.13 -0.88
N VAL A 226 -0.37 -5.28 -0.22
CA VAL A 226 0.80 -6.03 0.22
C VAL A 226 0.55 -7.53 0.05
N ALA A 227 1.63 -8.25 -0.21
CA ALA A 227 1.63 -9.71 -0.22
C ALA A 227 3.01 -10.17 0.26
N VAL A 228 3.12 -11.45 0.56
CA VAL A 228 4.35 -12.00 1.11
C VAL A 228 4.74 -13.25 0.35
N GLY A 229 6.06 -13.47 0.26
CA GLY A 229 6.62 -14.62 -0.43
C GLY A 229 8.13 -14.49 -0.48
N ASP A 230 8.83 -15.62 -0.57
CA ASP A 230 10.29 -15.61 -0.60
C ASP A 230 10.76 -15.41 -2.04
N PHE A 231 11.70 -14.47 -2.22
CA PHE A 231 12.21 -14.15 -3.55
C PHE A 231 13.73 -14.05 -3.62
N ASN A 232 14.44 -14.34 -2.53
CA ASN A 232 15.88 -14.54 -2.57
C ASN A 232 16.27 -15.90 -2.00
N GLY A 233 15.31 -16.82 -1.90
CA GLY A 233 15.60 -18.21 -1.61
C GLY A 233 16.23 -18.47 -0.26
N ASP A 234 16.06 -17.58 0.72
CA ASP A 234 16.59 -17.79 2.06
C ASP A 234 15.53 -18.25 3.05
N GLY A 235 14.36 -18.67 2.56
CA GLY A 235 13.30 -19.15 3.43
C GLY A 235 12.56 -18.08 4.20
N ILE A 236 13.04 -16.84 4.18
CA ILE A 236 12.38 -15.74 4.89
C ILE A 236 11.42 -15.06 3.92
N ASP A 237 10.14 -15.02 4.28
CA ASP A 237 9.16 -14.35 3.45
C ASP A 237 9.55 -12.90 3.24
N ASP A 238 9.43 -12.44 1.99
CA ASP A 238 9.77 -11.09 1.60
C ASP A 238 8.51 -10.30 1.29
N PHE A 239 8.65 -8.97 1.27
CA PHE A 239 7.51 -8.06 1.25
C PHE A 239 7.25 -7.56 -0.17
N VAL A 240 6.09 -7.90 -0.71
CA VAL A 240 5.61 -7.37 -1.98
C VAL A 240 4.58 -6.29 -1.68
N SER A 241 4.62 -5.19 -2.41
CA SER A 241 3.67 -4.10 -2.16
C SER A 241 3.41 -3.31 -3.43
N GLY A 242 2.14 -3.01 -3.67
CA GLY A 242 1.77 -2.19 -4.81
C GLY A 242 1.95 -0.72 -4.53
N VAL A 243 2.39 0.00 -5.57
CA VAL A 243 2.63 1.44 -5.49
C VAL A 243 1.95 2.07 -6.70
N PRO A 244 0.61 2.25 -6.66
CA PRO A 244 -0.13 2.46 -7.92
C PRO A 244 0.02 3.83 -8.55
N ARG A 245 0.51 4.85 -7.83
CA ARG A 245 0.70 6.17 -8.41
C ARG A 245 2.15 6.46 -8.78
N ALA A 246 3.07 5.55 -8.48
CA ALA A 246 4.47 5.77 -8.78
C ALA A 246 4.71 5.82 -10.28
N ALA A 247 5.92 6.25 -10.65
CA ALA A 247 6.32 6.35 -12.05
C ALA A 247 5.33 7.20 -12.84
N ARG A 248 4.92 8.31 -12.25
CA ARG A 248 3.95 9.23 -12.84
C ARG A 248 2.72 8.47 -13.33
N THR A 249 2.11 7.71 -12.42
CA THR A 249 0.84 7.01 -12.58
C THR A 249 0.95 5.76 -13.44
N LEU A 250 2.14 5.39 -13.91
CA LEU A 250 2.29 4.07 -14.54
C LEU A 250 2.09 2.97 -13.50
N GLY A 251 2.37 3.26 -12.24
CA GLY A 251 2.29 2.26 -11.20
C GLY A 251 3.55 1.42 -11.09
N MET A 252 3.83 0.98 -9.87
CA MET A 252 4.96 0.10 -9.62
C MET A 252 4.59 -0.88 -8.52
N VAL A 253 5.38 -1.94 -8.42
CA VAL A 253 5.29 -2.90 -7.34
C VAL A 253 6.69 -3.11 -6.79
N TYR A 254 6.89 -2.76 -5.53
CA TYR A 254 8.19 -2.90 -4.87
C TYR A 254 8.24 -4.24 -4.15
N ILE A 255 9.42 -4.86 -4.17
CA ILE A 255 9.70 -6.05 -3.35
C ILE A 255 10.89 -5.70 -2.46
N TYR A 256 10.69 -5.82 -1.14
CA TYR A 256 11.73 -5.58 -0.16
C TYR A 256 12.11 -6.89 0.52
N ASP A 257 13.36 -6.98 0.95
CA ASP A 257 13.83 -8.16 1.66
C ASP A 257 13.14 -8.24 3.02
N GLY A 258 12.57 -9.40 3.33
CA GLY A 258 11.84 -9.60 4.56
C GLY A 258 12.69 -9.66 5.81
N LYS A 259 14.00 -9.48 5.70
CA LYS A 259 14.91 -9.51 6.83
C LYS A 259 15.43 -8.13 7.22
N ASN A 260 15.68 -7.25 6.24
CA ASN A 260 16.23 -5.92 6.52
C ASN A 260 15.53 -4.81 5.74
N MET A 261 14.45 -5.10 5.02
CA MET A 261 13.71 -4.12 4.24
C MET A 261 14.58 -3.48 3.16
N SER A 262 15.65 -4.16 2.75
CA SER A 262 16.42 -3.72 1.60
C SER A 262 15.65 -4.02 0.31
N SER A 263 15.82 -3.14 -0.68
CA SER A 263 15.08 -3.27 -1.93
C SER A 263 15.66 -4.39 -2.78
N LEU A 264 14.78 -5.27 -3.26
CA LEU A 264 15.18 -6.46 -4.01
C LEU A 264 14.80 -6.40 -5.48
N TYR A 265 13.53 -6.16 -5.79
N TYR A 265 13.52 -6.17 -5.78
CA TYR A 265 13.09 -6.14 -7.18
CA TYR A 265 13.03 -6.18 -7.16
C TYR A 265 11.96 -5.13 -7.35
C TYR A 265 12.00 -5.07 -7.33
N ASN A 266 11.80 -4.69 -8.59
CA ASN A 266 10.82 -3.65 -8.94
C ASN A 266 10.03 -4.10 -10.16
N PHE A 267 8.73 -3.82 -10.16
CA PHE A 267 7.89 -3.95 -11.33
C PHE A 267 7.32 -2.57 -11.68
N THR A 268 7.04 -2.35 -12.96
CA THR A 268 6.51 -1.08 -13.42
C THR A 268 5.41 -1.32 -14.44
N GLY A 269 4.34 -0.53 -14.33
CA GLY A 269 3.23 -0.64 -15.25
C GLY A 269 3.57 -0.13 -16.64
N GLU A 270 2.67 -0.41 -17.57
CA GLU A 270 2.86 -0.08 -18.98
C GLU A 270 1.95 1.03 -19.47
N GLN A 271 0.93 1.40 -18.72
CA GLN A 271 -0.07 2.37 -19.18
C GLN A 271 -0.38 3.36 -18.07
N MET A 272 -0.50 4.63 -18.45
CA MET A 272 -0.81 5.67 -17.49
C MET A 272 -2.15 5.42 -16.81
N ALA A 273 -2.17 5.55 -15.48
CA ALA A 273 -3.40 5.54 -14.71
C ALA A 273 -4.17 4.23 -14.84
N ALA A 274 -3.48 3.13 -15.13
CA ALA A 274 -4.10 1.82 -15.09
C ALA A 274 -4.26 1.29 -13.67
N TYR A 275 -3.82 2.05 -12.67
CA TYR A 275 -3.80 1.60 -11.28
C TYR A 275 -3.07 0.27 -11.15
N PHE A 276 -1.93 0.17 -11.84
CA PHE A 276 -1.03 -0.96 -11.70
C PHE A 276 -0.53 -1.05 -10.26
N GLY A 277 -0.91 -2.13 -9.57
CA GLY A 277 -0.57 -2.31 -8.17
C GLY A 277 -1.75 -2.16 -7.23
N PHE A 278 -2.96 -1.94 -7.75
CA PHE A 278 -4.14 -1.90 -6.88
C PHE A 278 -4.23 -3.15 -6.03
N SER A 279 -3.77 -4.28 -6.56
CA SER A 279 -3.78 -5.55 -5.83
C SER A 279 -2.54 -6.35 -6.23
N VAL A 280 -2.03 -7.13 -5.28
CA VAL A 280 -0.88 -8.00 -5.51
C VAL A 280 -1.10 -9.31 -4.76
N ALA A 281 -0.52 -10.37 -5.29
CA ALA A 281 -0.60 -11.69 -4.65
C ALA A 281 0.68 -12.45 -4.96
N ALA A 282 1.02 -13.39 -4.08
CA ALA A 282 2.21 -14.22 -4.22
C ALA A 282 1.83 -15.67 -3.96
N THR A 283 2.06 -16.52 -4.95
CA THR A 283 1.80 -17.95 -4.81
C THR A 283 2.49 -18.68 -5.95
N ASP A 284 3.01 -19.87 -5.67
CA ASP A 284 3.68 -20.69 -6.69
C ASP A 284 2.62 -21.33 -7.56
N ILE A 285 2.49 -20.85 -8.80
CA ILE A 285 1.42 -21.31 -9.67
C ILE A 285 1.81 -22.47 -10.56
N ASN A 286 3.10 -22.76 -10.71
CA ASN A 286 3.58 -23.77 -11.64
C ASN A 286 4.34 -24.90 -10.96
N GLY A 287 4.33 -24.98 -9.64
CA GLY A 287 4.82 -26.15 -8.94
C GLY A 287 6.33 -26.27 -8.84
N ASP A 288 7.07 -25.19 -8.98
CA ASP A 288 8.52 -25.22 -8.84
C ASP A 288 8.98 -24.70 -7.48
N ASP A 289 8.08 -24.54 -6.53
CA ASP A 289 8.36 -24.08 -5.17
C ASP A 289 8.94 -22.66 -5.14
N TYR A 290 8.92 -21.95 -6.26
CA TYR A 290 9.31 -20.55 -6.31
C TYR A 290 8.05 -19.69 -6.40
N ALA A 291 7.86 -18.82 -5.42
CA ALA A 291 6.68 -17.97 -5.39
C ALA A 291 6.61 -17.09 -6.63
N ASP A 292 5.41 -16.95 -7.18
CA ASP A 292 5.16 -16.16 -8.37
C ASP A 292 4.31 -14.96 -8.02
N VAL A 293 4.57 -13.85 -8.72
CA VAL A 293 3.96 -12.56 -8.41
C VAL A 293 2.81 -12.29 -9.36
N PHE A 294 1.68 -11.87 -8.82
CA PHE A 294 0.52 -11.45 -9.59
C PHE A 294 0.22 -10.00 -9.25
N ILE A 295 -0.01 -9.18 -10.27
CA ILE A 295 -0.23 -7.74 -10.11
C ILE A 295 -1.46 -7.35 -10.91
N GLY A 296 -2.36 -6.60 -10.27
CA GLY A 296 -3.60 -6.18 -10.91
C GLY A 296 -3.56 -4.72 -11.32
N ALA A 297 -4.06 -4.44 -12.52
CA ALA A 297 -4.20 -3.09 -13.05
C ALA A 297 -5.63 -2.95 -13.57
N PRO A 298 -6.60 -2.75 -12.67
CA PRO A 298 -8.01 -2.89 -13.08
C PRO A 298 -8.49 -1.83 -14.05
N LEU A 299 -7.70 -0.78 -14.31
CA LEU A 299 -8.10 0.28 -15.23
C LEU A 299 -7.32 0.24 -16.54
N PHE A 300 -6.53 -0.81 -16.76
CA PHE A 300 -5.78 -0.93 -18.01
C PHE A 300 -6.73 -1.00 -19.19
N MET A 301 -6.42 -0.24 -20.23
CA MET A 301 -7.26 -0.13 -21.41
C MET A 301 -6.64 -0.95 -22.55
N ASP A 302 -7.43 -1.86 -23.10
CA ASP A 302 -7.02 -2.67 -24.24
C ASP A 302 -7.46 -2.00 -25.54
N ARG A 303 -6.86 -2.43 -26.64
CA ARG A 303 -7.24 -1.97 -27.97
C ARG A 303 -8.12 -3.03 -28.62
N GLY A 304 -9.20 -2.58 -29.27
CA GLY A 304 -10.15 -3.48 -29.86
C GLY A 304 -9.99 -3.62 -31.37
N SER A 305 -10.76 -4.56 -31.93
CA SER A 305 -10.72 -4.79 -33.37
C SER A 305 -10.95 -3.49 -34.15
N ASP A 306 -11.87 -2.65 -33.65
CA ASP A 306 -12.10 -1.34 -34.26
C ASP A 306 -11.01 -0.34 -33.95
N GLY A 307 -10.02 -0.71 -33.14
CA GLY A 307 -8.97 0.21 -32.76
C GLY A 307 -9.32 1.14 -31.64
N LYS A 308 -10.43 0.90 -30.94
CA LYS A 308 -10.85 1.76 -29.84
C LYS A 308 -10.29 1.26 -28.52
N LEU A 309 -9.83 2.19 -27.69
CA LEU A 309 -9.45 1.84 -26.33
C LEU A 309 -10.69 1.45 -25.53
N GLN A 310 -10.58 0.38 -24.76
CA GLN A 310 -11.66 -0.09 -23.90
C GLN A 310 -11.06 -0.51 -22.57
N GLU A 311 -11.54 0.12 -21.49
CA GLU A 311 -11.07 -0.21 -20.15
C GLU A 311 -11.60 -1.57 -19.76
N VAL A 312 -10.69 -2.54 -19.59
CA VAL A 312 -11.06 -3.89 -19.23
C VAL A 312 -10.24 -4.45 -18.06
N GLY A 313 -9.13 -3.82 -17.70
CA GLY A 313 -8.28 -4.35 -16.65
C GLY A 313 -7.26 -5.35 -17.18
N GLN A 314 -6.21 -5.56 -16.40
CA GLN A 314 -5.14 -6.44 -16.81
C GLN A 314 -4.41 -6.94 -15.57
N VAL A 315 -4.05 -8.22 -15.58
CA VAL A 315 -3.28 -8.84 -14.52
C VAL A 315 -1.97 -9.34 -15.13
N SER A 316 -0.87 -9.06 -14.46
CA SER A 316 0.44 -9.55 -14.87
C SER A 316 0.83 -10.74 -14.01
N VAL A 317 1.41 -11.76 -14.63
CA VAL A 317 1.82 -12.99 -13.96
C VAL A 317 3.32 -13.14 -14.17
N SER A 318 4.08 -13.04 -13.08
CA SER A 318 5.55 -13.06 -13.14
C SER A 318 6.06 -14.30 -12.42
N LEU A 319 6.48 -15.30 -13.18
CA LEU A 319 7.03 -16.52 -12.61
C LEU A 319 8.46 -16.26 -12.14
N GLN A 320 8.72 -16.54 -10.87
CA GLN A 320 10.07 -16.42 -10.33
C GLN A 320 10.93 -17.57 -10.85
N ARG A 321 12.21 -17.28 -11.07
CA ARG A 321 13.18 -18.27 -11.52
C ARG A 321 14.39 -18.24 -10.62
N ALA A 322 15.07 -19.38 -10.53
CA ALA A 322 16.23 -19.49 -9.65
C ALA A 322 17.29 -18.45 -9.98
N SER A 323 17.43 -18.08 -11.26
CA SER A 323 18.40 -17.09 -11.67
C SER A 323 18.08 -15.69 -11.16
N GLY A 324 16.97 -15.50 -10.46
CA GLY A 324 16.61 -14.21 -9.93
C GLY A 324 15.76 -13.36 -10.85
N ASP A 325 15.66 -13.72 -12.12
CA ASP A 325 14.84 -12.98 -13.06
C ASP A 325 13.36 -13.32 -12.84
N PHE A 326 12.51 -12.73 -13.68
CA PHE A 326 11.08 -13.01 -13.68
C PHE A 326 10.62 -13.22 -15.11
N GLN A 327 9.68 -14.15 -15.27
CA GLN A 327 9.07 -14.46 -16.57
C GLN A 327 7.64 -13.97 -16.53
N THR A 328 7.36 -12.87 -17.21
CA THR A 328 6.10 -12.15 -17.07
C THR A 328 5.17 -12.40 -18.24
N THR A 329 3.87 -12.45 -17.94
CA THR A 329 2.83 -12.58 -18.94
C THR A 329 1.62 -11.78 -18.48
N LYS A 330 0.91 -11.20 -19.43
CA LYS A 330 -0.24 -10.36 -19.14
C LYS A 330 -1.54 -11.15 -19.34
N LEU A 331 -2.60 -10.67 -18.70
CA LEU A 331 -3.90 -11.33 -18.74
C LEU A 331 -4.97 -10.26 -18.69
N ASN A 332 -5.68 -10.07 -19.80
CA ASN A 332 -6.61 -8.96 -19.93
C ASN A 332 -8.01 -9.35 -19.50
N GLY A 333 -8.78 -8.32 -19.12
CA GLY A 333 -10.17 -8.53 -18.74
C GLY A 333 -11.04 -8.82 -19.95
N PHE A 334 -12.30 -9.16 -19.65
CA PHE A 334 -13.25 -9.58 -20.67
C PHE A 334 -14.37 -8.58 -20.90
N GLU A 335 -14.76 -7.82 -19.89
CA GLU A 335 -15.86 -6.86 -19.98
C GLU A 335 -15.34 -5.46 -19.74
N VAL A 336 -15.89 -4.49 -20.47
CA VAL A 336 -15.49 -3.10 -20.32
C VAL A 336 -15.96 -2.59 -18.97
N PHE A 337 -15.10 -1.80 -18.31
CA PHE A 337 -15.39 -1.15 -17.04
C PHE A 337 -15.66 -2.14 -15.91
N ALA A 338 -15.48 -3.44 -16.15
CA ALA A 338 -15.69 -4.42 -15.09
C ALA A 338 -14.57 -4.40 -14.06
N ARG A 339 -13.43 -3.79 -14.40
CA ARG A 339 -12.29 -3.68 -13.48
C ARG A 339 -11.73 -5.05 -13.12
N PHE A 340 -11.61 -5.91 -14.13
CA PHE A 340 -10.90 -7.17 -13.99
C PHE A 340 -9.54 -6.94 -13.33
N GLY A 341 -9.28 -7.66 -12.25
CA GLY A 341 -8.03 -7.56 -11.54
C GLY A 341 -8.08 -6.77 -10.25
N SER A 342 -9.25 -6.31 -9.83
CA SER A 342 -9.35 -5.56 -8.59
C SER A 342 -8.96 -6.41 -7.39
N ALA A 343 -9.19 -7.72 -7.46
CA ALA A 343 -8.85 -8.63 -6.38
C ALA A 343 -8.27 -9.90 -6.97
N ILE A 344 -7.19 -10.38 -6.34
CA ILE A 344 -6.47 -11.57 -6.78
C ILE A 344 -6.28 -12.47 -5.57
N ALA A 345 -6.91 -13.63 -5.59
CA ALA A 345 -6.94 -14.51 -4.42
C ALA A 345 -6.26 -15.84 -4.73
N PRO A 346 -5.09 -16.12 -4.18
CA PRO A 346 -4.56 -17.50 -4.27
C PRO A 346 -5.56 -18.49 -3.70
N LEU A 347 -5.73 -19.61 -4.41
CA LEU A 347 -6.74 -20.59 -4.07
C LEU A 347 -6.16 -21.89 -3.53
N GLY A 348 -4.84 -22.00 -3.45
CA GLY A 348 -4.28 -23.32 -3.24
C GLY A 348 -4.49 -24.14 -4.50
N ASP A 349 -4.52 -25.46 -4.33
CA ASP A 349 -4.78 -26.38 -5.44
C ASP A 349 -6.27 -26.71 -5.43
N LEU A 350 -7.03 -25.92 -6.20
CA LEU A 350 -8.49 -26.05 -6.17
C LEU A 350 -8.93 -27.42 -6.65
N ASP A 351 -8.43 -27.86 -7.81
CA ASP A 351 -8.81 -29.13 -8.38
C ASP A 351 -7.90 -30.28 -7.97
N GLN A 352 -6.91 -30.02 -7.12
CA GLN A 352 -6.01 -31.06 -6.62
C GLN A 352 -5.37 -31.82 -7.78
N ASP A 353 -4.86 -31.08 -8.76
CA ASP A 353 -4.13 -31.65 -9.88
C ASP A 353 -2.62 -31.55 -9.73
N GLY A 354 -2.14 -30.88 -8.68
CA GLY A 354 -0.72 -30.73 -8.41
C GLY A 354 -0.19 -29.33 -8.60
N PHE A 355 -1.00 -28.42 -9.13
CA PHE A 355 -0.58 -27.04 -9.36
C PHE A 355 -1.57 -26.09 -8.68
N ASN A 356 -1.03 -25.09 -7.99
CA ASN A 356 -1.88 -24.11 -7.35
C ASN A 356 -2.66 -23.31 -8.40
N ASP A 357 -3.78 -22.75 -7.96
CA ASP A 357 -4.71 -22.04 -8.82
C ASP A 357 -4.95 -20.66 -8.22
N ILE A 358 -5.76 -19.85 -8.90
CA ILE A 358 -5.95 -18.46 -8.49
C ILE A 358 -7.29 -17.98 -9.02
N ALA A 359 -7.90 -17.05 -8.27
CA ALA A 359 -9.13 -16.39 -8.67
C ALA A 359 -8.86 -14.92 -8.91
N ILE A 360 -9.42 -14.39 -9.99
CA ILE A 360 -9.32 -12.97 -10.32
C ILE A 360 -10.74 -12.42 -10.42
N ALA A 361 -10.99 -11.28 -9.78
CA ALA A 361 -12.33 -10.72 -9.67
C ALA A 361 -12.49 -9.53 -10.62
N ALA A 362 -13.64 -9.50 -11.27
CA ALA A 362 -14.12 -8.33 -12.00
C ALA A 362 -15.35 -7.81 -11.28
N PRO A 363 -15.17 -7.04 -10.20
CA PRO A 363 -16.29 -6.79 -9.29
C PRO A 363 -17.48 -6.07 -9.90
N TYR A 364 -17.31 -5.42 -11.05
CA TYR A 364 -18.38 -4.65 -11.67
C TYR A 364 -18.79 -5.21 -13.03
N GLY A 365 -18.47 -6.47 -13.29
CA GLY A 365 -18.91 -7.14 -14.51
C GLY A 365 -20.23 -7.86 -14.32
N GLY A 366 -20.63 -8.57 -15.36
CA GLY A 366 -21.88 -9.30 -15.33
C GLY A 366 -23.08 -8.40 -15.56
N GLU A 367 -24.26 -8.99 -15.37
CA GLU A 367 -25.51 -8.28 -15.61
C GLU A 367 -25.84 -7.38 -14.42
N ASP A 368 -26.14 -6.11 -14.71
CA ASP A 368 -26.47 -5.13 -13.68
C ASP A 368 -25.35 -5.00 -12.65
N LYS A 369 -24.11 -5.01 -13.13
CA LYS A 369 -22.94 -4.83 -12.27
C LYS A 369 -23.00 -5.73 -11.04
N LYS A 370 -23.44 -6.98 -11.24
CA LYS A 370 -23.52 -7.93 -10.15
C LYS A 370 -22.19 -8.61 -9.84
N GLY A 371 -21.15 -8.32 -10.62
CA GLY A 371 -19.82 -8.82 -10.31
C GLY A 371 -19.56 -10.21 -10.86
N ILE A 372 -18.30 -10.48 -11.15
CA ILE A 372 -17.87 -11.77 -11.68
C ILE A 372 -16.50 -12.12 -11.07
N VAL A 373 -16.30 -13.42 -10.86
CA VAL A 373 -15.02 -13.95 -10.38
C VAL A 373 -14.60 -15.05 -11.34
N TYR A 374 -13.37 -14.96 -11.85
CA TYR A 374 -12.83 -15.94 -12.77
C TYR A 374 -11.86 -16.85 -12.03
N ILE A 375 -11.86 -18.14 -12.41
CA ILE A 375 -10.99 -19.15 -11.82
C ILE A 375 -9.97 -19.55 -12.86
N PHE A 376 -8.68 -19.42 -12.52
CA PHE A 376 -7.59 -19.76 -13.42
C PHE A 376 -6.76 -20.87 -12.78
N ASN A 377 -6.65 -22.00 -13.47
CA ASN A 377 -5.89 -23.13 -12.99
C ASN A 377 -4.44 -23.01 -13.42
N GLY A 378 -3.53 -23.44 -12.54
CA GLY A 378 -2.13 -23.42 -12.84
C GLY A 378 -1.65 -24.70 -13.51
N ARG A 379 -0.49 -24.60 -14.15
CA ARG A 379 0.14 -25.76 -14.78
C ARG A 379 1.64 -25.51 -14.82
N SER A 380 2.38 -26.52 -15.29
CA SER A 380 3.84 -26.47 -15.21
C SER A 380 4.41 -25.27 -15.94
N THR A 381 3.80 -24.88 -17.06
CA THR A 381 4.33 -23.77 -17.85
C THR A 381 4.04 -22.43 -17.17
N GLY A 382 2.96 -22.34 -16.42
CA GLY A 382 2.58 -21.10 -15.76
C GLY A 382 1.11 -21.14 -15.36
N LEU A 383 0.39 -20.08 -15.69
CA LEU A 383 -1.05 -20.03 -15.46
C LEU A 383 -1.79 -20.29 -16.78
N ASN A 384 -2.82 -21.11 -16.71
CA ASN A 384 -3.66 -21.34 -17.88
C ASN A 384 -4.41 -20.05 -18.20
N ALA A 385 -4.17 -19.50 -19.40
CA ALA A 385 -4.70 -18.19 -19.73
C ALA A 385 -6.22 -18.18 -19.86
N VAL A 386 -6.85 -19.33 -20.01
CA VAL A 386 -8.30 -19.42 -20.18
C VAL A 386 -8.92 -19.78 -18.83
N PRO A 387 -9.91 -19.02 -18.35
CA PRO A 387 -10.53 -19.38 -17.07
C PRO A 387 -11.37 -20.64 -17.21
N SER A 388 -11.24 -21.53 -16.23
CA SER A 388 -11.97 -22.79 -16.23
C SER A 388 -13.32 -22.70 -15.52
N GLN A 389 -13.66 -21.54 -14.96
CA GLN A 389 -14.94 -21.37 -14.29
C GLN A 389 -15.21 -19.88 -14.14
N ILE A 390 -16.50 -19.55 -14.11
CA ILE A 390 -16.95 -18.16 -13.99
C ILE A 390 -18.02 -18.12 -12.91
N LEU A 391 -17.74 -17.38 -11.83
CA LEU A 391 -18.69 -17.21 -10.74
C LEU A 391 -19.38 -15.86 -10.88
N GLU A 392 -20.70 -15.85 -10.78
CA GLU A 392 -21.51 -14.66 -10.94
C GLU A 392 -22.27 -14.36 -9.66
N GLY A 393 -22.45 -13.08 -9.37
CA GLY A 393 -23.24 -12.66 -8.24
C GLY A 393 -24.71 -12.55 -8.60
N GLN A 394 -25.57 -12.96 -7.68
CA GLN A 394 -27.01 -12.99 -7.90
C GLN A 394 -27.74 -11.81 -7.28
N TRP A 395 -27.02 -10.90 -6.62
CA TRP A 395 -27.64 -9.85 -5.81
C TRP A 395 -27.39 -8.48 -6.43
N ALA A 396 -28.43 -7.65 -6.46
CA ALA A 396 -28.36 -6.28 -6.92
C ALA A 396 -28.74 -5.34 -5.78
N ALA A 397 -28.17 -4.14 -5.81
CA ALA A 397 -28.38 -3.14 -4.78
C ALA A 397 -28.90 -1.85 -5.39
N ARG A 398 -29.14 -0.85 -4.53
CA ARG A 398 -29.70 0.43 -4.96
C ARG A 398 -28.90 1.65 -4.52
N SER A 399 -27.83 1.48 -3.74
CA SER A 399 -27.03 2.62 -3.27
C SER A 399 -25.61 2.59 -3.83
N CYS A 400 -24.87 1.52 -3.58
CA CYS A 400 -23.51 1.33 -4.07
C CYS A 400 -23.43 -0.05 -4.71
N PRO A 401 -22.72 -0.19 -5.84
CA PRO A 401 -22.82 -1.44 -6.59
C PRO A 401 -22.40 -2.63 -5.74
N PRO A 402 -23.02 -3.80 -5.96
CA PRO A 402 -22.73 -4.97 -5.11
C PRO A 402 -21.24 -5.25 -4.95
N SER A 403 -20.45 -5.05 -6.00
CA SER A 403 -19.00 -5.29 -5.94
C SER A 403 -18.70 -6.71 -5.50
N PHE A 404 -19.47 -7.67 -6.01
CA PHE A 404 -19.21 -9.08 -5.79
C PHE A 404 -17.81 -9.43 -6.30
N GLY A 405 -16.92 -9.82 -5.39
CA GLY A 405 -15.55 -10.14 -5.72
C GLY A 405 -14.55 -9.09 -5.29
N TYR A 406 -15.01 -7.94 -4.80
CA TYR A 406 -14.10 -6.89 -4.35
C TYR A 406 -13.06 -7.44 -3.37
N SER A 407 -13.42 -8.48 -2.63
CA SER A 407 -12.51 -9.15 -1.71
C SER A 407 -12.73 -10.65 -1.82
N MET A 408 -11.65 -11.41 -1.67
CA MET A 408 -11.71 -12.85 -1.77
C MET A 408 -10.65 -13.46 -0.86
N LYS A 409 -10.85 -14.73 -0.52
CA LYS A 409 -9.87 -15.49 0.24
C LYS A 409 -10.15 -16.97 0.02
N GLY A 410 -9.12 -17.70 -0.42
CA GLY A 410 -9.23 -19.12 -0.64
C GLY A 410 -8.15 -19.86 0.11
N ALA A 411 -7.81 -21.05 -0.40
CA ALA A 411 -6.73 -21.89 0.10
C ALA A 411 -7.00 -22.46 1.48
N THR A 412 -8.28 -22.61 1.86
CA THR A 412 -8.65 -23.22 3.12
C THR A 412 -9.74 -24.25 2.87
N ASP A 413 -9.51 -25.49 3.33
CA ASP A 413 -10.47 -26.58 3.18
C ASP A 413 -11.36 -26.57 4.41
N ILE A 414 -12.45 -25.80 4.35
CA ILE A 414 -13.25 -25.58 5.55
C ILE A 414 -14.15 -26.78 5.86
N ASP A 415 -14.52 -27.56 4.85
CA ASP A 415 -15.34 -28.75 5.05
C ASP A 415 -14.51 -30.02 5.14
N LYS A 416 -13.18 -29.90 5.13
CA LYS A 416 -12.28 -31.05 5.29
C LYS A 416 -12.55 -32.13 4.25
N ASN A 417 -12.97 -31.73 3.04
CA ASN A 417 -13.24 -32.67 1.97
C ASN A 417 -12.04 -32.91 1.07
N GLY A 418 -10.90 -32.27 1.34
CA GLY A 418 -9.69 -32.47 0.57
C GLY A 418 -9.46 -31.47 -0.53
N TYR A 419 -10.32 -30.46 -0.68
CA TYR A 419 -10.19 -29.47 -1.74
C TYR A 419 -10.38 -28.08 -1.16
N PRO A 420 -9.50 -27.12 -1.48
CA PRO A 420 -9.63 -25.78 -0.90
C PRO A 420 -10.90 -25.08 -1.37
N ASP A 421 -11.40 -24.19 -0.52
CA ASP A 421 -12.65 -23.48 -0.75
C ASP A 421 -12.39 -21.98 -0.81
N LEU A 422 -13.39 -21.24 -1.28
CA LEU A 422 -13.25 -19.83 -1.61
C LEU A 422 -14.32 -19.00 -0.94
N ILE A 423 -13.92 -17.89 -0.33
CA ILE A 423 -14.84 -16.89 0.19
C ILE A 423 -14.84 -15.71 -0.77
N VAL A 424 -16.03 -15.25 -1.14
CA VAL A 424 -16.21 -14.08 -2.00
C VAL A 424 -17.07 -13.07 -1.25
N GLY A 425 -16.56 -11.84 -1.12
CA GLY A 425 -17.29 -10.77 -0.47
C GLY A 425 -18.00 -9.88 -1.46
N ALA A 426 -19.14 -9.35 -1.06
CA ALA A 426 -19.90 -8.37 -1.83
C ALA A 426 -20.40 -7.32 -0.86
N PHE A 427 -19.61 -6.27 -0.64
CA PHE A 427 -19.93 -5.28 0.37
C PHE A 427 -21.05 -4.33 -0.06
N GLY A 428 -21.25 -4.17 -1.38
CA GLY A 428 -22.33 -3.31 -1.83
C GLY A 428 -23.70 -3.84 -1.46
N VAL A 429 -23.83 -5.15 -1.28
CA VAL A 429 -25.07 -5.78 -0.84
C VAL A 429 -24.92 -6.41 0.54
N ASP A 430 -23.84 -6.08 1.25
CA ASP A 430 -23.65 -6.54 2.62
C ASP A 430 -23.74 -8.07 2.69
N ARG A 431 -23.03 -8.73 1.79
CA ARG A 431 -23.10 -10.18 1.64
C ARG A 431 -21.70 -10.76 1.55
N ALA A 432 -21.58 -12.03 1.96
CA ALA A 432 -20.36 -12.80 1.80
C ALA A 432 -20.75 -14.24 1.52
N ILE A 433 -20.10 -14.84 0.53
CA ILE A 433 -20.50 -16.15 0.01
C ILE A 433 -19.32 -17.10 0.08
N LEU A 434 -19.58 -18.32 0.55
CA LEU A 434 -18.58 -19.39 0.60
C LEU A 434 -18.92 -20.40 -0.49
N TYR A 435 -17.96 -20.65 -1.37
CA TYR A 435 -18.07 -21.67 -2.41
C TYR A 435 -17.19 -22.85 -2.02
N ARG A 436 -17.78 -24.04 -1.94
CA ARG A 436 -17.04 -25.24 -1.61
C ARG A 436 -16.60 -25.95 -2.87
N ALA A 437 -15.42 -26.57 -2.81
CA ALA A 437 -14.83 -27.24 -3.95
C ALA A 437 -15.29 -28.69 -4.01
N ARG A 438 -15.81 -29.10 -5.16
CA ARG A 438 -16.24 -30.48 -5.36
C ARG A 438 -15.06 -31.38 -5.68
N PRO A 439 -15.09 -32.63 -5.26
CA PRO A 439 -14.00 -33.55 -5.61
C PRO A 439 -13.98 -33.86 -7.09
N VAL A 440 -12.78 -34.13 -7.60
CA VAL A 440 -12.53 -34.28 -9.03
C VAL A 440 -12.26 -35.75 -9.34
N ILE A 441 -12.99 -36.30 -10.30
CA ILE A 441 -12.81 -37.67 -10.75
C ILE A 441 -12.03 -37.64 -12.06
N THR A 442 -10.80 -38.13 -12.03
CA THR A 442 -10.03 -38.34 -13.25
C THR A 442 -10.48 -39.64 -13.91
N VAL A 443 -10.80 -39.58 -15.20
CA VAL A 443 -11.36 -40.71 -15.93
C VAL A 443 -10.41 -41.09 -17.06
N ASN A 444 -10.11 -42.38 -17.17
CA ASN A 444 -9.29 -42.93 -18.24
C ASN A 444 -10.20 -43.77 -19.13
N ALA A 445 -10.41 -43.31 -20.37
CA ALA A 445 -11.25 -44.01 -21.33
C ALA A 445 -10.39 -44.63 -22.42
N GLY A 446 -10.96 -45.61 -23.10
CA GLY A 446 -10.28 -46.30 -24.18
C GLY A 446 -11.27 -46.80 -25.20
N LEU A 447 -10.86 -46.80 -26.46
CA LEU A 447 -11.71 -47.23 -27.56
C LEU A 447 -10.86 -47.95 -28.60
N GLU A 448 -11.21 -49.20 -28.91
CA GLU A 448 -10.46 -50.01 -29.86
C GLU A 448 -11.41 -50.54 -30.92
N VAL A 449 -10.98 -50.47 -32.18
CA VAL A 449 -11.76 -50.94 -33.32
C VAL A 449 -10.89 -51.92 -34.08
N TYR A 450 -11.27 -53.20 -34.07
CA TYR A 450 -10.53 -54.25 -34.76
C TYR A 450 -11.51 -55.14 -35.50
N PRO A 451 -11.31 -55.40 -36.81
CA PRO A 451 -10.21 -54.88 -37.64
C PRO A 451 -10.39 -53.41 -37.99
N SER A 452 -9.28 -52.73 -38.31
CA SER A 452 -9.35 -51.30 -38.64
C SER A 452 -9.70 -51.10 -40.10
N ILE A 453 -9.01 -51.79 -41.00
CA ILE A 453 -9.31 -51.72 -42.43
C ILE A 453 -10.41 -52.73 -42.74
N LEU A 454 -11.39 -52.30 -43.52
CA LEU A 454 -12.59 -53.08 -43.78
C LEU A 454 -12.71 -53.35 -45.28
N ASN A 455 -12.99 -54.60 -45.63
CA ASN A 455 -13.22 -55.00 -47.02
C ASN A 455 -14.70 -55.32 -47.19
N GLN A 456 -15.39 -54.55 -48.03
CA GLN A 456 -16.81 -54.78 -48.24
C GLN A 456 -17.07 -56.16 -48.81
N ASP A 457 -16.23 -56.61 -49.75
CA ASP A 457 -16.39 -57.96 -50.29
C ASP A 457 -16.28 -59.02 -49.21
N ASN A 458 -15.53 -58.74 -48.15
CA ASN A 458 -15.43 -59.68 -47.04
C ASN A 458 -16.74 -59.70 -46.25
N LYS A 459 -17.27 -60.88 -46.01
CA LYS A 459 -18.55 -61.04 -45.31
C LYS A 459 -18.47 -62.31 -44.48
N THR A 460 -18.28 -62.15 -43.16
CA THR A 460 -18.20 -63.28 -42.24
C THR A 460 -19.11 -63.07 -41.04
N CYS A 461 -20.18 -62.30 -41.21
CA CYS A 461 -21.16 -62.08 -40.15
C CYS A 461 -22.57 -62.22 -40.73
N SER A 462 -23.53 -62.39 -39.83
CA SER A 462 -24.94 -62.53 -40.19
C SER A 462 -25.76 -61.53 -39.39
N LEU A 463 -26.70 -60.88 -40.05
CA LEU A 463 -27.53 -59.89 -39.38
C LEU A 463 -28.58 -60.56 -38.51
N PRO A 464 -29.15 -59.83 -37.55
CA PRO A 464 -30.25 -60.38 -36.75
C PRO A 464 -31.34 -60.92 -37.65
N GLY A 465 -31.92 -62.04 -37.24
CA GLY A 465 -32.88 -62.73 -38.08
C GLY A 465 -32.19 -63.67 -39.05
N THR A 466 -32.89 -63.96 -40.15
CA THR A 466 -32.37 -64.87 -41.16
C THR A 466 -31.51 -64.17 -42.21
N ALA A 467 -31.39 -62.85 -42.15
CA ALA A 467 -30.53 -62.13 -43.10
C ALA A 467 -29.07 -62.51 -42.89
N LEU A 468 -28.30 -62.58 -43.98
CA LEU A 468 -26.95 -63.11 -43.95
C LEU A 468 -26.01 -62.25 -44.77
N LYS A 469 -24.71 -62.58 -44.69
CA LYS A 469 -23.66 -62.07 -45.57
C LYS A 469 -23.49 -60.55 -45.44
N VAL A 470 -22.94 -60.12 -44.31
CA VAL A 470 -22.59 -58.73 -44.10
C VAL A 470 -21.15 -58.62 -43.60
N SER A 471 -20.48 -57.54 -44.02
CA SER A 471 -19.14 -57.21 -43.53
C SER A 471 -19.23 -56.59 -42.14
N CYS A 472 -18.36 -57.04 -41.23
CA CYS A 472 -18.47 -56.66 -39.83
C CYS A 472 -17.11 -56.41 -39.22
N PHE A 473 -17.14 -55.76 -38.05
CA PHE A 473 -15.95 -55.48 -37.26
C PHE A 473 -16.38 -55.26 -35.82
N ASN A 474 -15.42 -55.32 -34.90
CA ASN A 474 -15.69 -55.23 -33.47
C ASN A 474 -15.34 -53.85 -32.95
N VAL A 475 -16.02 -53.47 -31.86
CA VAL A 475 -15.77 -52.22 -31.14
C VAL A 475 -15.71 -52.54 -29.66
N ARG A 476 -14.67 -52.06 -28.98
CA ARG A 476 -14.42 -52.35 -27.57
C ARG A 476 -14.10 -51.06 -26.83
N PHE A 477 -15.12 -50.41 -26.28
CA PHE A 477 -14.96 -49.23 -25.47
C PHE A 477 -14.71 -49.60 -24.02
N CYS A 478 -13.85 -48.85 -23.35
CA CYS A 478 -13.45 -49.12 -21.97
C CYS A 478 -13.50 -47.83 -21.17
N LEU A 479 -13.57 -47.98 -19.84
CA LEU A 479 -13.69 -46.84 -18.95
C LEU A 479 -13.05 -47.18 -17.62
N LYS A 480 -12.41 -46.20 -17.01
CA LYS A 480 -11.73 -46.34 -15.72
C LYS A 480 -11.75 -44.99 -15.03
N ALA A 481 -11.90 -45.01 -13.69
CA ALA A 481 -12.06 -43.77 -12.93
C ALA A 481 -11.34 -43.89 -11.60
N ASP A 482 -10.97 -42.73 -11.06
CA ASP A 482 -10.34 -42.63 -9.75
C ASP A 482 -10.50 -41.20 -9.27
N GLY A 483 -10.11 -40.96 -8.02
CA GLY A 483 -10.26 -39.62 -7.47
C GLY A 483 -9.46 -39.45 -6.20
N LYS A 484 -9.53 -38.23 -5.66
CA LYS A 484 -8.85 -37.84 -4.44
C LYS A 484 -9.86 -37.24 -3.48
N GLY A 485 -9.85 -37.70 -2.23
CA GLY A 485 -10.67 -37.13 -1.20
C GLY A 485 -11.90 -37.97 -0.88
N VAL A 486 -12.89 -37.29 -0.30
CA VAL A 486 -14.14 -37.92 0.10
C VAL A 486 -14.97 -38.22 -1.14
N LEU A 487 -15.01 -39.49 -1.54
CA LEU A 487 -15.73 -39.90 -2.74
C LEU A 487 -16.34 -41.27 -2.52
N PRO A 488 -17.48 -41.57 -3.15
CA PRO A 488 -18.06 -42.90 -3.04
C PRO A 488 -17.29 -43.92 -3.88
N ARG A 489 -17.42 -45.18 -3.49
CA ARG A 489 -16.70 -46.25 -4.18
C ARG A 489 -17.34 -46.60 -5.52
N LYS A 490 -18.64 -46.39 -5.68
CA LYS A 490 -19.36 -46.77 -6.88
C LYS A 490 -19.75 -45.54 -7.67
N LEU A 491 -19.64 -45.63 -9.00
CA LEU A 491 -19.92 -44.51 -9.89
C LEU A 491 -20.70 -45.01 -11.09
N ASN A 492 -21.78 -44.32 -11.44
CA ASN A 492 -22.69 -44.73 -12.52
C ASN A 492 -22.45 -43.84 -13.73
N PHE A 493 -21.76 -44.36 -14.73
CA PHE A 493 -21.50 -43.63 -15.96
C PHE A 493 -22.54 -43.95 -17.02
N GLN A 494 -22.71 -43.02 -17.95
CA GLN A 494 -23.58 -43.17 -19.11
C GLN A 494 -22.74 -42.99 -20.36
N VAL A 495 -22.51 -44.09 -21.09
CA VAL A 495 -21.67 -44.08 -22.28
C VAL A 495 -22.55 -44.19 -23.51
N GLU A 496 -22.15 -43.52 -24.59
CA GLU A 496 -22.85 -43.56 -25.86
C GLU A 496 -21.84 -43.73 -26.99
N LEU A 497 -22.18 -44.54 -27.98
CA LEU A 497 -21.34 -44.80 -29.14
C LEU A 497 -22.09 -44.38 -30.41
N LEU A 498 -21.36 -43.78 -31.35
CA LEU A 498 -21.94 -43.38 -32.62
C LEU A 498 -20.97 -43.74 -33.74
N LEU A 499 -21.46 -44.49 -34.72
CA LEU A 499 -20.67 -44.87 -35.88
C LEU A 499 -20.88 -43.86 -37.00
N ASP A 500 -19.81 -43.62 -37.77
CA ASP A 500 -19.86 -42.68 -38.89
C ASP A 500 -20.40 -41.32 -38.43
N LYS A 501 -19.83 -40.83 -37.32
CA LYS A 501 -20.31 -39.57 -36.76
C LYS A 501 -20.04 -38.39 -37.69
N LEU A 502 -18.91 -38.41 -38.39
CA LEU A 502 -18.48 -37.22 -39.12
C LEU A 502 -19.47 -36.82 -40.20
N LYS A 503 -20.23 -37.76 -40.75
CA LYS A 503 -21.21 -37.41 -41.78
C LYS A 503 -22.29 -36.51 -41.19
N GLN A 504 -22.52 -35.38 -41.85
CA GLN A 504 -23.48 -34.40 -41.37
C GLN A 504 -24.91 -34.87 -41.65
N LYS A 505 -25.87 -34.18 -41.04
CA LYS A 505 -27.28 -34.51 -41.25
C LYS A 505 -27.62 -34.41 -42.73
N GLY A 506 -28.35 -35.39 -43.22
CA GLY A 506 -28.65 -35.50 -44.64
C GLY A 506 -27.64 -36.28 -45.44
N ALA A 507 -26.61 -36.82 -44.80
CA ALA A 507 -25.59 -37.62 -45.46
C ALA A 507 -25.70 -39.07 -45.01
N ILE A 508 -25.47 -40.00 -45.95
CA ILE A 508 -25.65 -41.40 -45.66
C ILE A 508 -24.62 -41.84 -44.62
N ARG A 509 -25.04 -42.71 -43.71
CA ARG A 509 -24.15 -43.29 -42.70
C ARG A 509 -23.87 -44.74 -43.05
N ARG A 510 -22.59 -45.05 -43.26
CA ARG A 510 -22.21 -46.32 -43.84
C ARG A 510 -22.19 -47.46 -42.83
N ALA A 511 -21.84 -47.18 -41.57
CA ALA A 511 -21.69 -48.20 -40.56
C ALA A 511 -22.91 -48.23 -39.64
N LEU A 512 -23.33 -49.43 -39.25
CA LEU A 512 -24.43 -49.64 -38.33
C LEU A 512 -24.04 -50.73 -37.34
N PHE A 513 -24.63 -50.68 -36.16
CA PHE A 513 -24.40 -51.73 -35.17
C PHE A 513 -25.20 -52.97 -35.52
N LEU A 514 -24.62 -54.14 -35.19
CA LEU A 514 -25.20 -55.40 -35.64
C LEU A 514 -26.59 -55.61 -35.04
N TYR A 515 -26.68 -55.60 -33.70
CA TYR A 515 -27.96 -55.87 -33.05
C TYR A 515 -28.99 -54.79 -33.38
N SER A 516 -28.64 -53.53 -33.13
CA SER A 516 -29.63 -52.46 -33.23
C SER A 516 -29.96 -52.08 -34.67
N ARG A 517 -29.04 -52.35 -35.60
CA ARG A 517 -29.16 -51.85 -36.98
C ARG A 517 -29.26 -50.33 -37.02
N SER A 518 -28.78 -49.66 -35.98
CA SER A 518 -28.71 -48.20 -35.91
C SER A 518 -27.27 -47.77 -35.67
N PRO A 519 -26.89 -46.56 -36.08
CA PRO A 519 -25.51 -46.09 -35.88
C PRO A 519 -25.19 -45.71 -34.45
N SER A 520 -26.16 -45.77 -33.53
CA SER A 520 -25.96 -45.37 -32.15
C SER A 520 -26.23 -46.55 -31.22
N HIS A 521 -25.49 -46.57 -30.11
CA HIS A 521 -25.69 -47.58 -29.07
C HIS A 521 -25.38 -46.94 -27.73
N SER A 522 -26.37 -46.90 -26.83
CA SER A 522 -26.22 -46.33 -25.51
C SER A 522 -25.95 -47.43 -24.49
N LYS A 523 -25.44 -47.00 -23.33
CA LYS A 523 -25.07 -47.97 -22.29
C LYS A 523 -24.85 -47.31 -20.94
N ASN A 524 -25.48 -47.85 -19.90
CA ASN A 524 -25.15 -47.49 -18.52
C ASN A 524 -24.03 -48.40 -18.02
N MET A 525 -23.19 -47.85 -17.15
CA MET A 525 -22.05 -48.59 -16.62
C MET A 525 -21.91 -48.33 -15.14
N THR A 526 -20.97 -49.02 -14.51
CA THR A 526 -20.71 -48.89 -13.07
C THR A 526 -19.26 -49.28 -12.82
N ILE A 527 -18.49 -48.33 -12.26
CA ILE A 527 -17.07 -48.54 -11.99
C ILE A 527 -16.75 -47.95 -10.62
N SER A 528 -15.68 -48.48 -10.01
CA SER A 528 -15.25 -48.04 -8.69
C SER A 528 -13.87 -47.40 -8.75
N ARG A 529 -13.62 -46.53 -7.78
CA ARG A 529 -12.37 -45.79 -7.73
C ARG A 529 -11.17 -46.74 -7.68
N GLY A 530 -10.11 -46.38 -8.42
CA GLY A 530 -8.91 -47.19 -8.46
C GLY A 530 -9.11 -48.57 -9.05
N GLY A 531 -10.31 -48.83 -9.55
CA GLY A 531 -10.63 -50.13 -10.09
C GLY A 531 -9.93 -50.38 -11.42
N LEU A 532 -10.14 -51.58 -11.94
CA LEU A 532 -9.50 -51.99 -13.17
C LEU A 532 -10.23 -51.40 -14.38
N MET A 533 -9.64 -51.59 -15.55
CA MET A 533 -10.22 -51.09 -16.80
C MET A 533 -11.43 -51.95 -17.15
N GLN A 534 -12.62 -51.43 -16.90
CA GLN A 534 -13.86 -52.13 -17.19
C GLN A 534 -14.25 -51.89 -18.64
N CYS A 535 -14.28 -52.95 -19.45
CA CYS A 535 -14.50 -52.86 -20.88
C CYS A 535 -15.81 -53.52 -21.27
N GLU A 536 -16.16 -53.37 -22.56
CA GLU A 536 -17.34 -54.02 -23.12
C GLU A 536 -17.22 -54.01 -24.64
N GLU A 537 -17.51 -55.14 -25.26
CA GLU A 537 -17.40 -55.31 -26.70
C GLU A 537 -18.77 -55.40 -27.34
N LEU A 538 -18.83 -55.01 -28.62
CA LEU A 538 -20.00 -55.27 -29.45
C LEU A 538 -19.52 -55.24 -30.90
N ILE A 539 -20.43 -55.59 -31.82
CA ILE A 539 -20.09 -55.77 -33.22
C ILE A 539 -20.91 -54.81 -34.07
N ALA A 540 -20.27 -54.25 -35.10
CA ALA A 540 -20.90 -53.32 -36.03
C ALA A 540 -20.69 -53.83 -37.45
N TYR A 541 -21.43 -53.28 -38.40
CA TYR A 541 -21.41 -53.78 -39.76
C TYR A 541 -21.56 -52.64 -40.77
N LEU A 542 -21.10 -52.90 -41.98
CA LEU A 542 -21.19 -51.97 -43.09
C LEU A 542 -22.39 -52.29 -43.97
N ARG A 543 -22.97 -51.24 -44.56
CA ARG A 543 -24.08 -51.42 -45.48
C ARG A 543 -23.56 -51.92 -46.83
N ASP A 544 -24.51 -52.33 -47.68
CA ASP A 544 -24.15 -52.77 -49.03
C ASP A 544 -23.63 -51.60 -49.85
N GLU A 545 -22.67 -51.90 -50.72
CA GLU A 545 -22.06 -50.86 -51.55
C GLU A 545 -23.11 -50.09 -52.33
N SER A 546 -24.24 -50.73 -52.67
CA SER A 546 -25.27 -50.08 -53.46
C SER A 546 -25.88 -48.88 -52.74
N GLU A 547 -25.75 -48.81 -51.41
CA GLU A 547 -26.42 -47.78 -50.64
C GLU A 547 -25.54 -46.55 -50.38
N PHE A 548 -24.23 -46.66 -50.57
CA PHE A 548 -23.34 -45.52 -50.41
C PHE A 548 -22.23 -45.61 -51.44
N ARG A 549 -22.03 -44.52 -52.19
CA ARG A 549 -20.93 -44.42 -53.14
C ARG A 549 -19.78 -43.58 -52.60
N ASP A 550 -19.65 -43.49 -51.27
CA ASP A 550 -18.55 -42.80 -50.61
C ASP A 550 -17.72 -43.83 -49.87
N LYS A 551 -16.63 -44.28 -50.49
CA LYS A 551 -15.71 -45.23 -49.89
C LYS A 551 -14.39 -44.58 -49.50
N LEU A 552 -14.29 -43.25 -49.60
CA LEU A 552 -13.04 -42.53 -49.37
C LEU A 552 -12.93 -42.01 -47.94
N THR A 553 -13.91 -41.22 -47.51
CA THR A 553 -13.83 -40.61 -46.20
C THR A 553 -13.81 -41.70 -45.12
N PRO A 554 -13.00 -41.56 -44.08
CA PRO A 554 -12.95 -42.60 -43.04
C PRO A 554 -14.24 -42.64 -42.24
N ILE A 555 -14.41 -43.75 -41.52
CA ILE A 555 -15.57 -43.98 -40.66
C ILE A 555 -15.11 -43.83 -39.22
N THR A 556 -15.62 -42.81 -38.54
CA THR A 556 -15.24 -42.54 -37.16
C THR A 556 -16.19 -43.25 -36.20
N ILE A 557 -15.61 -43.94 -35.22
CA ILE A 557 -16.35 -44.49 -34.09
C ILE A 557 -16.18 -43.50 -32.95
N PHE A 558 -17.26 -42.79 -32.61
CA PHE A 558 -17.23 -41.77 -31.57
C PHE A 558 -17.76 -42.35 -30.27
N MET A 559 -17.10 -41.98 -29.17
CA MET A 559 -17.51 -42.42 -27.83
C MET A 559 -17.61 -41.21 -26.93
N GLU A 560 -18.77 -41.04 -26.31
CA GLU A 560 -19.03 -39.99 -25.34
C GLU A 560 -19.49 -40.63 -24.04
N TYR A 561 -18.86 -40.26 -22.93
CA TYR A 561 -19.22 -40.81 -21.64
C TYR A 561 -19.54 -39.68 -20.67
N ARG A 562 -20.69 -39.77 -20.03
CA ARG A 562 -21.18 -38.79 -19.08
C ARG A 562 -21.46 -39.50 -17.75
N LEU A 563 -21.54 -38.72 -16.68
CA LEU A 563 -21.70 -39.25 -15.33
C LEU A 563 -22.91 -38.62 -14.68
N ASP A 564 -23.84 -39.46 -14.21
CA ASP A 564 -24.93 -38.97 -13.37
C ASP A 564 -24.34 -38.49 -12.05
N TYR A 565 -24.34 -37.17 -11.84
CA TYR A 565 -23.63 -36.61 -10.71
C TYR A 565 -24.38 -36.77 -9.39
N ARG A 566 -25.71 -36.73 -9.42
CA ARG A 566 -26.46 -36.71 -8.16
C ARG A 566 -26.25 -37.99 -7.35
N THR A 567 -26.04 -39.13 -8.02
CA THR A 567 -26.01 -40.41 -7.31
C THR A 567 -24.76 -40.55 -6.43
N ALA A 568 -23.67 -39.90 -6.82
CA ALA A 568 -22.39 -40.05 -6.12
C ALA A 568 -22.15 -38.94 -5.09
N ALA A 569 -23.22 -38.43 -4.48
CA ALA A 569 -23.10 -37.33 -3.54
C ALA A 569 -22.44 -37.81 -2.25
N ASP A 570 -22.34 -36.89 -1.29
CA ASP A 570 -21.70 -37.16 0.00
C ASP A 570 -22.55 -36.56 1.11
N THR A 571 -22.15 -36.84 2.36
CA THR A 571 -22.85 -36.28 3.50
C THR A 571 -22.92 -34.76 3.42
N THR A 572 -21.89 -34.13 2.86
CA THR A 572 -21.93 -32.68 2.66
C THR A 572 -23.04 -32.27 1.71
N GLY A 573 -23.51 -33.18 0.86
CA GLY A 573 -24.35 -32.81 -0.26
C GLY A 573 -23.58 -32.41 -1.49
N LEU A 574 -22.28 -32.69 -1.52
CA LEU A 574 -21.36 -32.20 -2.54
C LEU A 574 -21.12 -33.30 -3.56
N GLN A 575 -21.63 -33.11 -4.77
CA GLN A 575 -21.44 -34.10 -5.82
C GLN A 575 -20.06 -33.97 -6.44
N PRO A 576 -19.46 -35.07 -6.87
CA PRO A 576 -18.19 -34.99 -7.59
C PRO A 576 -18.40 -34.50 -9.01
N ILE A 577 -17.30 -34.09 -9.64
CA ILE A 577 -17.32 -33.57 -11.00
C ILE A 577 -16.20 -34.22 -11.80
N LEU A 578 -16.44 -34.40 -13.09
CA LEU A 578 -15.44 -34.99 -13.96
C LEU A 578 -14.32 -33.99 -14.23
N ASN A 579 -13.09 -34.49 -14.23
CA ASN A 579 -11.94 -33.65 -14.55
C ASN A 579 -12.14 -32.97 -15.89
N GLN A 580 -12.24 -31.64 -15.86
CA GLN A 580 -12.54 -30.87 -17.06
C GLN A 580 -11.36 -30.80 -18.03
N PHE A 581 -10.17 -31.18 -17.60
CA PHE A 581 -8.98 -31.10 -18.45
C PHE A 581 -8.74 -32.36 -19.27
N THR A 582 -9.36 -33.48 -18.90
CA THR A 582 -9.32 -34.68 -19.72
C THR A 582 -10.57 -34.73 -20.58
N PRO A 583 -10.47 -34.71 -21.91
CA PRO A 583 -11.70 -34.70 -22.73
C PRO A 583 -12.58 -35.90 -22.45
N ALA A 584 -13.89 -35.66 -22.39
CA ALA A 584 -14.87 -36.69 -22.12
C ALA A 584 -15.34 -37.40 -23.39
N ASN A 585 -14.62 -37.23 -24.50
CA ASN A 585 -14.95 -37.90 -25.75
C ASN A 585 -13.68 -38.40 -26.40
N ILE A 586 -13.76 -39.58 -27.01
CA ILE A 586 -12.64 -40.17 -27.75
C ILE A 586 -13.17 -40.76 -29.04
N SER A 587 -12.29 -40.90 -30.02
CA SER A 587 -12.70 -41.33 -31.34
C SER A 587 -11.57 -42.08 -32.04
N ARG A 588 -11.93 -43.20 -32.66
CA ARG A 588 -11.07 -43.94 -33.56
C ARG A 588 -11.79 -44.06 -34.90
N GLN A 589 -11.01 -44.18 -35.98
CA GLN A 589 -11.58 -44.21 -37.32
C GLN A 589 -11.11 -45.44 -38.09
N ALA A 590 -12.05 -46.10 -38.76
CA ALA A 590 -11.78 -47.20 -39.66
C ALA A 590 -11.80 -46.72 -41.10
N HIS A 591 -11.30 -47.56 -42.00
CA HIS A 591 -11.19 -47.21 -43.41
C HIS A 591 -11.72 -48.34 -44.28
N ILE A 592 -12.19 -47.98 -45.46
CA ILE A 592 -12.73 -48.93 -46.43
C ILE A 592 -11.63 -49.33 -47.40
N LEU A 593 -11.49 -50.63 -47.62
CA LEU A 593 -10.50 -51.15 -48.55
C LEU A 593 -10.86 -50.76 -49.99
N LEU A 594 -9.83 -50.53 -50.79
CA LEU A 594 -9.99 -50.14 -52.19
C LEU A 594 -9.22 -51.09 -53.09
N ASP A 595 -9.78 -51.35 -54.26
CA ASP A 595 -9.18 -52.26 -55.23
C ASP A 595 -9.39 -51.78 -56.66
N GLY B 1 -10.35 -23.05 -55.56
CA GLY B 1 -9.88 -22.21 -54.47
C GLY B 1 -10.90 -22.05 -53.36
N CYS B 2 -12.14 -21.73 -53.75
CA CYS B 2 -13.24 -21.57 -52.79
C CYS B 2 -14.17 -22.78 -52.79
N ALA B 3 -13.64 -23.96 -53.09
CA ALA B 3 -14.41 -25.20 -53.07
C ALA B 3 -13.90 -26.13 -51.97
N LEU B 4 -13.51 -25.55 -50.84
CA LEU B 4 -12.93 -26.31 -49.74
C LEU B 4 -14.02 -26.99 -48.92
N GLY B 5 -13.58 -27.84 -47.98
CA GLY B 5 -14.47 -28.60 -47.14
C GLY B 5 -15.64 -27.79 -46.61
N GLY B 6 -16.80 -28.43 -46.49
CA GLY B 6 -18.02 -27.73 -46.17
C GLY B 6 -18.65 -27.19 -47.43
N ALA B 7 -19.23 -25.99 -47.35
CA ALA B 7 -19.77 -25.30 -48.52
C ALA B 7 -20.70 -26.21 -49.32
N GLU B 8 -21.63 -26.85 -48.61
CA GLU B 8 -22.67 -27.67 -49.22
C GLU B 8 -24.00 -26.93 -49.33
N THR B 9 -24.07 -25.69 -48.89
CA THR B 9 -25.27 -24.87 -49.00
C THR B 9 -24.88 -23.50 -49.56
N CYS B 10 -25.83 -22.85 -50.23
CA CYS B 10 -25.57 -21.50 -50.74
C CYS B 10 -25.16 -20.57 -49.61
N GLU B 11 -25.89 -20.60 -48.50
CA GLU B 11 -25.51 -19.79 -47.34
C GLU B 11 -24.14 -20.21 -46.81
N ASP B 12 -23.88 -21.52 -46.74
CA ASP B 12 -22.58 -21.98 -46.31
C ASP B 12 -21.50 -21.59 -47.29
N CYS B 13 -21.82 -21.57 -48.59
CA CYS B 13 -20.84 -21.19 -49.60
C CYS B 13 -20.49 -19.72 -49.50
N LEU B 14 -21.51 -18.86 -49.37
CA LEU B 14 -21.26 -17.42 -49.25
C LEU B 14 -20.35 -17.11 -48.07
N LEU B 15 -20.41 -17.92 -47.01
CA LEU B 15 -19.70 -17.59 -45.78
C LEU B 15 -18.20 -17.81 -45.92
N ILE B 16 -17.78 -18.77 -46.74
CA ILE B 16 -16.37 -19.15 -46.77
C ILE B 16 -15.53 -18.06 -47.42
N GLY B 17 -16.04 -17.43 -48.48
CA GLY B 17 -15.28 -16.43 -49.20
C GLY B 17 -16.12 -15.27 -49.70
N PRO B 18 -15.48 -14.10 -49.85
CA PRO B 18 -16.21 -12.95 -50.40
C PRO B 18 -16.42 -12.98 -51.91
N GLN B 19 -15.65 -13.77 -52.66
CA GLN B 19 -15.74 -13.78 -54.12
C GLN B 19 -16.38 -15.05 -54.67
N CYS B 20 -17.00 -15.86 -53.84
CA CYS B 20 -17.54 -17.14 -54.26
C CYS B 20 -19.02 -17.03 -54.59
N ALA B 21 -19.50 -18.00 -55.37
CA ALA B 21 -20.87 -17.97 -55.89
C ALA B 21 -21.48 -19.36 -55.79
N TRP B 22 -22.72 -19.49 -56.26
CA TRP B 22 -23.47 -20.73 -56.19
C TRP B 22 -24.18 -20.95 -57.52
N CYS B 23 -24.56 -22.20 -57.77
CA CYS B 23 -25.18 -22.61 -59.02
C CYS B 23 -26.55 -23.22 -58.75
N ALA B 24 -27.34 -23.36 -59.82
CA ALA B 24 -28.70 -23.88 -59.71
C ALA B 24 -29.00 -24.84 -60.85
N GLN B 25 -29.37 -26.06 -60.51
CA GLN B 25 -30.01 -27.09 -61.32
C GLN B 25 -29.04 -27.84 -62.24
N GLU B 26 -27.77 -27.45 -62.34
CA GLU B 26 -26.75 -28.23 -63.04
C GLU B 26 -27.26 -28.75 -64.39
N ASN B 27 -27.69 -27.81 -65.22
CA ASN B 27 -28.16 -28.15 -66.56
C ASN B 27 -27.05 -28.81 -67.37
N GLY B 35 -22.26 -32.21 -55.39
CA GLY B 35 -21.02 -31.66 -55.92
C GLY B 35 -20.57 -30.43 -55.17
N GLU B 36 -19.72 -29.62 -55.82
CA GLU B 36 -19.20 -28.39 -55.25
C GLU B 36 -19.48 -27.26 -56.23
N ARG B 37 -20.67 -26.67 -56.14
CA ARG B 37 -21.01 -25.51 -56.94
C ARG B 37 -20.29 -24.26 -56.46
N CYS B 38 -19.87 -24.24 -55.19
CA CYS B 38 -19.18 -23.08 -54.63
C CYS B 38 -17.83 -22.88 -55.33
N ASP B 39 -17.72 -21.80 -56.10
CA ASP B 39 -16.48 -21.49 -56.80
C ASP B 39 -16.59 -20.08 -57.37
N THR B 40 -15.55 -19.66 -58.07
CA THR B 40 -15.54 -18.33 -58.66
C THR B 40 -16.66 -18.21 -59.68
N PRO B 41 -17.36 -17.08 -59.74
CA PRO B 41 -18.45 -16.94 -60.72
C PRO B 41 -18.05 -17.30 -62.14
N ALA B 42 -16.85 -16.91 -62.57
CA ALA B 42 -16.43 -17.23 -63.94
C ALA B 42 -16.38 -18.74 -64.16
N ASN B 43 -15.91 -19.49 -63.16
CA ASN B 43 -15.86 -20.94 -63.28
C ASN B 43 -17.25 -21.54 -63.44
N LEU B 44 -18.23 -21.01 -62.70
CA LEU B 44 -19.58 -21.52 -62.81
C LEU B 44 -20.16 -21.27 -64.19
N LEU B 45 -19.93 -20.07 -64.74
CA LEU B 45 -20.33 -19.81 -66.12
C LEU B 45 -19.59 -20.73 -67.07
N ALA B 46 -18.31 -20.99 -66.80
CA ALA B 46 -17.54 -21.89 -67.65
C ALA B 46 -18.10 -23.31 -67.62
N LYS B 47 -18.68 -23.73 -66.49
CA LYS B 47 -19.15 -25.09 -66.33
C LYS B 47 -20.67 -25.21 -66.47
N GLY B 48 -21.31 -24.26 -67.16
CA GLY B 48 -22.71 -24.38 -67.56
C GLY B 48 -23.64 -23.42 -66.85
N CYS B 49 -23.35 -23.07 -65.60
CA CYS B 49 -24.28 -22.25 -64.82
C CYS B 49 -24.58 -20.95 -65.55
N GLN B 50 -25.81 -20.81 -66.02
CA GLN B 50 -26.19 -19.66 -66.82
C GLN B 50 -26.25 -18.40 -65.96
N LEU B 51 -26.37 -17.25 -66.63
CA LEU B 51 -26.39 -15.97 -65.92
C LEU B 51 -27.64 -15.85 -65.04
N ASN B 52 -28.81 -16.19 -65.60
CA ASN B 52 -30.05 -16.02 -64.85
C ASN B 52 -30.15 -16.94 -63.65
N PHE B 53 -29.29 -17.96 -63.55
CA PHE B 53 -29.33 -18.92 -62.46
C PHE B 53 -28.20 -18.77 -61.45
N ILE B 54 -27.06 -18.20 -61.85
CA ILE B 54 -25.95 -18.03 -60.92
C ILE B 54 -26.36 -17.11 -59.79
N GLU B 55 -25.85 -17.39 -58.58
CA GLU B 55 -26.19 -16.64 -57.38
C GLU B 55 -24.91 -16.09 -56.76
N ASN B 56 -24.84 -14.76 -56.67
CA ASN B 56 -23.69 -14.11 -56.05
C ASN B 56 -24.04 -12.72 -55.54
N PRO B 57 -24.33 -12.56 -54.25
CA PRO B 57 -24.49 -11.21 -53.70
C PRO B 57 -23.14 -10.59 -53.40
N VAL B 58 -23.06 -9.28 -53.56
CA VAL B 58 -21.82 -8.54 -53.38
C VAL B 58 -22.08 -7.32 -52.52
N SER B 59 -21.03 -6.88 -51.82
CA SER B 59 -21.13 -5.68 -50.99
C SER B 59 -21.49 -4.48 -51.87
N GLN B 60 -22.32 -3.59 -51.32
CA GLN B 60 -22.79 -2.44 -52.07
C GLN B 60 -23.09 -1.30 -51.10
N VAL B 61 -23.00 -0.08 -51.61
CA VAL B 61 -23.27 1.13 -50.84
C VAL B 61 -24.46 1.85 -51.47
N GLU B 62 -25.35 2.37 -50.62
CA GLU B 62 -26.47 3.20 -51.06
C GLU B 62 -26.32 4.56 -50.39
N ILE B 63 -26.26 5.61 -51.20
CA ILE B 63 -26.12 6.98 -50.70
C ILE B 63 -27.52 7.54 -50.47
N LEU B 64 -27.82 7.87 -49.22
CA LEU B 64 -29.12 8.43 -48.84
C LEU B 64 -29.09 9.94 -48.75
N LYS B 65 -28.08 10.51 -48.09
CA LYS B 65 -27.95 11.95 -47.93
C LYS B 65 -26.51 12.35 -48.25
N ASN B 66 -26.35 13.13 -49.33
CA ASN B 66 -25.03 13.57 -49.77
C ASN B 66 -25.08 15.05 -50.15
N LYS B 67 -25.65 15.87 -49.27
CA LYS B 67 -25.70 17.30 -49.52
C LYS B 67 -24.29 17.84 -49.71
N PRO B 68 -24.05 18.71 -50.70
CA PRO B 68 -22.67 19.19 -50.92
C PRO B 68 -22.14 19.99 -49.74
N LEU B 69 -20.83 19.95 -49.58
CA LEU B 69 -20.18 20.72 -48.52
C LEU B 69 -20.40 22.20 -48.74
N SER B 70 -20.71 22.92 -47.67
CA SER B 70 -21.00 24.35 -47.78
C SER B 70 -19.70 25.12 -48.04
N VAL B 71 -19.75 26.05 -48.98
CA VAL B 71 -18.61 26.85 -49.38
C VAL B 71 -18.82 28.26 -48.87
N GLY B 72 -17.80 28.82 -48.22
CA GLY B 72 -17.84 30.20 -47.76
C GLY B 72 -18.61 30.35 -46.47
N ARG B 73 -18.53 31.56 -45.92
CA ARG B 73 -19.25 31.88 -44.69
C ARG B 73 -20.75 31.82 -44.93
N GLN B 74 -21.46 31.18 -44.00
CA GLN B 74 -22.90 31.01 -44.08
C GLN B 74 -23.58 31.89 -43.04
N LYS B 75 -24.50 32.75 -43.49
CA LYS B 75 -25.26 33.57 -42.55
C LYS B 75 -26.29 32.75 -41.79
N ASN B 76 -26.67 31.58 -42.30
CA ASN B 76 -27.69 30.74 -41.70
C ASN B 76 -27.05 29.44 -41.24
N SER B 77 -27.21 29.13 -39.96
CA SER B 77 -26.56 27.95 -39.38
C SER B 77 -27.06 26.64 -39.98
N SER B 78 -28.25 26.66 -40.59
CA SER B 78 -28.82 25.43 -41.14
C SER B 78 -28.26 25.07 -42.51
N ASP B 79 -27.50 25.96 -43.14
CA ASP B 79 -26.88 25.70 -44.43
C ASP B 79 -25.41 25.33 -44.31
N ILE B 80 -24.89 25.19 -43.10
CA ILE B 80 -23.51 24.76 -42.90
C ILE B 80 -23.43 23.25 -43.07
N VAL B 81 -22.54 22.81 -43.96
CA VAL B 81 -22.30 21.40 -44.22
C VAL B 81 -20.80 21.19 -44.16
N GLN B 82 -20.32 20.50 -43.11
CA GLN B 82 -18.91 20.28 -42.91
C GLN B 82 -18.46 18.85 -43.19
N ILE B 83 -19.39 17.90 -43.31
CA ILE B 83 -19.07 16.52 -43.67
C ILE B 83 -20.04 16.07 -44.75
N ALA B 84 -19.50 15.40 -45.77
CA ALA B 84 -20.30 14.88 -46.86
C ALA B 84 -19.70 13.53 -47.25
N PRO B 85 -20.52 12.48 -47.43
CA PRO B 85 -21.99 12.41 -47.30
C PRO B 85 -22.46 12.52 -45.86
N GLN B 86 -23.77 12.44 -45.64
CA GLN B 86 -24.35 12.53 -44.31
C GLN B 86 -25.13 11.28 -43.90
N SER B 87 -25.45 10.37 -44.84
CA SER B 87 -26.16 9.16 -44.49
C SER B 87 -25.95 8.13 -45.59
N LEU B 88 -25.50 6.94 -45.21
CA LEU B 88 -25.24 5.86 -46.15
C LEU B 88 -25.73 4.54 -45.57
N ILE B 89 -26.12 3.63 -46.46
CA ILE B 89 -26.35 2.23 -46.13
C ILE B 89 -25.20 1.42 -46.71
N LEU B 90 -24.61 0.55 -45.90
CA LEU B 90 -23.52 -0.31 -46.34
C LEU B 90 -23.97 -1.75 -46.18
N LYS B 91 -24.33 -2.38 -47.30
CA LYS B 91 -24.64 -3.81 -47.33
C LYS B 91 -23.34 -4.57 -47.56
N LEU B 92 -22.92 -5.35 -46.58
CA LEU B 92 -21.64 -6.02 -46.61
C LEU B 92 -21.80 -7.53 -46.68
N ARG B 93 -21.16 -8.14 -47.65
CA ARG B 93 -21.00 -9.59 -47.67
C ARG B 93 -19.93 -9.97 -46.65
N PRO B 94 -20.11 -11.07 -45.92
CA PRO B 94 -19.10 -11.46 -44.93
C PRO B 94 -17.73 -11.64 -45.58
N GLY B 95 -16.72 -11.05 -44.94
CA GLY B 95 -15.36 -11.11 -45.45
C GLY B 95 -15.07 -10.15 -46.58
N GLY B 96 -16.06 -9.41 -47.07
CA GLY B 96 -15.86 -8.44 -48.13
C GLY B 96 -15.75 -7.04 -47.54
N ALA B 97 -14.86 -6.24 -48.12
CA ALA B 97 -14.60 -4.89 -47.65
C ALA B 97 -15.11 -3.87 -48.67
N GLN B 98 -15.64 -2.77 -48.17
CA GLN B 98 -16.06 -1.65 -49.01
C GLN B 98 -15.39 -0.39 -48.50
N THR B 99 -14.96 0.46 -49.43
CA THR B 99 -14.22 1.68 -49.11
C THR B 99 -15.13 2.87 -49.33
N LEU B 100 -15.45 3.57 -48.25
CA LEU B 100 -16.28 4.77 -48.30
C LEU B 100 -15.39 6.00 -48.42
N GLN B 101 -15.84 6.96 -49.22
CA GLN B 101 -15.16 8.25 -49.37
C GLN B 101 -15.89 9.29 -48.53
N VAL B 102 -15.18 9.88 -47.57
CA VAL B 102 -15.74 10.86 -46.66
C VAL B 102 -14.95 12.15 -46.81
N HIS B 103 -15.67 13.26 -47.01
CA HIS B 103 -15.06 14.56 -47.24
C HIS B 103 -15.46 15.50 -46.11
N VAL B 104 -14.48 16.20 -45.54
CA VAL B 104 -14.69 17.12 -44.44
C VAL B 104 -14.14 18.48 -44.82
N ARG B 105 -14.87 19.53 -44.42
CA ARG B 105 -14.45 20.90 -44.65
C ARG B 105 -15.02 21.76 -43.52
N GLN B 106 -14.16 22.53 -42.87
CA GLN B 106 -14.58 23.39 -41.78
C GLN B 106 -15.08 24.72 -42.32
N THR B 107 -16.26 25.14 -41.87
CA THR B 107 -16.82 26.40 -42.33
C THR B 107 -16.04 27.58 -41.77
N GLU B 108 -16.09 28.71 -42.47
CA GLU B 108 -15.29 29.85 -42.11
C GLU B 108 -15.69 30.42 -40.75
N ASP B 109 -16.99 30.46 -40.47
CA ASP B 109 -17.52 31.00 -39.21
C ASP B 109 -18.27 29.89 -38.49
N TYR B 110 -17.75 29.48 -37.34
CA TYR B 110 -18.35 28.41 -36.56
C TYR B 110 -18.35 28.82 -35.09
N PRO B 111 -19.49 28.69 -34.39
CA PRO B 111 -19.52 29.10 -32.98
C PRO B 111 -18.56 28.28 -32.13
N VAL B 112 -18.14 28.89 -31.01
CA VAL B 112 -17.15 28.31 -30.12
C VAL B 112 -17.62 28.50 -28.68
N ASP B 113 -17.76 27.40 -27.95
CA ASP B 113 -17.97 27.44 -26.50
C ASP B 113 -16.65 27.14 -25.81
N LEU B 114 -16.36 27.89 -24.75
CA LEU B 114 -15.14 27.69 -23.98
C LEU B 114 -15.47 27.75 -22.50
N TYR B 115 -15.29 26.64 -21.80
CA TYR B 115 -15.48 26.57 -20.36
C TYR B 115 -14.11 26.60 -19.68
N TYR B 116 -13.89 27.61 -18.84
CA TYR B 116 -12.61 27.82 -18.17
C TYR B 116 -12.68 27.13 -16.81
N LEU B 117 -12.04 25.96 -16.71
CA LEU B 117 -12.04 25.17 -15.49
C LEU B 117 -10.67 25.31 -14.82
N MET B 118 -10.66 25.88 -13.62
CA MET B 118 -9.42 26.35 -13.00
C MET B 118 -9.21 25.73 -11.64
N ASP B 119 -7.99 25.24 -11.41
CA ASP B 119 -7.53 24.90 -10.07
C ASP B 119 -7.54 26.14 -9.19
N LEU B 120 -8.20 26.05 -8.04
CA LEU B 120 -8.25 27.16 -7.08
C LEU B 120 -7.61 26.79 -5.75
N SER B 121 -6.70 25.83 -5.75
CA SER B 121 -5.90 25.59 -4.55
C SER B 121 -5.00 26.80 -4.29
N ALA B 122 -4.28 26.76 -3.16
CA ALA B 122 -3.61 27.95 -2.68
C ALA B 122 -2.53 28.44 -3.64
N SER B 123 -1.95 27.55 -4.45
CA SER B 123 -0.89 27.95 -5.36
C SER B 123 -1.39 28.72 -6.57
N MET B 124 -2.70 28.95 -6.69
CA MET B 124 -3.28 29.64 -7.82
C MET B 124 -3.78 31.03 -7.47
N ASP B 125 -3.35 31.57 -6.32
CA ASP B 125 -3.73 32.94 -5.96
C ASP B 125 -3.15 33.94 -6.94
N ASP B 126 -1.86 33.81 -7.24
CA ASP B 126 -1.24 34.69 -8.24
C ASP B 126 -1.93 34.56 -9.58
N ASP B 127 -2.35 33.34 -9.95
CA ASP B 127 -3.02 33.13 -11.22
C ASP B 127 -4.30 33.94 -11.31
N LEU B 128 -5.11 33.94 -10.24
CA LEU B 128 -6.33 34.73 -10.23
C LEU B 128 -6.05 36.20 -10.48
N ASN B 129 -4.91 36.70 -10.02
CA ASN B 129 -4.64 38.14 -10.12
C ASN B 129 -4.33 38.57 -11.54
N THR B 130 -3.79 37.68 -12.38
CA THR B 130 -3.37 38.06 -13.72
C THR B 130 -4.43 37.78 -14.78
N ILE B 131 -5.57 37.20 -14.42
CA ILE B 131 -6.63 36.92 -15.39
C ILE B 131 -7.87 37.73 -15.06
N LYS B 132 -7.70 38.87 -14.38
CA LYS B 132 -8.85 39.69 -14.02
C LYS B 132 -9.58 40.21 -15.24
N GLU B 133 -8.90 40.34 -16.37
CA GLU B 133 -9.50 40.84 -17.60
C GLU B 133 -9.34 39.83 -18.74
N LEU B 134 -9.20 38.55 -18.40
CA LEU B 134 -9.07 37.53 -19.44
C LEU B 134 -10.35 37.42 -20.27
N GLY B 135 -11.51 37.53 -19.62
CA GLY B 135 -12.76 37.40 -20.34
C GLY B 135 -12.87 38.36 -21.51
N SER B 136 -12.54 39.63 -21.29
CA SER B 136 -12.61 40.62 -22.36
C SER B 136 -11.49 40.41 -23.37
N ARG B 137 -10.26 40.18 -22.90
CA ARG B 137 -9.14 39.97 -23.81
C ARG B 137 -9.38 38.75 -24.70
N LEU B 138 -9.81 37.64 -24.10
CA LEU B 138 -10.03 36.43 -24.87
C LEU B 138 -11.17 36.60 -25.86
N SER B 139 -12.29 37.16 -25.41
CA SER B 139 -13.43 37.32 -26.30
C SER B 139 -13.13 38.30 -27.43
N LYS B 140 -12.28 39.30 -27.18
CA LYS B 140 -11.93 40.24 -28.23
C LYS B 140 -11.08 39.57 -29.30
N GLU B 141 -10.15 38.70 -28.90
CA GLU B 141 -9.33 38.00 -29.89
C GLU B 141 -10.14 36.93 -30.61
N MET B 142 -11.08 36.28 -29.93
CA MET B 142 -11.93 35.29 -30.58
C MET B 142 -12.94 35.94 -31.51
N SER B 143 -13.25 37.22 -31.32
CA SER B 143 -14.18 37.90 -32.22
C SER B 143 -13.62 37.99 -33.63
N LYS B 144 -12.29 38.00 -33.77
CA LYS B 144 -11.67 38.04 -35.09
C LYS B 144 -11.80 36.70 -35.82
N LEU B 145 -12.08 35.62 -35.08
CA LEU B 145 -12.08 34.27 -35.63
C LEU B 145 -13.48 33.68 -35.75
N THR B 146 -14.39 34.00 -34.84
CA THR B 146 -15.75 33.51 -34.88
C THR B 146 -16.68 34.61 -34.37
N SER B 147 -17.86 34.70 -34.97
CA SER B 147 -18.85 35.69 -34.56
C SER B 147 -19.72 35.22 -33.41
N ASN B 148 -19.60 33.95 -33.00
CA ASN B 148 -20.38 33.39 -31.90
C ASN B 148 -19.41 32.73 -30.92
N PHE B 149 -18.87 33.53 -30.00
CA PHE B 149 -18.01 33.03 -28.93
C PHE B 149 -18.70 33.23 -27.59
N ARG B 150 -18.78 32.15 -26.80
CA ARG B 150 -19.33 32.20 -25.46
C ARG B 150 -18.34 31.53 -24.51
N LEU B 151 -18.29 32.01 -23.28
CA LEU B 151 -17.35 31.47 -22.31
C LEU B 151 -18.01 31.37 -20.93
N GLY B 152 -17.61 30.35 -20.18
CA GLY B 152 -18.08 30.15 -18.83
C GLY B 152 -16.92 29.82 -17.92
N PHE B 153 -17.23 29.72 -16.62
CA PHE B 153 -16.19 29.55 -15.62
C PHE B 153 -16.60 28.52 -14.57
N GLY B 154 -15.62 27.73 -14.13
CA GLY B 154 -15.83 26.81 -13.03
C GLY B 154 -14.50 26.58 -12.33
N SER B 155 -14.58 26.10 -11.09
CA SER B 155 -13.40 25.91 -10.26
C SER B 155 -13.47 24.57 -9.54
N PHE B 156 -12.30 24.06 -9.19
CA PHE B 156 -12.18 22.81 -8.45
C PHE B 156 -11.00 22.91 -7.51
N VAL B 157 -11.08 22.22 -6.38
CA VAL B 157 -9.92 22.03 -5.53
C VAL B 157 -9.69 20.55 -5.23
N GLU B 158 -10.60 19.93 -4.51
CA GLU B 158 -10.36 18.58 -3.99
C GLU B 158 -11.60 18.07 -3.29
N LYS B 159 -11.71 16.74 -3.22
CA LYS B 159 -12.75 16.12 -2.40
C LYS B 159 -12.57 16.57 -0.96
N PRO B 160 -13.55 17.25 -0.36
CA PRO B 160 -13.37 17.80 0.99
C PRO B 160 -13.54 16.76 2.10
N VAL B 161 -12.70 15.73 2.07
CA VAL B 161 -12.72 14.67 3.07
C VAL B 161 -11.30 14.28 3.44
N SER B 162 -11.17 13.65 4.60
CA SER B 162 -9.89 13.11 5.01
C SER B 162 -9.53 11.91 4.13
N PRO B 163 -8.23 11.69 3.87
CA PRO B 163 -7.04 12.40 4.33
C PRO B 163 -6.57 13.51 3.41
N PHE B 164 -7.43 13.96 2.50
CA PHE B 164 -7.05 14.97 1.52
C PHE B 164 -7.14 16.39 2.07
N VAL B 165 -7.79 16.58 3.22
CA VAL B 165 -7.88 17.88 3.86
C VAL B 165 -7.68 17.71 5.36
N LYS B 166 -7.24 18.80 6.00
CA LYS B 166 -7.28 18.86 7.45
C LYS B 166 -8.73 18.90 7.91
N THR B 167 -9.05 18.16 8.98
CA THR B 167 -10.43 17.99 9.42
C THR B 167 -10.65 18.51 10.83
N THR B 168 -9.79 19.39 11.32
CA THR B 168 -10.10 20.09 12.55
C THR B 168 -11.10 21.21 12.27
N PRO B 169 -11.92 21.59 13.25
CA PRO B 169 -12.90 22.67 12.99
C PRO B 169 -12.26 23.92 12.40
N GLU B 170 -11.12 24.35 12.92
CA GLU B 170 -10.47 25.56 12.42
C GLU B 170 -10.06 25.39 10.96
N GLU B 171 -9.48 24.22 10.62
CA GLU B 171 -9.03 24.01 9.25
C GLU B 171 -10.18 23.79 8.29
N ILE B 172 -11.30 23.22 8.77
CA ILE B 172 -12.47 23.07 7.92
C ILE B 172 -13.03 24.44 7.57
N ALA B 173 -13.20 25.31 8.56
CA ALA B 173 -13.74 26.64 8.31
C ALA B 173 -12.81 27.47 7.44
N ASN B 174 -11.50 27.33 7.66
CA ASN B 174 -10.51 28.10 6.90
C ASN B 174 -9.25 27.27 6.76
N PRO B 175 -9.11 26.53 5.64
CA PRO B 175 -7.98 25.62 5.50
C PRO B 175 -6.62 26.31 5.47
N CYS B 176 -6.61 27.65 5.47
CA CYS B 176 -5.37 28.42 5.54
C CYS B 176 -5.23 29.16 6.87
N SER B 177 -6.08 28.85 7.85
CA SER B 177 -6.01 29.55 9.13
C SER B 177 -4.63 29.46 9.77
N SER B 178 -3.84 28.44 9.42
CA SER B 178 -2.53 28.25 10.02
C SER B 178 -1.46 29.18 9.46
N ILE B 179 -1.75 29.90 8.37
CA ILE B 179 -0.72 30.67 7.67
C ILE B 179 -0.39 31.94 8.44
N PRO B 180 -1.35 32.85 8.73
CA PRO B 180 -2.76 32.87 8.35
C PRO B 180 -3.04 33.56 7.02
N TYR B 181 -4.13 33.15 6.38
CA TYR B 181 -4.54 33.68 5.10
C TYR B 181 -6.01 33.32 4.91
N PHE B 182 -6.73 34.13 4.15
CA PHE B 182 -8.15 33.91 3.96
C PHE B 182 -8.36 32.96 2.79
N CYS B 183 -8.79 31.73 3.10
CA CYS B 183 -9.14 30.74 2.10
C CYS B 183 -10.55 30.25 2.39
N LEU B 184 -11.30 29.96 1.34
CA LEU B 184 -12.62 29.38 1.54
C LEU B 184 -12.50 27.89 1.83
N PRO B 185 -13.46 27.31 2.55
CA PRO B 185 -13.41 25.87 2.83
C PRO B 185 -13.25 25.06 1.55
N THR B 186 -12.51 23.96 1.66
CA THR B 186 -12.23 23.13 0.49
C THR B 186 -13.52 22.66 -0.15
N PHE B 187 -13.51 22.57 -1.48
CA PHE B 187 -14.68 22.17 -2.25
C PHE B 187 -14.23 21.35 -3.45
N GLY B 188 -15.10 20.45 -3.91
CA GLY B 188 -14.78 19.59 -5.03
C GLY B 188 -14.83 20.29 -6.37
N PHE B 189 -16.03 20.71 -6.79
CA PHE B 189 -16.18 21.41 -8.05
C PHE B 189 -17.33 22.40 -7.95
N LYS B 190 -17.05 23.65 -8.30
CA LYS B 190 -18.04 24.72 -8.31
C LYS B 190 -18.26 25.18 -9.75
N HIS B 191 -19.45 24.92 -10.28
CA HIS B 191 -19.87 25.51 -11.55
C HIS B 191 -20.43 26.89 -11.25
N ILE B 192 -19.76 27.93 -11.73
CA ILE B 192 -20.02 29.30 -11.30
C ILE B 192 -20.74 30.10 -12.39
N LEU B 193 -20.24 30.04 -13.62
CA LEU B 193 -20.79 30.82 -14.72
C LEU B 193 -21.10 29.92 -15.91
N PRO B 194 -22.38 29.72 -16.26
CA PRO B 194 -22.68 29.03 -17.51
C PRO B 194 -22.17 29.82 -18.71
N LEU B 195 -22.07 29.13 -19.84
CA LEU B 195 -21.56 29.76 -21.05
C LEU B 195 -22.40 30.97 -21.42
N THR B 196 -21.72 32.08 -21.69
CA THR B 196 -22.38 33.33 -22.06
C THR B 196 -21.45 34.15 -22.93
N ASN B 197 -22.06 35.06 -23.70
CA ASN B 197 -21.30 36.03 -24.48
C ASN B 197 -20.89 37.25 -23.66
N ASP B 198 -21.43 37.41 -22.46
CA ASP B 198 -21.15 38.57 -21.62
C ASP B 198 -19.76 38.40 -21.02
N ALA B 199 -18.76 38.99 -21.67
CA ALA B 199 -17.38 38.82 -21.22
C ALA B 199 -17.10 39.60 -19.94
N GLU B 200 -17.73 40.76 -19.76
CA GLU B 200 -17.58 41.49 -18.51
C GLU B 200 -18.09 40.67 -17.33
N ARG B 201 -19.15 39.89 -17.54
CA ARG B 201 -19.63 39.01 -16.49
C ARG B 201 -18.56 37.98 -16.11
N PHE B 202 -17.87 37.43 -17.11
CA PHE B 202 -16.73 36.55 -16.83
C PHE B 202 -15.67 37.28 -16.02
N ASN B 203 -15.39 38.54 -16.38
CA ASN B 203 -14.42 39.32 -15.62
C ASN B 203 -14.86 39.52 -14.17
N GLU B 204 -16.14 39.85 -13.96
CA GLU B 204 -16.61 40.15 -12.62
C GLU B 204 -16.49 38.93 -11.71
N ILE B 205 -16.89 37.76 -12.21
CA ILE B 205 -16.87 36.55 -11.38
C ILE B 205 -15.43 36.19 -11.02
N VAL B 206 -14.52 36.26 -12.00
CA VAL B 206 -13.12 35.99 -11.71
C VAL B 206 -12.60 36.92 -10.62
N LYS B 207 -12.98 38.20 -10.69
CA LYS B 207 -12.51 39.16 -9.70
C LYS B 207 -13.03 38.83 -8.29
N ASN B 208 -14.18 38.19 -8.19
CA ASN B 208 -14.78 37.87 -6.91
C ASN B 208 -14.36 36.51 -6.36
N GLN B 209 -13.51 35.78 -7.08
CA GLN B 209 -13.11 34.45 -6.64
C GLN B 209 -12.06 34.53 -5.54
N LYS B 210 -12.15 33.60 -4.60
CA LYS B 210 -11.18 33.45 -3.53
C LYS B 210 -10.65 32.03 -3.55
N ILE B 211 -9.37 31.86 -3.20
CA ILE B 211 -8.76 30.55 -3.24
C ILE B 211 -9.23 29.71 -2.07
N SER B 212 -9.07 28.40 -2.21
CA SER B 212 -9.19 27.43 -1.13
C SER B 212 -7.84 26.73 -0.98
N ALA B 213 -7.81 25.67 -0.18
CA ALA B 213 -6.57 24.93 0.01
C ALA B 213 -6.87 23.50 0.39
N ASN B 214 -5.83 22.68 0.38
CA ASN B 214 -5.86 21.30 0.84
C ASN B 214 -4.41 20.90 1.09
N ILE B 215 -4.18 19.62 1.41
CA ILE B 215 -2.91 19.20 1.98
C ILE B 215 -2.13 18.23 1.11
N ASP B 216 -2.73 17.64 0.08
CA ASP B 216 -2.00 16.72 -0.79
C ASP B 216 -1.96 17.28 -2.21
N THR B 217 -0.82 17.07 -2.86
CA THR B 217 -0.55 17.78 -4.13
C THR B 217 -1.52 17.40 -5.23
N PRO B 218 -1.77 16.13 -5.54
CA PRO B 218 -2.73 15.81 -6.60
C PRO B 218 -4.12 16.34 -6.24
N GLU B 219 -4.76 16.97 -7.22
CA GLU B 219 -6.04 17.64 -7.03
C GLU B 219 -7.15 16.84 -7.72
N GLY B 220 -8.39 17.19 -7.38
CA GLY B 220 -9.53 16.43 -7.84
C GLY B 220 -10.21 17.04 -9.05
N GLY B 221 -9.42 17.56 -9.99
CA GLY B 221 -9.99 18.19 -11.18
C GLY B 221 -10.66 17.23 -12.12
N PHE B 222 -10.28 15.95 -12.09
CA PHE B 222 -10.94 14.97 -12.96
C PHE B 222 -12.42 14.84 -12.63
N ASP B 223 -12.79 14.97 -11.35
CA ASP B 223 -14.20 15.08 -11.01
C ASP B 223 -14.84 16.27 -11.72
N ALA B 224 -14.15 17.41 -11.74
CA ALA B 224 -14.70 18.60 -12.36
C ALA B 224 -14.80 18.44 -13.88
N ILE B 225 -13.80 17.81 -14.50
CA ILE B 225 -13.86 17.56 -15.93
C ILE B 225 -15.10 16.74 -16.28
N MET B 226 -15.33 15.66 -15.53
CA MET B 226 -16.48 14.81 -15.79
C MET B 226 -17.78 15.61 -15.77
N GLN B 227 -17.98 16.41 -14.72
CA GLN B 227 -19.21 17.18 -14.60
C GLN B 227 -19.33 18.21 -15.72
N ALA B 228 -18.21 18.85 -16.08
CA ALA B 228 -18.27 19.88 -17.11
C ALA B 228 -18.60 19.28 -18.47
N ALA B 229 -18.24 18.02 -18.71
CA ALA B 229 -18.52 17.38 -19.99
C ALA B 229 -19.94 16.83 -20.05
N VAL B 230 -20.49 16.41 -18.92
CA VAL B 230 -21.78 15.71 -18.91
C VAL B 230 -22.94 16.68 -18.72
N CYS B 231 -22.79 17.67 -17.84
CA CYS B 231 -23.90 18.56 -17.52
C CYS B 231 -24.15 19.55 -18.67
N LYS B 232 -24.65 19.04 -19.78
CA LYS B 232 -24.82 19.87 -20.98
C LYS B 232 -25.73 21.06 -20.71
N GLU B 233 -26.86 20.83 -20.02
CA GLU B 233 -27.83 21.91 -19.83
C GLU B 233 -27.29 22.97 -18.89
N LYS B 234 -26.77 22.55 -17.74
CA LYS B 234 -26.31 23.53 -16.74
C LYS B 234 -25.04 24.24 -17.20
N ILE B 235 -24.10 23.53 -17.82
CA ILE B 235 -22.92 24.17 -18.35
C ILE B 235 -23.29 25.07 -19.52
N GLY B 236 -24.18 24.61 -20.39
CA GLY B 236 -24.68 25.40 -21.49
C GLY B 236 -24.13 25.06 -22.85
N TRP B 237 -23.50 23.90 -23.03
CA TRP B 237 -23.03 23.50 -24.35
C TRP B 237 -24.19 23.53 -25.34
N ARG B 238 -23.97 24.17 -26.48
CA ARG B 238 -24.98 24.24 -27.54
C ARG B 238 -24.60 23.28 -28.66
N ASN B 239 -25.63 22.72 -29.32
CA ASN B 239 -25.39 21.89 -30.49
C ASN B 239 -24.54 22.66 -31.50
N ASP B 240 -23.88 21.94 -32.40
CA ASP B 240 -23.28 22.55 -33.59
C ASP B 240 -22.36 23.71 -33.23
N SER B 241 -21.41 23.45 -32.34
CA SER B 241 -20.38 24.43 -32.00
C SER B 241 -19.22 23.71 -31.35
N LEU B 242 -18.04 24.31 -31.43
CA LEU B 242 -16.88 23.77 -30.74
C LEU B 242 -17.11 23.83 -29.23
N HIS B 243 -16.57 22.83 -28.53
CA HIS B 243 -16.70 22.70 -27.08
C HIS B 243 -15.30 22.59 -26.50
N LEU B 244 -14.74 23.73 -26.10
CA LEU B 244 -13.39 23.79 -25.57
C LEU B 244 -13.45 23.84 -24.05
N LEU B 245 -12.97 22.79 -23.40
CA LEU B 245 -12.85 22.73 -21.94
C LEU B 245 -11.39 22.95 -21.59
N VAL B 246 -11.09 24.11 -21.02
CA VAL B 246 -9.71 24.51 -20.73
C VAL B 246 -9.45 24.19 -19.26
N PHE B 247 -8.70 23.12 -19.03
CA PHE B 247 -8.31 22.68 -17.70
C PHE B 247 -7.01 23.37 -17.31
N VAL B 248 -7.08 24.21 -16.26
CA VAL B 248 -5.97 25.07 -15.86
C VAL B 248 -5.55 24.66 -14.45
N SER B 249 -4.36 24.09 -14.32
CA SER B 249 -3.87 23.63 -13.03
C SER B 249 -2.35 23.56 -13.07
N ASP B 250 -1.75 23.46 -11.88
CA ASP B 250 -0.31 23.31 -11.73
C ASP B 250 0.04 22.07 -10.92
N ALA B 251 -0.81 21.04 -10.99
CA ALA B 251 -0.59 19.84 -10.20
C ALA B 251 -1.16 18.64 -10.95
N ASP B 252 -0.63 17.46 -10.64
CA ASP B 252 -1.20 16.24 -11.18
C ASP B 252 -2.60 16.03 -10.60
N SER B 253 -3.30 15.02 -11.13
CA SER B 253 -4.70 14.80 -10.82
C SER B 253 -4.91 13.43 -10.17
N HIS B 254 -5.80 13.40 -9.19
CA HIS B 254 -6.30 12.13 -8.68
C HIS B 254 -7.13 11.43 -9.74
N PHE B 255 -7.16 10.10 -9.68
CA PHE B 255 -7.95 9.33 -10.62
C PHE B 255 -8.44 8.05 -9.94
N GLY B 256 -9.55 7.54 -10.45
CA GLY B 256 -10.09 6.27 -10.02
C GLY B 256 -10.11 6.05 -8.52
N MET B 257 -9.44 4.99 -8.07
CA MET B 257 -9.55 4.50 -6.70
C MET B 257 -8.62 5.22 -5.73
N ASP B 258 -8.06 6.37 -6.11
CA ASP B 258 -7.38 7.20 -5.12
C ASP B 258 -8.29 7.51 -3.95
N SER B 259 -9.58 7.73 -4.23
CA SER B 259 -10.55 8.06 -3.20
C SER B 259 -10.70 6.94 -2.17
N LYS B 260 -10.21 5.74 -2.47
CA LYS B 260 -10.32 4.64 -1.52
C LYS B 260 -9.66 4.98 -0.19
N LEU B 261 -8.65 5.85 -0.20
CA LEU B 261 -8.04 6.28 1.05
C LEU B 261 -9.05 7.01 1.94
N ALA B 262 -10.03 7.68 1.34
CA ALA B 262 -11.06 8.40 2.08
C ALA B 262 -12.29 7.56 2.35
N GLY B 263 -12.26 6.27 2.03
CA GLY B 263 -13.43 5.43 2.21
C GLY B 263 -14.47 5.53 1.12
N ILE B 264 -14.10 6.06 -0.03
CA ILE B 264 -15.02 6.24 -1.16
C ILE B 264 -14.72 5.13 -2.15
N VAL B 265 -15.60 4.13 -2.20
CA VAL B 265 -15.36 2.92 -2.99
C VAL B 265 -16.54 2.59 -3.90
N CYS B 266 -17.30 3.61 -4.31
CA CYS B 266 -18.36 3.43 -5.28
C CYS B 266 -17.96 4.12 -6.59
N PRO B 267 -17.81 3.39 -7.69
CA PRO B 267 -17.24 4.00 -8.90
C PRO B 267 -18.07 5.19 -9.39
N ASN B 268 -17.38 6.12 -10.05
CA ASN B 268 -18.06 7.23 -10.72
C ASN B 268 -19.10 6.68 -11.70
N ASP B 269 -20.19 7.42 -11.85
CA ASP B 269 -21.30 6.98 -12.69
C ASP B 269 -21.46 7.82 -13.95
N GLY B 270 -20.58 8.79 -14.19
CA GLY B 270 -20.67 9.57 -15.40
C GLY B 270 -21.94 10.36 -15.59
N LEU B 271 -22.66 10.63 -14.50
CA LEU B 271 -23.90 11.39 -14.53
C LEU B 271 -23.69 12.76 -13.91
N CYS B 272 -24.55 13.70 -14.30
CA CYS B 272 -24.48 15.05 -13.76
C CYS B 272 -25.01 15.06 -12.33
N HIS B 273 -24.24 15.66 -11.43
CA HIS B 273 -24.59 15.74 -10.01
C HIS B 273 -24.34 17.14 -9.47
N LEU B 274 -24.82 18.15 -10.19
CA LEU B 274 -24.73 19.54 -9.73
C LEU B 274 -25.98 19.87 -8.92
N ASP B 275 -25.79 20.28 -7.68
CA ASP B 275 -26.89 20.53 -6.77
C ASP B 275 -27.39 21.97 -6.93
N SER B 276 -28.23 22.41 -5.98
CA SER B 276 -28.85 23.73 -6.11
C SER B 276 -27.81 24.84 -6.13
N LYS B 277 -26.73 24.68 -5.37
CA LYS B 277 -25.64 25.65 -5.38
C LYS B 277 -24.71 25.47 -6.58
N ASN B 278 -25.08 24.63 -7.55
CA ASN B 278 -24.23 24.30 -8.68
C ASN B 278 -22.89 23.76 -8.22
N GLU B 279 -22.92 22.91 -7.19
CA GLU B 279 -21.74 22.22 -6.70
C GLU B 279 -21.91 20.72 -6.91
N TYR B 280 -20.80 20.06 -7.24
CA TYR B 280 -20.79 18.61 -7.43
C TYR B 280 -21.11 17.92 -6.11
N SER B 281 -22.31 17.34 -6.02
CA SER B 281 -22.78 16.81 -4.74
C SER B 281 -22.17 15.46 -4.39
N MET B 282 -21.78 14.68 -5.39
CA MET B 282 -21.21 13.35 -5.17
C MET B 282 -19.70 13.40 -4.94
N SER B 283 -19.14 14.58 -4.64
CA SER B 283 -17.70 14.68 -4.44
C SER B 283 -17.22 13.74 -3.35
N THR B 284 -18.00 13.60 -2.28
CA THR B 284 -17.64 12.77 -1.15
C THR B 284 -18.27 11.39 -1.20
N VAL B 285 -18.91 11.03 -2.33
CA VAL B 285 -19.67 9.80 -2.44
C VAL B 285 -19.07 8.86 -3.48
N LEU B 286 -18.61 9.39 -4.61
CA LEU B 286 -18.17 8.58 -5.74
C LEU B 286 -16.67 8.73 -5.94
N GLU B 287 -16.04 7.65 -6.42
CA GLU B 287 -14.62 7.68 -6.73
C GLU B 287 -14.33 8.75 -7.78
N TYR B 288 -13.06 9.13 -7.87
CA TYR B 288 -12.62 9.94 -9.00
C TYR B 288 -12.89 9.16 -10.29
N PRO B 289 -13.21 9.84 -11.39
CA PRO B 289 -13.34 9.13 -12.66
C PRO B 289 -12.00 8.57 -13.11
N THR B 290 -12.07 7.47 -13.86
CA THR B 290 -10.89 6.91 -14.49
C THR B 290 -10.70 7.56 -15.86
N ILE B 291 -9.53 7.34 -16.45
CA ILE B 291 -9.26 7.87 -17.78
C ILE B 291 -10.26 7.30 -18.77
N GLY B 292 -10.50 6.00 -18.71
CA GLY B 292 -11.46 5.38 -19.61
C GLY B 292 -12.85 6.00 -19.48
N GLN B 293 -13.26 6.31 -18.25
CA GLN B 293 -14.56 6.95 -18.05
C GLN B 293 -14.58 8.36 -18.65
N LEU B 294 -13.51 9.14 -18.42
CA LEU B 294 -13.44 10.47 -19.00
C LEU B 294 -13.48 10.42 -20.52
N ILE B 295 -12.72 9.49 -21.11
CA ILE B 295 -12.73 9.36 -22.57
C ILE B 295 -14.16 9.11 -23.06
N ASP B 296 -14.88 8.23 -22.39
CA ASP B 296 -16.22 7.86 -22.83
C ASP B 296 -17.13 9.10 -22.88
N LYS B 297 -17.10 9.92 -21.83
CA LYS B 297 -18.02 11.05 -21.74
C LYS B 297 -17.53 12.25 -22.51
N LEU B 298 -16.22 12.42 -22.68
CA LEU B 298 -15.73 13.53 -23.50
C LEU B 298 -16.07 13.31 -24.97
N VAL B 299 -15.95 12.07 -25.46
CA VAL B 299 -16.32 11.78 -26.84
C VAL B 299 -17.83 11.88 -27.02
N GLN B 300 -18.59 11.31 -26.07
CA GLN B 300 -20.04 11.30 -26.18
C GLN B 300 -20.61 12.71 -26.23
N ASN B 301 -19.99 13.65 -25.52
CA ASN B 301 -20.47 15.03 -25.45
C ASN B 301 -19.71 15.96 -26.39
N ASN B 302 -18.83 15.42 -27.24
CA ASN B 302 -18.12 16.20 -28.24
C ASN B 302 -17.38 17.37 -27.58
N VAL B 303 -16.63 17.06 -26.53
CA VAL B 303 -15.87 18.05 -25.77
C VAL B 303 -14.39 17.87 -26.07
N LEU B 304 -13.72 18.95 -26.44
CA LEU B 304 -12.27 18.95 -26.65
C LEU B 304 -11.59 19.48 -25.41
N LEU B 305 -10.67 18.70 -24.85
CA LEU B 305 -10.00 19.03 -23.60
C LEU B 305 -8.65 19.68 -23.89
N ILE B 306 -8.37 20.76 -23.18
CA ILE B 306 -7.10 21.48 -23.30
C ILE B 306 -6.47 21.52 -21.91
N PHE B 307 -5.34 20.84 -21.75
CA PHE B 307 -4.60 20.85 -20.50
C PHE B 307 -3.63 22.03 -20.51
N ALA B 308 -3.96 23.08 -19.77
CA ALA B 308 -3.09 24.25 -19.61
C ALA B 308 -2.39 24.10 -18.26
N VAL B 309 -1.23 23.45 -18.27
CA VAL B 309 -0.54 23.07 -17.05
C VAL B 309 0.89 23.59 -17.07
N THR B 310 1.49 23.68 -15.89
CA THR B 310 2.82 24.23 -15.74
C THR B 310 3.88 23.23 -16.21
N GLN B 311 5.10 23.74 -16.36
CA GLN B 311 6.20 22.94 -16.89
C GLN B 311 6.31 21.58 -16.20
N GLU B 312 6.24 21.57 -14.86
CA GLU B 312 6.47 20.34 -14.11
C GLU B 312 5.45 19.26 -14.44
N GLN B 313 4.28 19.63 -14.95
CA GLN B 313 3.19 18.68 -15.18
C GLN B 313 2.96 18.36 -16.64
N VAL B 314 3.68 18.99 -17.57
CA VAL B 314 3.37 18.86 -18.99
C VAL B 314 3.50 17.40 -19.43
N HIS B 315 4.63 16.77 -19.11
CA HIS B 315 4.88 15.41 -19.60
C HIS B 315 3.78 14.47 -19.14
N LEU B 316 3.33 14.59 -17.89
CA LEU B 316 2.25 13.75 -17.39
C LEU B 316 0.98 13.95 -18.22
N TYR B 317 0.54 15.20 -18.36
CA TYR B 317 -0.72 15.46 -19.05
C TYR B 317 -0.62 15.23 -20.55
N GLU B 318 0.57 15.35 -21.13
CA GLU B 318 0.74 14.98 -22.53
C GLU B 318 0.49 13.48 -22.72
N ASN B 319 0.99 12.66 -21.79
CA ASN B 319 0.71 11.23 -21.85
C ASN B 319 -0.78 10.96 -21.72
N TYR B 320 -1.47 11.67 -20.82
CA TYR B 320 -2.92 11.58 -20.75
C TYR B 320 -3.56 11.99 -22.07
N ALA B 321 -3.06 13.07 -22.68
CA ALA B 321 -3.65 13.57 -23.92
C ALA B 321 -3.48 12.60 -25.08
N LYS B 322 -2.44 11.76 -25.04
CA LYS B 322 -2.28 10.74 -26.07
C LYS B 322 -3.48 9.79 -26.08
N LEU B 323 -4.03 9.49 -24.91
CA LEU B 323 -5.14 8.55 -24.81
C LEU B 323 -6.47 9.20 -25.12
N ILE B 324 -6.63 10.48 -24.82
CA ILE B 324 -7.91 11.17 -24.92
C ILE B 324 -8.04 11.71 -26.35
N PRO B 325 -9.07 11.34 -27.10
CA PRO B 325 -9.21 11.86 -28.47
C PRO B 325 -9.38 13.37 -28.46
N GLY B 326 -8.60 14.05 -29.31
CA GLY B 326 -8.70 15.48 -29.48
C GLY B 326 -8.07 16.32 -28.38
N ALA B 327 -7.55 15.69 -27.32
CA ALA B 327 -6.95 16.45 -26.24
C ALA B 327 -5.60 17.01 -26.65
N THR B 328 -5.27 18.19 -26.12
CA THR B 328 -3.98 18.83 -26.35
C THR B 328 -3.48 19.39 -25.04
N VAL B 329 -2.23 19.83 -25.04
CA VAL B 329 -1.55 20.32 -23.84
C VAL B 329 -0.86 21.63 -24.15
N GLY B 330 -0.95 22.58 -23.23
CA GLY B 330 -0.27 23.86 -23.37
C GLY B 330 0.54 24.16 -22.13
N LEU B 331 1.72 24.75 -22.33
CA LEU B 331 2.62 25.05 -21.23
C LEU B 331 2.19 26.36 -20.58
N LEU B 332 1.76 26.27 -19.32
CA LEU B 332 1.23 27.40 -18.58
C LEU B 332 2.29 27.99 -17.67
N GLN B 333 2.36 29.32 -17.63
CA GLN B 333 3.26 29.98 -16.71
C GLN B 333 2.74 29.83 -15.28
N LYS B 334 3.63 30.07 -14.31
CA LYS B 334 3.29 29.89 -12.92
C LYS B 334 2.19 30.85 -12.46
N ASP B 335 1.94 31.92 -13.22
CA ASP B 335 0.90 32.88 -12.88
C ASP B 335 -0.19 32.98 -13.95
N SER B 336 -0.23 32.02 -14.88
CA SER B 336 -1.20 32.02 -15.98
C SER B 336 -1.07 33.25 -16.87
N GLY B 337 0.09 33.89 -16.86
CA GLY B 337 0.28 35.10 -17.65
C GLY B 337 0.09 34.89 -19.14
N ASN B 338 0.24 33.65 -19.62
CA ASN B 338 0.19 33.35 -21.05
C ASN B 338 -1.02 32.50 -21.42
N ILE B 339 -2.05 32.46 -20.56
CA ILE B 339 -3.19 31.57 -20.82
C ILE B 339 -3.91 31.99 -22.09
N LEU B 340 -3.98 33.30 -22.36
CA LEU B 340 -4.64 33.76 -23.57
C LEU B 340 -3.94 33.22 -24.80
N GLN B 341 -2.61 33.27 -24.82
CA GLN B 341 -1.87 32.77 -25.98
C GLN B 341 -2.04 31.27 -26.15
N LEU B 342 -2.04 30.52 -25.05
CA LEU B 342 -2.27 29.08 -25.14
C LEU B 342 -3.61 28.78 -25.80
N ILE B 343 -4.67 29.46 -25.35
CA ILE B 343 -6.01 29.17 -25.86
C ILE B 343 -6.08 29.45 -27.35
N ILE B 344 -5.56 30.61 -27.79
CA ILE B 344 -5.62 30.96 -29.20
C ILE B 344 -4.81 29.97 -30.03
N SER B 345 -3.63 29.58 -29.54
CA SER B 345 -2.83 28.60 -30.26
C SER B 345 -3.58 27.28 -30.42
N ALA B 346 -4.18 26.79 -29.33
CA ALA B 346 -4.92 25.54 -29.39
C ALA B 346 -6.08 25.65 -30.37
N TYR B 347 -6.84 26.74 -30.32
CA TYR B 347 -7.95 26.92 -31.25
C TYR B 347 -7.46 26.94 -32.69
N GLU B 348 -6.39 27.69 -32.96
CA GLU B 348 -5.87 27.77 -34.32
C GLU B 348 -5.39 26.40 -34.80
N GLU B 349 -4.72 25.65 -33.93
CA GLU B 349 -4.31 24.30 -34.30
C GLU B 349 -5.52 23.42 -34.61
N LEU B 350 -6.60 23.59 -33.85
CA LEU B 350 -7.81 22.82 -34.11
C LEU B 350 -8.41 23.16 -35.46
N ARG B 351 -8.55 24.47 -35.74
CA ARG B 351 -9.04 24.89 -37.06
C ARG B 351 -8.08 24.52 -38.18
N SER B 352 -6.86 24.09 -37.85
CA SER B 352 -5.87 23.69 -38.83
C SER B 352 -5.81 22.19 -39.05
N GLU B 353 -6.68 21.43 -38.40
CA GLU B 353 -6.66 19.97 -38.49
C GLU B 353 -8.07 19.44 -38.72
N VAL B 354 -8.12 18.21 -39.25
CA VAL B 354 -9.35 17.47 -39.44
C VAL B 354 -9.04 16.02 -39.09
N GLU B 355 -9.59 15.54 -37.97
CA GLU B 355 -9.40 14.16 -37.54
C GLU B 355 -10.74 13.45 -37.57
N LEU B 356 -10.77 12.28 -38.20
CA LEU B 356 -12.00 11.50 -38.27
C LEU B 356 -12.17 10.68 -37.00
N GLU B 357 -13.42 10.42 -36.66
CA GLU B 357 -13.81 9.70 -35.45
C GLU B 357 -14.95 8.77 -35.81
N VAL B 358 -14.85 7.51 -35.42
CA VAL B 358 -15.88 6.51 -35.68
C VAL B 358 -16.49 6.12 -34.34
N LEU B 359 -17.79 6.38 -34.19
CA LEU B 359 -18.53 6.03 -32.99
C LEU B 359 -19.67 5.08 -33.35
N GLY B 360 -20.17 4.39 -32.33
CA GLY B 360 -21.29 3.50 -32.52
C GLY B 360 -20.95 2.03 -32.31
N ASP B 361 -21.67 1.15 -32.99
CA ASP B 361 -21.51 -0.30 -32.85
C ASP B 361 -20.40 -0.76 -33.79
N THR B 362 -19.16 -0.56 -33.35
CA THR B 362 -17.99 -0.88 -34.15
C THR B 362 -17.19 -2.06 -33.63
N GLU B 363 -17.49 -2.57 -32.42
CA GLU B 363 -16.77 -3.71 -31.91
C GLU B 363 -16.93 -4.91 -32.85
N GLY B 364 -15.81 -5.55 -33.18
CA GLY B 364 -15.81 -6.67 -34.09
C GLY B 364 -15.68 -6.30 -35.55
N LEU B 365 -15.56 -5.02 -35.87
CA LEU B 365 -15.40 -4.56 -37.24
C LEU B 365 -13.94 -4.24 -37.53
N ASN B 366 -13.53 -4.49 -38.77
CA ASN B 366 -12.21 -4.12 -39.26
C ASN B 366 -12.31 -2.83 -40.04
N LEU B 367 -11.51 -1.84 -39.67
CA LEU B 367 -11.54 -0.52 -40.29
C LEU B 367 -10.14 -0.16 -40.75
N SER B 368 -10.04 0.44 -41.94
CA SER B 368 -8.81 1.00 -42.45
C SER B 368 -9.06 2.44 -42.85
N PHE B 369 -8.13 3.32 -42.50
CA PHE B 369 -8.25 4.74 -42.80
C PHE B 369 -7.06 5.18 -43.64
N THR B 370 -7.35 5.84 -44.76
CA THR B 370 -6.35 6.51 -45.57
C THR B 370 -6.78 7.97 -45.74
N ALA B 371 -5.95 8.88 -45.26
CA ALA B 371 -6.26 10.31 -45.32
C ALA B 371 -5.59 10.90 -46.55
N ILE B 372 -6.37 11.67 -47.32
CA ILE B 372 -5.89 12.35 -48.52
C ILE B 372 -6.21 13.83 -48.35
N CYS B 373 -5.18 14.65 -48.23
CA CYS B 373 -5.29 16.10 -48.11
C CYS B 373 -4.58 16.74 -49.30
N ASN B 374 -4.73 18.07 -49.44
CA ASN B 374 -3.98 18.74 -50.51
C ASN B 374 -4.28 18.03 -51.82
N ASN B 375 -5.37 18.42 -52.47
CA ASN B 375 -6.36 17.56 -53.12
C ASN B 375 -5.95 16.14 -53.50
N GLY B 376 -5.04 15.96 -54.45
CA GLY B 376 -4.67 14.61 -54.84
C GLY B 376 -3.20 14.34 -54.59
N THR B 377 -2.52 15.39 -54.13
CA THR B 377 -1.06 15.35 -54.05
C THR B 377 -0.59 14.40 -52.95
N LEU B 378 -1.29 14.35 -51.82
CA LEU B 378 -0.80 13.65 -50.63
C LEU B 378 -1.74 12.52 -50.24
N PHE B 379 -1.16 11.34 -49.98
CA PHE B 379 -1.87 10.19 -49.44
C PHE B 379 -1.12 9.69 -48.21
N GLN B 380 -1.85 9.46 -47.12
CA GLN B 380 -1.27 8.96 -45.89
C GLN B 380 -2.25 8.04 -45.18
N HIS B 381 -1.72 6.99 -44.54
CA HIS B 381 -2.55 5.99 -43.87
C HIS B 381 -2.82 6.41 -42.43
N GLN B 382 -3.56 7.52 -42.31
CA GLN B 382 -3.98 8.04 -41.02
C GLN B 382 -5.47 8.37 -41.11
N LYS B 383 -6.01 8.85 -39.98
CA LYS B 383 -7.37 9.37 -39.93
C LYS B 383 -7.39 10.87 -39.67
N LYS B 384 -6.30 11.57 -39.99
CA LYS B 384 -6.23 13.01 -39.74
C LYS B 384 -5.43 13.69 -40.84
N CYS B 385 -5.88 14.88 -41.24
CA CYS B 385 -5.15 15.78 -42.11
C CYS B 385 -4.81 17.04 -41.34
N SER B 386 -3.59 17.55 -41.53
CA SER B 386 -3.07 18.66 -40.74
C SER B 386 -2.52 19.74 -41.66
N HIS B 387 -2.19 20.88 -41.06
CA HIS B 387 -1.54 21.99 -41.76
C HIS B 387 -2.41 22.48 -42.92
N MET B 388 -3.72 22.57 -42.70
CA MET B 388 -4.66 22.97 -43.73
C MET B 388 -5.32 24.29 -43.36
N LYS B 389 -5.49 25.15 -44.36
CA LYS B 389 -6.19 26.41 -44.18
C LYS B 389 -7.69 26.18 -44.09
N VAL B 390 -8.35 27.00 -43.27
CA VAL B 390 -9.80 26.89 -43.15
C VAL B 390 -10.43 27.10 -44.51
N GLY B 391 -11.36 26.23 -44.88
CA GLY B 391 -11.91 26.17 -46.21
C GLY B 391 -11.33 25.05 -47.06
N ASP B 392 -10.14 24.56 -46.71
CA ASP B 392 -9.59 23.40 -47.40
C ASP B 392 -10.41 22.15 -47.05
N THR B 393 -10.44 21.21 -47.98
CA THR B 393 -11.20 19.99 -47.85
C THR B 393 -10.27 18.82 -47.60
N ALA B 394 -10.64 17.97 -46.63
CA ALA B 394 -9.88 16.77 -46.30
C ALA B 394 -10.74 15.56 -46.63
N SER B 395 -10.25 14.71 -47.53
CA SER B 395 -10.94 13.49 -47.91
C SER B 395 -10.36 12.30 -47.13
N PHE B 396 -11.17 11.26 -46.99
CA PHE B 396 -10.79 10.08 -46.25
C PHE B 396 -11.37 8.84 -46.92
N SER B 397 -10.53 7.82 -47.09
CA SER B 397 -10.98 6.51 -47.55
C SER B 397 -11.15 5.63 -46.31
N VAL B 398 -12.39 5.26 -46.01
CA VAL B 398 -12.71 4.45 -44.86
C VAL B 398 -13.13 3.07 -45.38
N THR B 399 -12.28 2.08 -45.20
CA THR B 399 -12.58 0.72 -45.60
C THR B 399 -13.20 -0.02 -44.42
N VAL B 400 -14.34 -0.67 -44.66
CA VAL B 400 -15.10 -1.35 -43.62
C VAL B 400 -15.30 -2.80 -44.03
N ASN B 401 -15.01 -3.72 -43.12
CA ASN B 401 -15.17 -5.14 -43.37
C ASN B 401 -15.79 -5.81 -42.15
N ILE B 402 -16.72 -6.72 -42.39
CA ILE B 402 -17.35 -7.52 -41.35
C ILE B 402 -16.78 -8.93 -41.46
N PRO B 403 -16.14 -9.47 -40.42
CA PRO B 403 -15.47 -10.77 -40.56
C PRO B 403 -16.44 -11.92 -40.79
N HIS B 404 -17.45 -12.04 -39.92
CA HIS B 404 -18.42 -13.12 -39.97
C HIS B 404 -19.81 -12.53 -40.22
N CYS B 405 -20.76 -13.39 -40.56
CA CYS B 405 -22.12 -12.93 -40.76
C CYS B 405 -22.81 -12.68 -39.43
N GLU B 406 -23.71 -11.70 -39.44
CA GLU B 406 -24.48 -11.33 -38.26
C GLU B 406 -25.95 -11.17 -38.68
N ARG B 407 -26.81 -10.95 -37.68
CA ARG B 407 -28.22 -10.70 -37.92
C ARG B 407 -28.56 -9.22 -37.78
N ARG B 408 -28.25 -8.63 -36.65
CA ARG B 408 -28.60 -7.23 -36.42
C ARG B 408 -27.73 -6.31 -37.28
N SER B 409 -28.29 -5.18 -37.68
CA SER B 409 -27.53 -4.15 -38.33
C SER B 409 -26.83 -3.27 -37.30
N ARG B 410 -25.79 -2.58 -37.75
CA ARG B 410 -25.00 -1.72 -36.88
C ARG B 410 -25.25 -0.26 -37.23
N HIS B 411 -25.53 0.55 -36.21
CA HIS B 411 -25.66 2.00 -36.36
C HIS B 411 -24.32 2.63 -36.00
N ILE B 412 -23.73 3.36 -36.95
CA ILE B 412 -22.39 3.91 -36.79
C ILE B 412 -22.40 5.37 -37.21
N ILE B 413 -21.55 6.16 -36.58
CA ILE B 413 -21.39 7.58 -36.88
C ILE B 413 -19.92 7.84 -37.22
N ILE B 414 -19.70 8.53 -38.34
CA ILE B 414 -18.39 9.05 -38.71
C ILE B 414 -18.50 10.57 -38.70
N LYS B 415 -17.68 11.21 -37.87
CA LYS B 415 -17.73 12.65 -37.72
C LYS B 415 -16.33 13.18 -37.46
N PRO B 416 -16.07 14.45 -37.78
CA PRO B 416 -14.81 15.05 -37.36
C PRO B 416 -14.78 15.24 -35.85
N VAL B 417 -13.58 15.15 -35.29
CA VAL B 417 -13.42 15.38 -33.86
C VAL B 417 -13.70 16.85 -33.56
N GLY B 418 -14.58 17.11 -32.60
CA GLY B 418 -14.91 18.45 -32.19
C GLY B 418 -16.11 19.07 -32.88
N LEU B 419 -16.50 18.55 -34.04
CA LEU B 419 -17.62 19.08 -34.79
C LEU B 419 -18.84 18.16 -34.65
N GLY B 420 -20.02 18.76 -34.78
CA GLY B 420 -21.25 18.00 -34.67
C GLY B 420 -21.67 17.34 -35.97
N ASP B 421 -21.28 17.92 -37.10
CA ASP B 421 -21.60 17.34 -38.40
C ASP B 421 -21.19 15.88 -38.44
N ALA B 422 -22.16 15.00 -38.69
CA ALA B 422 -21.94 13.56 -38.59
C ALA B 422 -22.48 12.86 -39.82
N LEU B 423 -21.78 11.80 -40.21
CA LEU B 423 -22.21 10.90 -41.28
C LEU B 423 -22.80 9.66 -40.62
N GLU B 424 -24.11 9.47 -40.79
CA GLU B 424 -24.78 8.30 -40.23
C GLU B 424 -24.60 7.12 -41.18
N LEU B 425 -24.09 6.01 -40.65
CA LEU B 425 -23.80 4.83 -41.45
C LEU B 425 -24.49 3.63 -40.84
N LEU B 426 -25.29 2.93 -41.65
CA LEU B 426 -25.95 1.70 -41.25
C LEU B 426 -25.29 0.55 -41.99
N VAL B 427 -24.67 -0.36 -41.24
CA VAL B 427 -24.02 -1.53 -41.79
C VAL B 427 -24.99 -2.70 -41.66
N SER B 428 -25.43 -3.23 -42.79
CA SER B 428 -26.37 -4.34 -42.81
C SER B 428 -25.72 -5.56 -43.46
N PRO B 429 -25.82 -6.74 -42.87
CA PRO B 429 -25.19 -7.92 -43.46
C PRO B 429 -25.97 -8.46 -44.65
N GLU B 430 -25.23 -9.05 -45.59
CA GLU B 430 -25.81 -9.77 -46.72
C GLU B 430 -25.03 -11.07 -46.86
N CYS B 431 -25.48 -12.09 -46.12
CA CYS B 431 -24.89 -13.44 -46.21
C CYS B 431 -25.95 -14.48 -46.56
N ASN B 432 -27.03 -14.06 -47.20
CA ASN B 432 -28.09 -14.95 -47.67
C ASN B 432 -28.19 -14.87 -49.19
N CYS B 433 -28.76 -15.90 -49.78
CA CYS B 433 -28.93 -16.00 -51.22
C CYS B 433 -30.36 -15.71 -51.61
N ASP B 434 -30.53 -15.14 -52.81
CA ASP B 434 -31.88 -14.88 -53.31
C ASP B 434 -32.66 -16.18 -53.49
N CYS B 435 -31.98 -17.24 -53.92
CA CYS B 435 -32.65 -18.53 -54.12
C CYS B 435 -33.16 -19.12 -52.82
N GLN B 436 -32.60 -18.70 -51.68
CA GLN B 436 -33.02 -19.27 -50.39
C GLN B 436 -34.48 -18.99 -50.10
N LYS B 437 -35.02 -17.88 -50.62
CA LYS B 437 -36.39 -17.50 -50.28
C LYS B 437 -37.41 -18.43 -50.90
N GLU B 438 -37.11 -19.00 -52.06
CA GLU B 438 -38.03 -19.93 -52.74
C GLU B 438 -37.84 -21.31 -52.12
N VAL B 439 -38.67 -21.61 -51.12
CA VAL B 439 -38.53 -22.86 -50.37
C VAL B 439 -38.82 -24.06 -51.26
N GLU B 440 -39.98 -24.06 -51.91
CA GLU B 440 -40.39 -25.19 -52.75
C GLU B 440 -40.45 -26.47 -51.94
N VAL B 441 -41.33 -26.47 -50.92
CA VAL B 441 -41.37 -27.57 -49.97
C VAL B 441 -41.97 -28.81 -50.63
N ASN B 442 -41.52 -29.97 -50.17
CA ASN B 442 -42.04 -31.27 -50.61
C ASN B 442 -42.07 -31.34 -52.13
N SER B 443 -40.96 -30.96 -52.76
CA SER B 443 -40.88 -30.91 -54.21
C SER B 443 -40.63 -32.31 -54.78
N SER B 444 -41.09 -32.49 -56.02
CA SER B 444 -40.87 -33.77 -56.70
C SER B 444 -39.39 -34.06 -56.86
N LYS B 445 -38.55 -33.02 -56.88
CA LYS B 445 -37.12 -33.17 -57.12
C LYS B 445 -36.37 -33.75 -55.93
N CYS B 446 -37.05 -34.10 -54.84
CA CYS B 446 -36.41 -34.66 -53.65
C CYS B 446 -37.11 -35.94 -53.20
N HIS B 447 -37.33 -36.84 -54.15
CA HIS B 447 -37.86 -38.18 -53.88
C HIS B 447 -39.24 -38.13 -53.23
N HIS B 448 -40.21 -37.61 -54.00
CA HIS B 448 -41.62 -37.63 -53.63
C HIS B 448 -41.86 -36.95 -52.28
N GLY B 449 -41.42 -35.70 -52.20
CA GLY B 449 -41.70 -34.90 -51.01
C GLY B 449 -40.87 -35.24 -49.80
N ASN B 450 -39.76 -35.94 -49.98
CA ASN B 450 -38.88 -36.28 -48.85
C ASN B 450 -37.90 -35.17 -48.53
N GLY B 451 -37.91 -34.07 -49.28
CA GLY B 451 -37.06 -32.94 -48.99
C GLY B 451 -37.59 -31.71 -49.68
N SER B 452 -36.84 -30.61 -49.55
CA SER B 452 -37.19 -29.33 -50.16
C SER B 452 -36.09 -28.90 -51.11
N PHE B 453 -36.47 -28.41 -52.28
CA PHE B 453 -35.54 -27.97 -53.31
C PHE B 453 -35.33 -26.47 -53.13
N GLN B 454 -34.13 -26.08 -52.67
CA GLN B 454 -33.86 -24.71 -52.26
C GLN B 454 -33.12 -23.91 -53.33
N CYS B 455 -31.93 -24.36 -53.71
CA CYS B 455 -31.07 -23.63 -54.64
C CYS B 455 -30.43 -24.59 -55.65
N GLY B 456 -31.22 -25.52 -56.18
CA GLY B 456 -30.66 -26.59 -56.97
C GLY B 456 -30.13 -27.75 -56.18
N VAL B 457 -30.42 -27.79 -54.88
CA VAL B 457 -29.98 -28.87 -53.99
C VAL B 457 -31.15 -29.22 -53.09
N CYS B 458 -31.20 -30.48 -52.66
CA CYS B 458 -32.27 -30.96 -51.80
C CYS B 458 -31.86 -30.83 -50.33
N ALA B 459 -32.70 -30.14 -49.55
CA ALA B 459 -32.58 -30.10 -48.10
C ALA B 459 -33.55 -31.13 -47.53
N CYS B 460 -33.01 -32.24 -47.04
CA CYS B 460 -33.82 -33.41 -46.76
C CYS B 460 -34.60 -33.26 -45.45
N HIS B 461 -35.73 -33.96 -45.40
CA HIS B 461 -36.55 -34.02 -44.20
C HIS B 461 -35.90 -34.95 -43.18
N PRO B 462 -36.25 -34.82 -41.90
CA PRO B 462 -35.68 -35.71 -40.89
C PRO B 462 -35.96 -37.17 -41.20
N GLY B 463 -34.93 -38.01 -41.04
CA GLY B 463 -35.06 -39.41 -41.31
C GLY B 463 -34.83 -39.80 -42.76
N HIS B 464 -34.24 -38.92 -43.57
CA HIS B 464 -33.99 -39.21 -44.97
C HIS B 464 -32.63 -38.65 -45.35
N MET B 465 -31.70 -39.54 -45.68
CA MET B 465 -30.33 -39.18 -46.02
C MET B 465 -30.08 -39.47 -47.50
N GLY B 466 -29.32 -38.59 -48.15
CA GLY B 466 -28.95 -38.79 -49.53
C GLY B 466 -28.98 -37.50 -50.33
N PRO B 467 -28.34 -37.51 -51.51
CA PRO B 467 -28.38 -36.30 -52.35
C PRO B 467 -29.78 -35.85 -52.68
N ARG B 468 -30.70 -36.78 -52.91
CA ARG B 468 -32.11 -36.46 -53.16
C ARG B 468 -33.03 -37.07 -52.11
N CYS B 469 -32.49 -37.41 -50.93
CA CYS B 469 -33.30 -37.90 -49.82
C CYS B 469 -33.97 -39.22 -50.18
N GLU B 470 -33.17 -40.15 -50.70
CA GLU B 470 -33.67 -41.39 -51.26
C GLU B 470 -33.50 -42.58 -50.33
N SER B 471 -32.75 -42.43 -49.24
CA SER B 471 -32.60 -43.48 -48.23
C SER B 471 -33.11 -42.95 -46.89
N GLY B 472 -33.65 -43.86 -46.09
CA GLY B 472 -34.29 -43.46 -44.84
C GLY B 472 -33.71 -44.12 -43.60
N HIS B 473 -33.43 -43.31 -42.59
CA HIS B 473 -32.97 -43.80 -41.30
C HIS B 473 -34.10 -44.56 -40.60
N ASP C 1 7.98 30.00 33.37
CA ASP C 1 8.30 28.54 33.43
C ASP C 1 7.75 27.92 34.72
N ILE C 2 7.40 26.64 34.64
CA ILE C 2 6.94 25.92 35.83
C ILE C 2 8.12 25.67 36.75
N GLN C 3 7.97 26.00 38.02
CA GLN C 3 9.01 25.81 39.02
C GLN C 3 8.72 24.53 39.79
N MET C 4 9.63 23.57 39.70
CA MET C 4 9.53 22.31 40.42
C MET C 4 10.44 22.34 41.63
N THR C 5 9.88 22.07 42.81
CA THR C 5 10.61 22.16 44.06
C THR C 5 10.43 20.87 44.85
N GLN C 6 11.54 20.25 45.22
CA GLN C 6 11.56 19.09 46.10
C GLN C 6 12.08 19.59 47.45
N THR C 7 11.17 19.81 48.39
CA THR C 7 11.51 20.45 49.65
C THR C 7 12.73 19.81 50.31
N THR C 8 12.69 18.48 50.48
CA THR C 8 13.77 17.75 51.13
C THR C 8 14.82 17.40 50.08
N SER C 9 16.00 18.02 50.18
CA SER C 9 17.09 17.76 49.26
C SER C 9 17.83 16.46 49.57
N SER C 10 17.58 15.85 50.72
CA SER C 10 18.27 14.62 51.11
C SER C 10 17.55 14.01 52.31
N LEU C 11 17.52 12.68 52.35
CA LEU C 11 16.90 11.96 53.45
C LEU C 11 17.63 10.64 53.65
N SER C 12 17.46 10.08 54.86
CA SER C 12 18.12 8.85 55.25
C SER C 12 17.09 7.78 55.56
N ALA C 13 17.34 6.56 55.08
CA ALA C 13 16.44 5.44 55.27
C ALA C 13 17.24 4.16 55.44
N SER C 14 16.59 3.15 56.02
CA SER C 14 17.19 1.84 56.23
C SER C 14 16.56 0.83 55.29
N LEU C 15 17.24 -0.31 55.12
CA LEU C 15 16.76 -1.34 54.21
C LEU C 15 15.36 -1.81 54.63
N GLY C 16 14.46 -1.91 53.65
CA GLY C 16 13.10 -2.29 53.89
C GLY C 16 12.16 -1.16 54.23
N ASP C 17 12.69 0.02 54.53
CA ASP C 17 11.84 1.15 54.92
C ASP C 17 11.01 1.64 53.75
N ARG C 18 9.94 2.36 54.08
CA ARG C 18 9.13 3.05 53.09
C ARG C 18 9.62 4.49 52.98
N VAL C 19 9.95 4.90 51.76
CA VAL C 19 10.48 6.24 51.48
C VAL C 19 9.48 6.97 50.61
N ILE C 20 9.11 8.18 51.02
CA ILE C 20 8.17 9.02 50.28
C ILE C 20 8.88 10.33 49.96
N ILE C 21 8.98 10.65 48.67
CA ILE C 21 9.63 11.87 48.20
C ILE C 21 8.54 12.80 47.67
N SER C 22 8.62 14.06 48.07
CA SER C 22 7.62 15.06 47.69
C SER C 22 8.12 15.91 46.52
N CYS C 23 7.17 16.50 45.81
CA CYS C 23 7.46 17.37 44.68
C CYS C 23 6.27 18.29 44.48
N ARG C 24 6.53 19.59 44.35
CA ARG C 24 5.48 20.58 44.18
C ARG C 24 5.76 21.43 42.94
N ALA C 25 4.70 21.74 42.20
CA ALA C 25 4.80 22.58 41.00
C ALA C 25 4.17 23.94 41.27
N SER C 26 4.66 24.95 40.56
CA SER C 26 4.12 26.30 40.69
C SER C 26 2.77 26.46 40.03
N GLN C 27 2.33 25.48 39.23
CA GLN C 27 1.03 25.54 38.57
C GLN C 27 0.49 24.14 38.42
N ASP C 28 -0.82 24.06 38.18
CA ASP C 28 -1.44 22.78 37.84
C ASP C 28 -0.79 22.20 36.60
N ILE C 29 -0.18 21.03 36.72
CA ILE C 29 0.50 20.37 35.62
C ILE C 29 -0.29 19.17 35.11
N SER C 30 -1.52 19.00 35.56
CA SER C 30 -2.45 18.02 34.98
C SER C 30 -1.83 16.62 34.95
N ASN C 31 -1.20 16.24 36.06
CA ASN C 31 -0.65 14.90 36.28
C ASN C 31 0.50 14.54 35.36
N TYR C 32 0.97 15.47 34.54
CA TYR C 32 2.14 15.20 33.68
C TYR C 32 3.41 15.44 34.49
N LEU C 33 3.68 14.50 35.40
CA LEU C 33 4.86 14.53 36.23
C LEU C 33 5.51 13.15 36.23
N SER C 34 6.83 13.13 36.02
CA SER C 34 7.60 11.91 35.94
C SER C 34 8.68 11.90 37.02
N TRP C 35 9.16 10.71 37.36
CA TRP C 35 10.21 10.54 38.35
C TRP C 35 11.39 9.78 37.75
N TYR C 36 12.59 10.26 38.05
CA TYR C 36 13.82 9.71 37.52
C TYR C 36 14.76 9.35 38.66
N GLN C 37 15.50 8.25 38.50
CA GLN C 37 16.51 7.82 39.44
C GLN C 37 17.89 8.02 38.81
N GLN C 38 18.77 8.71 39.52
CA GLN C 38 20.14 8.90 39.09
C GLN C 38 21.07 8.26 40.12
N LYS C 39 21.85 7.28 39.68
CA LYS C 39 22.80 6.62 40.55
C LYS C 39 24.12 7.38 40.57
N PRO C 40 24.95 7.16 41.59
CA PRO C 40 26.17 7.97 41.73
C PRO C 40 27.06 8.01 40.50
N ASP C 41 26.97 7.01 39.62
CA ASP C 41 27.83 6.98 38.44
C ASP C 41 27.31 7.82 37.29
N GLY C 42 26.21 8.54 37.48
CA GLY C 42 25.60 9.36 36.45
C GLY C 42 24.46 8.69 35.72
N THR C 43 24.32 7.37 35.85
CA THR C 43 23.25 6.66 35.19
C THR C 43 21.89 7.22 35.59
N VAL C 44 21.02 7.40 34.60
CA VAL C 44 19.68 7.92 34.81
C VAL C 44 18.67 6.91 34.27
N LYS C 45 17.63 6.65 35.05
CA LYS C 45 16.56 5.74 34.66
C LYS C 45 15.21 6.41 34.90
N LEU C 46 14.26 6.15 34.00
CA LEU C 46 12.88 6.58 34.23
C LEU C 46 12.17 5.55 35.08
N LEU C 47 11.50 6.03 36.14
CA LEU C 47 10.71 5.17 37.02
C LEU C 47 9.22 5.35 36.79
N ILE C 48 8.72 6.57 36.90
CA ILE C 48 7.29 6.86 36.88
C ILE C 48 7.03 7.95 35.85
N PHE C 49 5.94 7.80 35.10
CA PHE C 49 5.45 8.82 34.20
C PHE C 49 3.94 8.95 34.37
N TYR C 50 3.43 10.12 34.00
CA TYR C 50 2.02 10.47 34.20
C TYR C 50 1.58 10.17 35.63
N THR C 51 2.49 10.40 36.58
CA THR C 51 2.23 10.46 38.02
C THR C 51 1.98 9.13 38.69
N SER C 52 1.66 8.08 37.93
CA SER C 52 1.44 6.79 38.56
C SER C 52 1.83 5.59 37.70
N LYS C 53 2.38 5.79 36.51
CA LYS C 53 2.55 4.71 35.55
C LYS C 53 3.99 4.21 35.61
N LEU C 54 4.14 2.91 35.88
CA LEU C 54 5.47 2.30 35.92
C LEU C 54 6.03 2.16 34.51
N HIS C 55 7.25 2.61 34.32
CA HIS C 55 7.96 2.36 33.07
C HIS C 55 8.34 0.89 32.97
N SER C 56 8.43 0.39 31.75
CA SER C 56 8.77 -1.01 31.54
C SER C 56 10.10 -1.35 32.19
N GLY C 57 10.10 -2.35 33.06
CA GLY C 57 11.31 -2.91 33.63
C GLY C 57 11.57 -2.53 35.07
N VAL C 58 11.02 -1.41 35.54
CA VAL C 58 11.31 -0.95 36.91
C VAL C 58 10.47 -1.78 37.87
N PRO C 59 10.97 -2.08 39.07
CA PRO C 59 10.25 -2.99 39.97
C PRO C 59 8.99 -2.36 40.54
N SER C 60 8.12 -3.23 41.06
CA SER C 60 6.83 -2.80 41.60
C SER C 60 6.97 -1.96 42.85
N ARG C 61 8.12 -1.98 43.51
CA ARG C 61 8.30 -1.21 44.73
C ARG C 61 7.98 0.26 44.50
N PHE C 62 8.40 0.80 43.35
CA PHE C 62 8.16 2.20 43.04
C PHE C 62 6.72 2.43 42.66
N SER C 63 6.17 3.54 43.13
CA SER C 63 4.79 3.91 42.84
C SER C 63 4.67 5.43 42.93
N GLY C 64 3.72 5.96 42.18
CA GLY C 64 3.52 7.40 42.12
C GLY C 64 2.11 7.79 42.47
N SER C 65 1.96 9.00 42.98
CA SER C 65 0.66 9.53 43.36
C SER C 65 0.70 11.05 43.25
N GLY C 66 -0.48 11.65 43.23
CA GLY C 66 -0.61 13.08 43.26
C GLY C 66 -1.57 13.59 42.20
N SER C 67 -1.77 14.90 42.22
CA SER C 67 -2.65 15.60 41.29
C SER C 67 -2.46 17.09 41.51
N GLY C 68 -2.98 17.88 40.57
CA GLY C 68 -2.85 19.32 40.66
C GLY C 68 -1.41 19.78 40.70
N THR C 69 -0.96 20.24 41.87
CA THR C 69 0.38 20.76 42.03
C THR C 69 1.26 19.93 42.95
N ASP C 70 0.70 18.99 43.70
CA ASP C 70 1.45 18.19 44.67
C ASP C 70 1.54 16.75 44.19
N TYR C 71 2.75 16.19 44.22
CA TYR C 71 3.02 14.84 43.75
C TYR C 71 4.08 14.22 44.64
N SER C 72 4.12 12.88 44.65
CA SER C 72 5.04 12.17 45.51
C SER C 72 5.40 10.83 44.91
N LEU C 73 6.67 10.43 45.08
CA LEU C 73 7.15 9.10 44.76
C LEU C 73 7.24 8.29 46.05
N THR C 74 6.99 6.98 45.93
CA THR C 74 6.98 6.09 47.08
C THR C 74 7.81 4.85 46.75
N ILE C 75 8.76 4.55 47.63
CA ILE C 75 9.58 3.34 47.54
C ILE C 75 9.24 2.49 48.74
N SER C 76 8.47 1.42 48.52
CA SER C 76 8.19 0.45 49.57
C SER C 76 9.26 -0.64 49.53
N ASN C 77 9.69 -1.07 50.72
CA ASN C 77 10.71 -2.11 50.85
C ASN C 77 11.99 -1.69 50.12
N LEU C 78 12.59 -0.61 50.62
CA LEU C 78 13.77 -0.03 49.99
C LEU C 78 14.89 -1.07 49.86
N ASP C 79 15.44 -1.18 48.66
CA ASP C 79 16.54 -2.09 48.37
C ASP C 79 17.87 -1.34 48.37
N GLN C 80 18.96 -2.11 48.48
CA GLN C 80 20.28 -1.49 48.50
C GLN C 80 20.56 -0.72 47.21
N GLU C 81 20.07 -1.21 46.08
CA GLU C 81 20.27 -0.53 44.81
C GLU C 81 19.36 0.69 44.65
N ASP C 82 18.53 1.00 45.64
CA ASP C 82 17.68 2.18 45.60
C ASP C 82 18.38 3.44 46.09
N ILE C 83 19.54 3.31 46.73
CA ILE C 83 20.28 4.47 47.21
C ILE C 83 20.73 5.27 45.99
N ALA C 84 20.15 6.44 45.81
CA ALA C 84 20.36 7.24 44.60
C ALA C 84 19.64 8.57 44.80
N THR C 85 19.75 9.44 43.81
CA THR C 85 19.03 10.71 43.79
C THR C 85 17.82 10.59 42.89
N TYR C 86 16.72 11.21 43.30
CA TYR C 86 15.44 11.10 42.60
C TYR C 86 14.95 12.49 42.20
N PHE C 87 14.67 12.66 40.92
CA PHE C 87 14.21 13.92 40.35
C PHE C 87 12.78 13.77 39.84
N CYS C 88 11.97 14.80 40.07
CA CYS C 88 10.67 14.91 39.43
C CYS C 88 10.76 15.88 38.26
N GLN C 89 9.86 15.70 37.29
CA GLN C 89 9.90 16.49 36.06
C GLN C 89 8.48 16.66 35.55
N GLN C 90 8.06 17.90 35.36
CA GLN C 90 6.77 18.19 34.75
C GLN C 90 6.90 18.15 33.23
N GLY C 91 5.88 17.60 32.58
CA GLY C 91 5.88 17.50 31.13
C GLY C 91 4.63 18.11 30.52
N ASN C 92 3.93 18.92 31.30
CA ASN C 92 2.67 19.50 30.82
C ASN C 92 2.90 20.67 29.87
N THR C 93 4.04 21.34 29.96
CA THR C 93 4.28 22.51 29.15
C THR C 93 5.79 22.73 28.99
N PHE C 94 6.17 23.24 27.82
CA PHE C 94 7.57 23.57 27.58
C PHE C 94 7.91 24.92 28.22
N PRO C 95 9.14 25.09 28.70
CA PRO C 95 10.20 24.08 28.73
C PRO C 95 10.02 23.06 29.86
N TYR C 96 10.43 21.81 29.62
CA TYR C 96 10.40 20.82 30.69
C TYR C 96 11.35 21.24 31.81
N THR C 97 10.85 21.20 33.04
CA THR C 97 11.62 21.60 34.21
C THR C 97 11.69 20.45 35.20
N PHE C 98 12.80 20.37 35.92
CA PHE C 98 13.05 19.33 36.91
C PHE C 98 13.04 19.93 38.31
N GLY C 99 12.78 19.06 39.30
CA GLY C 99 12.96 19.44 40.68
C GLY C 99 14.42 19.37 41.10
N GLY C 100 14.72 20.01 42.23
CA GLY C 100 16.09 20.08 42.69
C GLY C 100 16.72 18.71 42.94
N GLY C 101 15.90 17.71 43.22
CA GLY C 101 16.40 16.38 43.48
C GLY C 101 16.42 16.02 44.95
N THR C 102 16.04 14.78 45.27
CA THR C 102 16.07 14.25 46.63
C THR C 102 17.02 13.07 46.67
N LYS C 103 17.95 13.10 47.62
CA LYS C 103 19.00 12.10 47.73
C LYS C 103 18.69 11.13 48.86
N VAL C 104 18.69 9.84 48.56
CA VAL C 104 18.36 8.79 49.52
C VAL C 104 19.66 8.11 49.94
N GLU C 105 19.98 8.20 51.24
CA GLU C 105 21.19 7.65 51.82
C GLU C 105 20.84 6.57 52.83
N MET C 106 21.70 5.56 52.93
CA MET C 106 21.47 4.49 53.91
C MET C 106 21.69 5.02 55.31
N ARG C 107 20.95 4.46 56.27
CA ARG C 107 21.09 4.82 57.66
C ARG C 107 22.17 4.00 58.34
N ARG C 108 22.78 4.57 59.36
CA ARG C 108 23.92 3.95 60.03
C ARG C 108 24.04 4.51 61.43
N ALA C 109 24.59 3.70 62.33
CA ALA C 109 24.93 4.19 63.65
C ALA C 109 26.05 5.21 63.54
N ASP C 110 25.97 6.27 64.32
CA ASP C 110 26.95 7.33 64.23
C ASP C 110 28.37 6.79 64.42
N ALA C 111 29.30 7.32 63.63
CA ALA C 111 30.69 6.92 63.68
C ALA C 111 31.57 8.16 63.79
N ALA C 112 32.75 7.98 64.35
CA ALA C 112 33.66 9.11 64.49
C ALA C 112 34.75 9.06 63.42
N PRO C 113 35.12 10.18 62.83
CA PRO C 113 36.14 10.16 61.77
C PRO C 113 37.50 9.82 62.33
N THR C 114 38.20 8.94 61.61
CA THR C 114 39.63 8.72 61.85
C THR C 114 40.40 9.77 61.07
N VAL C 115 40.95 10.76 61.77
CA VAL C 115 41.57 11.91 61.14
C VAL C 115 43.08 11.74 61.14
N SER C 116 43.69 12.05 60.00
CA SER C 116 45.14 11.96 59.84
C SER C 116 45.63 13.23 59.15
N ILE C 117 46.68 13.84 59.69
CA ILE C 117 47.29 15.02 59.12
C ILE C 117 48.66 14.64 58.55
N PHE C 118 49.03 15.30 57.45
CA PHE C 118 50.29 15.00 56.79
C PHE C 118 51.05 16.30 56.50
N PRO C 119 52.36 16.31 56.69
CA PRO C 119 53.15 17.49 56.36
C PRO C 119 53.39 17.55 54.87
N PRO C 120 53.87 18.69 54.36
CA PRO C 120 54.19 18.75 52.93
C PRO C 120 55.36 17.83 52.60
N SER C 121 55.25 17.15 51.47
CA SER C 121 56.30 16.22 51.07
C SER C 121 57.58 16.98 50.74
N SER C 122 58.71 16.31 50.94
CA SER C 122 59.99 16.92 50.57
C SER C 122 60.07 17.16 49.07
N GLU C 123 59.45 16.30 48.27
CA GLU C 123 59.42 16.51 46.83
C GLU C 123 58.75 17.84 46.49
N GLN C 124 57.64 18.15 47.16
CA GLN C 124 56.89 19.37 46.84
C GLN C 124 57.64 20.61 47.28
N LEU C 125 58.29 20.56 48.44
CA LEU C 125 58.95 21.75 48.97
C LEU C 125 60.07 22.22 48.04
N THR C 126 60.78 21.29 47.40
CA THR C 126 61.79 21.69 46.43
C THR C 126 61.17 22.40 45.24
N SER C 127 59.93 22.05 44.90
CA SER C 127 59.21 22.73 43.82
C SER C 127 58.74 24.13 44.22
N GLY C 128 58.89 24.50 45.48
CA GLY C 128 58.22 25.68 45.99
C GLY C 128 56.78 25.33 46.30
N GLY C 129 56.21 25.95 47.32
CA GLY C 129 54.86 25.62 47.74
C GLY C 129 54.84 24.42 48.67
N ALA C 130 53.84 24.41 49.57
CA ALA C 130 53.70 23.35 50.55
C ALA C 130 52.22 23.10 50.79
N SER C 131 51.82 21.83 50.72
CA SER C 131 50.44 21.43 50.92
C SER C 131 50.35 20.57 52.18
N VAL C 132 49.52 20.99 53.12
CA VAL C 132 49.21 20.20 54.31
C VAL C 132 47.88 19.51 54.06
N VAL C 133 47.88 18.19 54.11
CA VAL C 133 46.72 17.36 53.79
C VAL C 133 46.16 16.76 55.07
N CYS C 134 44.84 16.77 55.20
CA CYS C 134 44.16 16.18 56.35
C CYS C 134 43.07 15.25 55.85
N PHE C 135 43.19 13.97 56.17
CA PHE C 135 42.20 12.96 55.82
C PHE C 135 41.30 12.69 57.03
N LEU C 136 40.01 12.92 56.88
CA LEU C 136 39.01 12.55 57.88
C LEU C 136 38.08 11.51 57.24
N ASN C 137 38.22 10.25 57.65
CA ASN C 137 37.60 9.14 56.95
C ASN C 137 36.59 8.41 57.83
N ASN C 138 35.66 7.74 57.16
CA ASN C 138 34.75 6.75 57.78
C ASN C 138 34.03 7.34 58.99
N PHE C 139 33.18 8.33 58.69
CA PHE C 139 32.33 8.97 59.69
C PHE C 139 30.90 9.01 59.20
N TYR C 140 29.96 8.99 60.16
CA TYR C 140 28.54 9.13 59.89
C TYR C 140 27.95 10.00 60.99
N PRO C 141 27.02 10.91 60.67
CA PRO C 141 26.44 11.23 59.36
C PRO C 141 27.41 11.98 58.44
N LYS C 142 26.87 12.60 57.39
CA LYS C 142 27.72 13.23 56.38
C LYS C 142 28.19 14.62 56.81
N ASP C 143 27.38 15.35 57.56
CA ASP C 143 27.71 16.74 57.88
C ASP C 143 28.96 16.80 58.76
N ILE C 144 29.90 17.65 58.37
CA ILE C 144 31.17 17.80 59.09
C ILE C 144 31.82 19.08 58.62
N ASN C 145 32.51 19.76 59.54
CA ASN C 145 33.23 20.98 59.23
C ASN C 145 34.71 20.82 59.62
N VAL C 146 35.56 21.54 58.89
CA VAL C 146 37.00 21.52 59.12
C VAL C 146 37.49 22.96 59.20
N LYS C 147 38.41 23.21 60.13
CA LYS C 147 39.03 24.51 60.30
C LYS C 147 40.55 24.32 60.38
N TRP C 148 41.28 25.12 59.60
CA TRP C 148 42.73 25.07 59.58
C TRP C 148 43.29 26.13 60.51
N LYS C 149 44.06 25.70 61.51
CA LYS C 149 44.75 26.60 62.44
C LYS C 149 46.25 26.36 62.30
N ILE C 150 46.99 27.42 61.98
CA ILE C 150 48.44 27.30 61.82
C ILE C 150 49.11 27.58 63.16
N ASP C 151 48.96 28.81 63.65
CA ASP C 151 49.51 29.22 64.94
C ASP C 151 48.39 29.75 65.84
N GLY C 152 47.28 29.02 65.88
CA GLY C 152 46.11 29.45 66.61
C GLY C 152 45.18 30.36 65.85
N SER C 153 45.50 30.67 64.60
CA SER C 153 44.69 31.56 63.77
C SER C 153 44.09 30.76 62.62
N GLU C 154 42.92 31.21 62.16
CA GLU C 154 42.20 30.54 61.08
C GLU C 154 42.65 31.13 59.74
N ARG C 155 43.21 30.28 58.88
CA ARG C 155 43.64 30.74 57.56
C ARG C 155 42.46 30.95 56.63
N GLN C 156 41.73 29.89 56.33
CA GLN C 156 40.47 29.97 55.59
C GLN C 156 40.66 30.61 54.21
N ASN C 157 41.85 30.50 53.63
CA ASN C 157 42.11 31.14 52.34
C ASN C 157 42.49 30.16 51.24
N GLY C 158 43.45 29.27 51.48
CA GLY C 158 43.94 28.41 50.42
C GLY C 158 43.53 26.96 50.58
N VAL C 159 42.41 26.73 51.25
CA VAL C 159 41.94 25.38 51.56
C VAL C 159 41.04 24.89 50.44
N LEU C 160 41.25 23.64 50.03
CA LEU C 160 40.39 22.94 49.08
C LEU C 160 39.97 21.61 49.67
N ASN C 161 38.69 21.28 49.55
CA ASN C 161 38.11 20.10 50.17
C ASN C 161 37.48 19.20 49.11
N SER C 162 37.33 17.93 49.47
CA SER C 162 36.73 16.94 48.58
C SER C 162 36.09 15.84 49.42
N TRP C 163 34.86 15.48 49.07
CA TRP C 163 34.10 14.46 49.77
C TRP C 163 33.94 13.23 48.87
N THR C 164 33.72 12.08 49.51
CA THR C 164 33.46 10.83 48.80
C THR C 164 31.97 10.52 48.83
N ASP C 165 31.50 9.83 47.79
CA ASP C 165 30.17 9.25 47.85
C ASP C 165 30.08 8.30 49.04
N GLN C 166 28.86 8.10 49.54
CA GLN C 166 28.68 7.20 50.67
C GLN C 166 29.21 5.81 50.33
N ASP C 167 30.07 5.30 51.21
CA ASP C 167 30.61 3.95 51.01
C ASP C 167 29.46 2.95 50.94
N SER C 168 29.69 1.86 50.22
CA SER C 168 28.66 0.84 50.03
C SER C 168 28.70 -0.22 51.12
N LYS C 169 29.89 -0.76 51.43
CA LYS C 169 30.01 -1.79 52.44
C LYS C 169 29.53 -1.25 53.78
N ASP C 170 30.23 -0.26 54.33
CA ASP C 170 29.71 0.56 55.40
C ASP C 170 29.03 1.78 54.80
N SER C 171 28.21 2.44 55.60
CA SER C 171 27.44 3.60 55.14
C SER C 171 28.08 4.91 55.57
N THR C 172 29.41 4.96 55.61
CA THR C 172 30.15 6.12 56.09
C THR C 172 30.59 7.00 54.94
N TYR C 173 31.12 8.17 55.29
CA TYR C 173 31.65 9.14 54.35
C TYR C 173 33.11 9.40 54.69
N SER C 174 33.79 10.10 53.78
CA SER C 174 35.19 10.46 53.97
C SER C 174 35.44 11.86 53.42
N PHE C 175 36.52 12.47 53.89
CA PHE C 175 36.77 13.89 53.69
C PHE C 175 38.27 14.10 53.51
N SER C 176 38.65 14.84 52.48
CA SER C 176 40.03 15.26 52.26
C SER C 176 40.10 16.77 52.23
N SER C 177 40.98 17.35 53.05
CA SER C 177 41.18 18.79 53.10
C SER C 177 42.66 19.09 52.94
N THR C 178 42.98 20.03 52.05
CA THR C 178 44.36 20.35 51.70
C THR C 178 44.56 21.86 51.79
N LEU C 179 45.39 22.29 52.74
CA LEU C 179 45.81 23.69 52.84
C LEU C 179 47.10 23.86 52.03
N THR C 180 47.02 24.63 50.95
CA THR C 180 48.16 24.87 50.08
C THR C 180 48.70 26.27 50.34
N LEU C 181 50.01 26.36 50.59
CA LEU C 181 50.69 27.61 50.84
C LEU C 181 51.90 27.70 49.92
N THR C 182 52.62 28.81 50.01
CA THR C 182 53.94 28.91 49.42
C THR C 182 54.96 28.26 50.36
N LYS C 183 56.09 27.84 49.79
CA LYS C 183 57.15 27.29 50.63
C LYS C 183 57.63 28.31 51.64
N ASP C 184 57.71 29.58 51.23
CA ASP C 184 58.10 30.64 52.15
C ASP C 184 57.13 30.73 53.32
N GLU C 185 55.84 30.95 53.03
CA GLU C 185 54.86 31.11 54.10
C GLU C 185 54.81 29.87 54.99
N TYR C 186 54.95 28.68 54.41
CA TYR C 186 54.95 27.47 55.21
C TYR C 186 56.13 27.45 56.18
N GLU C 187 57.32 27.79 55.69
CA GLU C 187 58.52 27.74 56.51
C GLU C 187 58.57 28.86 57.54
N ARG C 188 57.65 29.81 57.50
CA ARG C 188 57.68 30.91 58.47
C ARG C 188 57.06 30.51 59.80
N HIS C 189 56.06 29.65 59.79
CA HIS C 189 55.39 29.20 61.00
C HIS C 189 55.86 27.81 61.38
N ASN C 190 55.47 27.36 62.58
CA ASN C 190 55.97 26.11 63.15
C ASN C 190 54.89 25.06 63.31
N SER C 191 53.76 25.39 63.92
CA SER C 191 52.71 24.41 64.16
C SER C 191 51.70 24.43 63.03
N TYR C 192 51.03 23.29 62.84
CA TYR C 192 49.99 23.16 61.83
C TYR C 192 48.94 22.20 62.35
N THR C 193 47.67 22.61 62.26
CA THR C 193 46.58 21.89 62.91
C THR C 193 45.38 21.79 61.99
N CYS C 194 44.71 20.64 62.06
CA CYS C 194 43.49 20.37 61.29
C CYS C 194 42.39 20.00 62.27
N GLU C 195 41.38 20.84 62.38
CA GLU C 195 40.32 20.71 63.36
C GLU C 195 39.03 20.26 62.69
N ALA C 196 38.46 19.18 63.19
CA ALA C 196 37.21 18.63 62.67
C ALA C 196 36.11 18.76 63.71
N THR C 197 34.94 19.24 63.30
CA THR C 197 33.78 19.37 64.16
C THR C 197 32.70 18.44 63.64
N HIS C 198 32.43 17.37 64.38
CA HIS C 198 31.43 16.38 64.01
C HIS C 198 30.39 16.26 65.11
N LYS C 199 29.18 15.86 64.73
CA LYS C 199 28.11 15.71 65.72
C LYS C 199 28.35 14.55 66.67
N THR C 200 29.26 13.64 66.32
CA THR C 200 29.50 12.48 67.18
C THR C 200 30.15 12.86 68.51
N SER C 201 30.71 14.06 68.61
CA SER C 201 31.31 14.52 69.85
C SER C 201 31.26 16.04 69.90
N THR C 202 31.04 16.59 71.10
CA THR C 202 31.00 18.03 71.28
C THR C 202 32.38 18.66 71.27
N SER C 203 33.42 17.87 71.55
CA SER C 203 34.79 18.37 71.53
C SER C 203 35.40 18.12 70.16
N PRO C 204 35.73 19.16 69.39
CA PRO C 204 36.29 18.94 68.05
C PRO C 204 37.55 18.09 68.11
N ILE C 205 37.60 17.07 67.25
CA ILE C 205 38.81 16.26 67.15
C ILE C 205 39.91 17.08 66.48
N VAL C 206 41.11 17.03 67.05
CA VAL C 206 42.22 17.85 66.61
C VAL C 206 43.40 16.95 66.29
N LYS C 207 44.08 17.22 65.17
CA LYS C 207 45.32 16.55 64.81
C LYS C 207 46.27 17.61 64.28
N SER C 208 47.51 17.61 64.79
CA SER C 208 48.45 18.67 64.47
C SER C 208 49.86 18.12 64.52
N PHE C 209 50.80 18.94 64.04
CA PHE C 209 52.22 18.62 64.08
C PHE C 209 53.00 19.91 64.16
N ASN C 210 54.30 19.78 64.43
CA ASN C 210 55.21 20.93 64.49
C ASN C 210 56.29 20.74 63.43
N ARG C 211 56.43 21.73 62.55
CA ARG C 211 57.35 21.62 61.42
C ARG C 211 58.76 21.32 61.89
N ASN C 212 59.30 22.15 62.78
CA ASN C 212 60.64 21.91 63.32
C ASN C 212 60.74 20.52 63.94
N GLU C 213 59.78 20.17 64.79
CA GLU C 213 59.88 18.95 65.57
C GLU C 213 59.73 17.72 64.68
N CYS C 214 60.10 16.57 65.23
CA CYS C 214 60.04 15.30 64.53
C CYS C 214 60.22 14.16 65.52
N GLN D 1 15.50 -3.42 25.13
CA GLN D 1 16.92 -3.42 24.66
C GLN D 1 17.24 -2.12 23.91
N VAL D 2 16.70 -1.01 24.43
CA VAL D 2 16.98 0.32 23.89
C VAL D 2 18.27 0.82 24.52
N GLN D 3 19.16 1.36 23.69
CA GLN D 3 20.44 1.88 24.16
C GLN D 3 20.77 3.17 23.43
N LEU D 4 21.22 4.16 24.17
CA LEU D 4 21.69 5.42 23.63
C LEU D 4 23.16 5.59 24.02
N GLN D 5 24.04 5.51 23.04
CA GLN D 5 25.48 5.62 23.27
C GLN D 5 25.95 7.00 22.86
N GLN D 6 26.46 7.77 23.83
CA GLN D 6 26.95 9.11 23.59
C GLN D 6 28.47 9.12 23.43
N SER D 7 28.97 10.15 22.76
CA SER D 7 30.39 10.26 22.48
C SER D 7 31.16 10.51 23.77
N GLY D 8 32.49 10.55 23.65
CA GLY D 8 33.36 10.72 24.80
C GLY D 8 33.47 12.16 25.26
N ALA D 9 34.19 12.33 26.37
CA ALA D 9 34.34 13.65 26.97
C ALA D 9 34.92 14.64 25.95
N GLU D 10 34.44 15.88 26.03
CA GLU D 10 34.89 16.96 25.17
C GLU D 10 35.63 18.00 25.99
N LEU D 11 36.73 18.52 25.41
CA LEU D 11 37.47 19.63 25.98
C LEU D 11 37.52 20.75 24.93
N ALA D 12 37.39 21.99 25.39
CA ALA D 12 37.42 23.12 24.47
C ALA D 12 37.80 24.38 25.22
N GLU D 13 38.47 25.29 24.50
CA GLU D 13 38.84 26.58 25.06
C GLU D 13 37.64 27.51 25.08
N PRO D 14 37.68 28.57 25.89
CA PRO D 14 36.57 29.53 25.91
C PRO D 14 36.33 30.12 24.53
N GLY D 15 35.05 30.23 24.17
CA GLY D 15 34.65 30.77 22.89
C GLY D 15 34.58 29.76 21.76
N ALA D 16 35.16 28.58 21.94
CA ALA D 16 35.16 27.55 20.90
C ALA D 16 33.81 26.83 20.92
N SER D 17 33.72 25.72 20.20
CA SER D 17 32.50 24.92 20.16
C SER D 17 32.86 23.44 20.19
N VAL D 18 31.89 22.62 20.60
CA VAL D 18 32.03 21.18 20.62
C VAL D 18 30.77 20.58 20.01
N LYS D 19 30.93 19.36 19.48
CA LYS D 19 29.83 18.62 18.89
C LYS D 19 29.87 17.20 19.43
N MET D 20 28.78 16.75 20.04
CA MET D 20 28.68 15.44 20.64
C MET D 20 27.58 14.64 19.96
N SER D 21 27.71 13.32 20.00
CA SER D 21 26.82 12.42 19.30
C SER D 21 26.05 11.56 20.28
N CYS D 22 24.98 10.94 19.76
CA CYS D 22 24.11 10.07 20.57
C CYS D 22 23.50 9.05 19.60
N LYS D 23 24.08 7.86 19.56
CA LYS D 23 23.64 6.82 18.65
C LYS D 23 22.60 5.95 19.34
N ALA D 24 21.47 5.73 18.65
CA ALA D 24 20.35 4.99 19.21
C ALA D 24 20.28 3.59 18.61
N SER D 25 19.82 2.64 19.43
CA SER D 25 19.61 1.26 19.00
C SER D 25 18.49 0.68 19.83
N GLY D 26 17.83 -0.34 19.27
CA GLY D 26 16.74 -1.00 19.95
C GLY D 26 15.37 -0.46 19.62
N TYR D 27 15.28 0.61 18.82
CA TYR D 27 13.99 1.14 18.40
C TYR D 27 14.20 1.91 17.11
N THR D 28 13.09 2.30 16.48
CA THR D 28 13.13 3.05 15.23
C THR D 28 13.44 4.50 15.56
N PHE D 29 14.68 4.91 15.28
CA PHE D 29 15.15 6.24 15.66
C PHE D 29 14.29 7.35 15.07
N SER D 30 13.81 7.16 13.84
CA SER D 30 13.13 8.23 13.13
C SER D 30 11.75 8.55 13.70
N SER D 31 11.16 7.63 14.46
CA SER D 31 9.77 7.76 14.89
C SER D 31 9.63 8.38 16.27
N PHE D 32 10.72 8.78 16.91
CA PHE D 32 10.66 9.32 18.27
C PHE D 32 11.59 10.51 18.42
N TRP D 33 11.11 11.53 19.13
CA TRP D 33 11.92 12.69 19.41
C TRP D 33 13.11 12.32 20.29
N MET D 34 14.15 13.15 20.20
CA MET D 34 15.33 13.04 21.06
C MET D 34 15.45 14.32 21.87
N HIS D 35 15.51 14.18 23.19
CA HIS D 35 15.67 15.30 24.10
C HIS D 35 17.12 15.38 24.57
N TRP D 36 17.51 16.57 25.01
CA TRP D 36 18.84 16.81 25.55
C TRP D 36 18.71 17.51 26.90
N VAL D 37 19.55 17.12 27.84
CA VAL D 37 19.50 17.63 29.20
C VAL D 37 20.91 18.01 29.64
N LYS D 38 21.01 19.09 30.40
CA LYS D 38 22.28 19.60 30.93
C LYS D 38 22.29 19.45 32.45
N GLN D 39 23.43 19.05 32.99
CA GLN D 39 23.60 18.89 34.43
C GLN D 39 24.98 19.38 34.81
N ARG D 40 25.06 20.52 35.49
CA ARG D 40 26.33 21.03 35.95
C ARG D 40 26.84 20.18 37.11
N PRO D 41 28.16 20.12 37.31
CA PRO D 41 28.70 19.34 38.44
C PRO D 41 28.06 19.70 39.76
N GLY D 42 27.48 18.71 40.43
CA GLY D 42 26.83 18.93 41.71
C GLY D 42 25.52 19.69 41.64
N GLN D 43 25.01 19.96 40.45
CA GLN D 43 23.77 20.71 40.26
C GLN D 43 22.67 19.77 39.78
N GLY D 44 21.50 20.36 39.49
CA GLY D 44 20.35 19.62 39.04
C GLY D 44 20.33 19.46 37.53
N LEU D 45 19.15 19.11 37.02
CA LEU D 45 18.96 18.83 35.61
C LEU D 45 18.29 20.02 34.92
N GLU D 46 18.79 20.34 33.73
CA GLU D 46 18.30 21.48 32.94
C GLU D 46 17.95 20.98 31.55
N TRP D 47 16.73 21.28 31.12
CA TRP D 47 16.21 20.81 29.83
C TRP D 47 16.60 21.78 28.73
N ILE D 48 17.28 21.28 27.70
CA ILE D 48 17.74 22.11 26.60
C ILE D 48 16.67 22.19 25.52
N GLY D 49 16.23 21.04 25.03
CA GLY D 49 15.25 21.02 23.95
C GLY D 49 15.07 19.61 23.43
N TYR D 50 14.35 19.53 22.31
CA TYR D 50 14.14 18.26 21.62
C TYR D 50 14.26 18.49 20.12
N ILE D 51 14.38 17.39 19.38
CA ILE D 51 14.44 17.42 17.92
C ILE D 51 13.60 16.28 17.38
N ASN D 52 12.86 16.55 16.31
CA ASN D 52 12.18 15.51 15.54
C ASN D 52 13.17 14.96 14.53
N PRO D 53 13.75 13.76 14.75
CA PRO D 53 14.85 13.33 13.90
C PRO D 53 14.50 13.24 12.42
N ASN D 54 13.29 12.78 12.10
CA ASN D 54 12.93 12.58 10.71
C ASN D 54 12.69 13.88 9.97
N SER D 55 12.36 14.96 10.68
CA SER D 55 12.05 16.24 10.06
C SER D 55 13.03 17.35 10.40
N GLY D 56 13.93 17.14 11.38
CA GLY D 56 14.87 18.17 11.77
C GLY D 56 14.30 19.30 12.58
N TYR D 57 12.98 19.36 12.75
CA TYR D 57 12.37 20.39 13.57
C TYR D 57 12.85 20.28 15.02
N THR D 58 13.07 21.44 15.65
CA THR D 58 13.57 21.49 17.01
C THR D 58 12.81 22.55 17.80
N GLU D 59 12.74 22.33 19.12
CA GLU D 59 12.30 23.35 20.07
C GLU D 59 13.30 23.38 21.22
N CYS D 60 13.69 24.57 21.63
CA CYS D 60 14.69 24.77 22.67
C CYS D 60 14.11 25.55 23.83
N ASN D 61 14.67 25.33 25.01
CA ASN D 61 14.47 26.27 26.12
C ASN D 61 15.02 27.63 25.72
N GLU D 62 14.31 28.69 26.11
CA GLU D 62 14.74 30.03 25.75
C GLU D 62 16.19 30.29 26.15
N ILE D 63 16.67 29.63 27.20
CA ILE D 63 18.03 29.83 27.65
C ILE D 63 19.02 29.46 26.54
N PHE D 64 18.90 28.24 26.01
CA PHE D 64 19.88 27.69 25.08
C PHE D 64 19.56 27.98 23.62
N ARG D 65 18.69 28.95 23.35
CA ARG D 65 18.27 29.20 21.96
C ARG D 65 19.47 29.54 21.09
N ASP D 66 20.39 30.35 21.59
CA ASP D 66 21.60 30.71 20.86
C ASP D 66 22.81 29.88 21.25
N LYS D 67 22.69 29.00 22.25
CA LYS D 67 23.81 28.19 22.70
C LYS D 67 23.92 26.88 21.92
N ALA D 68 22.83 26.12 21.86
CA ALA D 68 22.85 24.76 21.32
C ALA D 68 22.14 24.70 19.97
N THR D 69 22.61 23.78 19.12
CA THR D 69 21.96 23.45 17.86
C THR D 69 21.90 21.93 17.75
N MET D 70 20.72 21.40 17.46
CA MET D 70 20.48 19.98 17.40
C MET D 70 20.28 19.52 15.96
N THR D 71 20.89 18.37 15.63
CA THR D 71 20.75 17.78 14.31
C THR D 71 20.61 16.28 14.47
N ALA D 72 20.33 15.59 13.36
CA ALA D 72 20.13 14.14 13.40
C ALA D 72 20.47 13.55 12.05
N ASP D 73 21.15 12.40 12.07
CA ASP D 73 21.44 11.61 10.89
C ASP D 73 20.59 10.34 10.96
N THR D 74 19.61 10.23 10.08
CA THR D 74 18.69 9.09 10.12
C THR D 74 19.38 7.80 9.70
N SER D 75 20.22 7.87 8.67
CA SER D 75 20.86 6.66 8.17
C SER D 75 21.66 5.95 9.25
N SER D 76 22.24 6.70 10.19
CA SER D 76 23.05 6.13 11.25
C SER D 76 22.36 6.16 12.61
N SER D 77 21.09 6.56 12.66
CA SER D 77 20.33 6.61 13.91
C SER D 77 21.11 7.35 14.99
N THR D 78 21.63 8.53 14.63
CA THR D 78 22.50 9.31 15.49
C THR D 78 21.95 10.72 15.62
N ALA D 79 21.81 11.18 16.86
CA ALA D 79 21.47 12.58 17.14
C ALA D 79 22.73 13.32 17.57
N TYR D 80 22.83 14.58 17.15
CA TYR D 80 23.98 15.41 17.46
C TYR D 80 23.54 16.69 18.13
N MET D 81 24.38 17.21 19.01
CA MET D 81 24.20 18.54 19.58
C MET D 81 25.53 19.28 19.53
N GLN D 82 25.49 20.54 19.11
CA GLN D 82 26.66 21.39 19.05
C GLN D 82 26.48 22.55 20.01
N LEU D 83 27.47 22.76 20.88
CA LEU D 83 27.49 23.88 21.81
C LEU D 83 28.50 24.90 21.31
N SER D 84 28.03 26.10 20.99
CA SER D 84 28.86 27.15 20.42
C SER D 84 29.04 28.30 21.41
N GLY D 85 30.10 29.07 21.18
CA GLY D 85 30.43 30.18 22.04
C GLY D 85 30.62 29.75 23.49
N LEU D 86 31.48 28.76 23.69
CA LEU D 86 31.57 28.09 24.98
C LEU D 86 32.12 29.02 26.07
N THR D 87 31.65 28.80 27.30
CA THR D 87 32.14 29.48 28.48
C THR D 87 32.38 28.46 29.58
N SER D 88 32.68 28.93 30.80
CA SER D 88 32.82 28.00 31.91
C SER D 88 31.46 27.49 32.39
N GLU D 89 30.40 28.29 32.18
CA GLU D 89 29.06 27.87 32.57
C GLU D 89 28.54 26.73 31.70
N ASP D 90 29.16 26.50 30.55
CA ASP D 90 28.77 25.38 29.68
C ASP D 90 29.48 24.08 30.06
N SER D 91 30.49 24.14 30.93
CA SER D 91 31.15 22.93 31.41
C SER D 91 30.16 22.12 32.26
N ALA D 92 29.76 20.95 31.75
CA ALA D 92 28.76 20.14 32.42
C ALA D 92 28.63 18.82 31.67
N VAL D 93 27.79 17.94 32.19
CA VAL D 93 27.45 16.68 31.53
C VAL D 93 26.16 16.90 30.74
N TYR D 94 26.15 16.42 29.50
CA TYR D 94 25.01 16.60 28.60
C TYR D 94 24.46 15.23 28.22
N TYR D 95 23.20 14.99 28.56
CA TYR D 95 22.52 13.73 28.28
C TYR D 95 21.64 13.86 27.05
N CYS D 96 21.48 12.74 26.35
CA CYS D 96 20.44 12.59 25.34
C CYS D 96 19.43 11.56 25.85
N ALA D 97 18.15 11.85 25.64
CA ALA D 97 17.08 11.01 26.16
C ALA D 97 15.96 10.90 25.13
N SER D 98 15.58 9.67 24.80
CA SER D 98 14.50 9.45 23.85
C SER D 98 13.16 9.85 24.48
N PHE D 99 12.23 10.26 23.63
CA PHE D 99 10.93 10.76 24.08
C PHE D 99 9.96 9.59 24.18
N LEU D 100 9.46 9.35 25.39
CA LEU D 100 8.47 8.30 25.61
C LEU D 100 7.11 8.68 25.06
N GLY D 101 6.79 9.98 25.07
CA GLY D 101 5.42 10.42 25.08
C GLY D 101 4.97 10.68 26.51
N ARG D 102 3.76 11.21 26.64
CA ARG D 102 3.20 11.53 27.96
C ARG D 102 4.13 12.47 28.72
N GLY D 103 4.83 13.35 28.01
CA GLY D 103 5.70 14.32 28.65
C GLY D 103 6.81 13.72 29.48
N ALA D 104 7.33 12.56 29.08
CA ALA D 104 8.40 11.90 29.81
C ALA D 104 9.46 11.41 28.84
N MET D 105 10.64 11.11 29.39
CA MET D 105 11.78 10.64 28.61
C MET D 105 12.21 9.28 29.17
N ASP D 106 12.11 8.23 28.36
CA ASP D 106 12.16 6.87 28.86
C ASP D 106 13.56 6.27 28.88
N TYR D 107 14.45 6.67 27.99
CA TYR D 107 15.78 6.08 27.91
C TYR D 107 16.83 7.18 27.78
N TRP D 108 17.90 7.04 28.56
CA TRP D 108 18.92 8.08 28.68
C TRP D 108 20.28 7.52 28.29
N GLY D 109 21.09 8.35 27.64
CA GLY D 109 22.48 8.02 27.42
C GLY D 109 23.30 8.16 28.68
N GLN D 110 24.56 7.70 28.60
CA GLN D 110 25.42 7.75 29.78
C GLN D 110 25.88 9.18 30.09
N GLY D 111 25.78 10.09 29.14
CA GLY D 111 26.21 11.46 29.34
C GLY D 111 27.55 11.76 28.72
N THR D 112 27.69 12.96 28.15
CA THR D 112 28.93 13.46 27.59
C THR D 112 29.38 14.64 28.43
N SER D 113 30.50 14.50 29.13
CA SER D 113 31.05 15.59 29.90
C SER D 113 31.75 16.58 28.97
N VAL D 114 31.54 17.88 29.23
CA VAL D 114 32.18 18.95 28.49
C VAL D 114 32.92 19.82 29.50
N THR D 115 34.19 20.09 29.24
CA THR D 115 35.02 20.90 30.12
C THR D 115 35.60 22.06 29.31
N VAL D 116 35.46 23.27 29.83
CA VAL D 116 35.86 24.49 29.14
C VAL D 116 36.90 25.19 30.00
N SER D 117 38.17 25.10 29.61
CA SER D 117 39.24 25.82 30.28
C SER D 117 40.31 26.15 29.26
N SER D 118 41.14 27.13 29.61
CA SER D 118 42.27 27.52 28.76
C SER D 118 43.50 26.67 28.99
N ALA D 119 43.56 25.94 30.10
CA ALA D 119 44.74 25.15 30.42
C ALA D 119 44.98 24.10 29.33
N LYS D 120 46.26 23.77 29.13
CA LYS D 120 46.67 22.73 28.20
C LYS D 120 47.10 21.51 28.99
N THR D 121 47.23 20.39 28.27
CA THR D 121 47.56 19.11 28.90
C THR D 121 48.80 19.26 29.77
N THR D 122 48.68 18.82 31.03
CA THR D 122 49.76 18.95 32.00
C THR D 122 49.86 17.66 32.81
N ALA D 123 51.10 17.21 33.05
CA ALA D 123 51.32 15.98 33.79
C ALA D 123 51.20 16.23 35.29
N PRO D 124 50.80 15.22 36.06
CA PRO D 124 50.67 15.39 37.51
C PRO D 124 52.01 15.36 38.23
N SER D 125 52.05 16.02 39.38
CA SER D 125 53.12 15.88 40.35
C SER D 125 52.62 14.99 41.48
N VAL D 126 53.23 13.82 41.62
CA VAL D 126 52.82 12.84 42.63
C VAL D 126 53.71 13.02 43.84
N TYR D 127 53.10 13.28 45.00
CA TYR D 127 53.80 13.50 46.24
C TYR D 127 53.40 12.43 47.25
N PRO D 128 54.36 11.72 47.85
CA PRO D 128 53.99 10.79 48.92
C PRO D 128 53.65 11.56 50.19
N LEU D 129 52.79 10.95 51.01
CA LEU D 129 52.35 11.55 52.27
C LEU D 129 52.56 10.53 53.38
N ALA D 130 53.67 10.68 54.13
CA ALA D 130 53.96 9.85 55.29
C ALA D 130 53.52 10.56 56.56
N PRO D 131 53.20 9.81 57.62
CA PRO D 131 52.84 10.46 58.89
C PRO D 131 54.06 11.09 59.54
N VAL D 132 53.79 12.01 60.47
CA VAL D 132 54.86 12.73 61.14
C VAL D 132 55.55 11.81 62.14
N CYS D 133 56.84 12.05 62.36
CA CYS D 133 57.61 11.25 63.31
C CYS D 133 56.96 11.29 64.69
N GLY D 138 48.43 2.83 68.49
CA GLY D 138 49.03 2.71 67.17
C GLY D 138 48.79 1.35 66.55
N SER D 139 47.53 1.05 66.26
CA SER D 139 47.14 -0.23 65.66
C SER D 139 47.03 -0.16 64.14
N SER D 140 46.56 0.95 63.60
CA SER D 140 46.48 1.15 62.16
C SER D 140 47.24 2.42 61.79
N VAL D 141 47.69 2.47 60.54
CA VAL D 141 48.47 3.57 60.01
C VAL D 141 47.81 4.05 58.72
N THR D 142 47.70 5.37 58.57
CA THR D 142 47.11 5.98 57.38
C THR D 142 48.21 6.66 56.58
N LEU D 143 48.39 6.22 55.35
CA LEU D 143 49.28 6.85 54.39
C LEU D 143 48.46 7.58 53.34
N GLY D 144 49.12 8.46 52.58
CA GLY D 144 48.43 9.29 51.62
C GLY D 144 49.24 9.50 50.36
N CYS D 145 48.56 10.03 49.35
CA CYS D 145 49.18 10.33 48.07
C CYS D 145 48.51 11.55 47.48
N LEU D 146 49.30 12.53 47.05
CA LEU D 146 48.81 13.80 46.55
C LEU D 146 49.18 13.92 45.08
N VAL D 147 48.16 13.98 44.22
CA VAL D 147 48.32 14.09 42.77
C VAL D 147 47.86 15.51 42.41
N LYS D 148 48.82 16.39 42.15
CA LYS D 148 48.55 17.83 42.09
C LYS D 148 48.99 18.40 40.75
N GLY D 149 48.12 19.24 40.18
CA GLY D 149 48.47 20.04 39.03
C GLY D 149 48.53 19.29 37.71
N TYR D 150 47.49 18.52 37.40
CA TYR D 150 47.40 17.82 36.13
C TYR D 150 46.17 18.27 35.36
N PHE D 151 46.20 18.02 34.05
CA PHE D 151 45.07 18.35 33.19
C PHE D 151 45.24 17.59 31.88
N PRO D 152 44.15 17.05 31.30
CA PRO D 152 42.79 17.05 31.83
C PRO D 152 42.52 15.82 32.67
N GLU D 153 41.32 15.74 33.25
CA GLU D 153 40.84 14.46 33.74
C GLU D 153 40.82 13.46 32.59
N PRO D 154 40.95 12.16 32.87
CA PRO D 154 41.07 11.54 34.19
C PRO D 154 42.50 11.18 34.58
N VAL D 155 42.66 10.81 35.85
CA VAL D 155 43.87 10.19 36.36
C VAL D 155 43.45 8.93 37.11
N THR D 156 44.27 7.90 37.03
CA THR D 156 44.00 6.64 37.71
C THR D 156 45.05 6.43 38.80
N LEU D 157 44.59 6.03 39.98
CA LEU D 157 45.44 5.85 41.14
C LEU D 157 45.15 4.52 41.80
N THR D 158 46.20 3.79 42.15
CA THR D 158 46.08 2.54 42.87
C THR D 158 47.18 2.45 43.91
N TRP D 159 47.01 1.52 44.85
CA TRP D 159 47.99 1.27 45.91
C TRP D 159 48.52 -0.14 45.75
N ASN D 160 49.83 -0.27 45.61
CA ASN D 160 50.48 -1.55 45.34
C ASN D 160 49.80 -2.26 44.18
N SER D 161 49.59 -1.52 43.09
CA SER D 161 49.03 -2.07 41.86
C SER D 161 47.62 -2.62 42.07
N GLY D 162 46.85 -1.95 42.94
CA GLY D 162 45.49 -2.37 43.21
C GLY D 162 45.35 -3.50 44.20
N SER D 163 46.46 -4.05 44.69
CA SER D 163 46.38 -5.11 45.68
C SER D 163 45.68 -4.65 46.96
N LEU D 164 45.76 -3.36 47.25
CA LEU D 164 45.12 -2.77 48.43
C LEU D 164 43.90 -1.98 47.94
N SER D 165 42.71 -2.56 48.10
CA SER D 165 41.47 -1.90 47.76
C SER D 165 40.66 -1.50 48.99
N ALA D 166 40.44 -2.44 49.90
CA ALA D 166 39.80 -2.11 51.16
C ALA D 166 40.70 -1.19 51.97
N GLY D 167 40.08 -0.26 52.70
CA GLY D 167 40.84 0.72 53.44
C GLY D 167 41.45 1.82 52.59
N VAL D 168 40.98 1.98 51.36
CA VAL D 168 41.46 3.03 50.46
C VAL D 168 40.33 4.01 50.23
N HIS D 169 40.64 5.30 50.31
CA HIS D 169 39.67 6.38 50.05
C HIS D 169 40.31 7.35 49.06
N THR D 170 40.00 7.17 47.77
CA THR D 170 40.44 8.08 46.73
C THR D 170 39.37 9.13 46.51
N PHE D 171 39.75 10.39 46.56
CA PHE D 171 38.77 11.46 46.52
C PHE D 171 38.66 12.06 45.12
N PRO D 172 37.49 12.54 44.73
CA PRO D 172 37.35 13.17 43.41
C PRO D 172 38.22 14.42 43.30
N ALA D 173 38.60 14.75 42.07
CA ALA D 173 39.50 15.86 41.82
C ALA D 173 38.77 17.19 42.00
N VAL D 174 39.56 18.24 42.26
CA VAL D 174 39.05 19.60 42.41
C VAL D 174 39.86 20.51 41.50
N LEU D 175 39.24 21.62 41.11
CA LEU D 175 39.94 22.64 40.33
C LEU D 175 40.77 23.52 41.25
N GLN D 176 41.98 23.84 40.81
CA GLN D 176 42.95 24.56 41.64
C GLN D 176 43.84 25.36 40.69
N SER D 177 43.58 26.66 40.61
CA SER D 177 44.28 27.54 39.67
C SER D 177 44.16 27.02 38.25
N SER D 178 42.96 26.52 37.90
CA SER D 178 42.65 25.99 36.58
C SER D 178 43.36 24.66 36.30
N LEU D 179 43.72 23.90 37.34
CA LEU D 179 44.29 22.58 37.18
C LEU D 179 43.70 21.64 38.22
N TYR D 180 43.66 20.36 37.88
CA TYR D 180 43.04 19.36 38.74
C TYR D 180 44.02 18.90 39.82
N THR D 181 43.49 18.69 41.02
CA THR D 181 44.25 18.15 42.14
C THR D 181 43.44 17.04 42.78
N LEU D 182 44.11 15.96 43.14
CA LEU D 182 43.47 14.76 43.67
C LEU D 182 44.33 14.19 44.77
N SER D 183 43.68 13.53 45.73
CA SER D 183 44.37 12.90 46.85
C SER D 183 43.74 11.54 47.13
N SER D 184 44.50 10.70 47.83
CA SER D 184 44.05 9.36 48.18
C SER D 184 44.73 8.94 49.47
N SER D 185 43.95 8.29 50.34
CA SER D 185 44.46 7.77 51.60
C SER D 185 44.32 6.25 51.61
N VAL D 186 45.31 5.58 52.19
CA VAL D 186 45.30 4.14 52.38
C VAL D 186 45.58 3.86 53.85
N THR D 187 44.84 2.91 54.41
CA THR D 187 44.96 2.56 55.82
C THR D 187 45.25 1.07 55.93
N VAL D 188 46.37 0.73 56.56
CA VAL D 188 46.78 -0.66 56.75
C VAL D 188 47.09 -0.88 58.23
N VAL D 189 47.36 -2.13 58.57
CA VAL D 189 47.72 -2.47 59.95
C VAL D 189 49.05 -1.82 60.29
N ALA D 190 49.18 -1.36 61.53
CA ALA D 190 50.41 -0.69 61.95
C ALA D 190 51.62 -1.62 61.82
N SER D 191 51.42 -2.92 61.99
CA SER D 191 52.50 -3.89 61.88
C SER D 191 52.89 -4.20 60.44
N THR D 192 52.05 -3.85 59.47
CA THR D 192 52.32 -4.12 58.06
C THR D 192 52.94 -2.94 57.34
N TRP D 193 53.37 -1.91 58.08
CA TRP D 193 54.10 -0.79 57.50
C TRP D 193 54.93 -0.16 58.60
N PRO D 194 56.20 0.21 58.34
CA PRO D 194 56.93 0.11 57.06
C PRO D 194 57.59 -1.25 56.82
N SER D 195 57.18 -2.29 57.53
CA SER D 195 57.77 -3.61 57.31
C SER D 195 57.56 -4.07 55.87
N GLN D 196 56.40 -3.75 55.29
CA GLN D 196 56.09 -4.01 53.89
C GLN D 196 55.95 -2.68 53.15
N SER D 197 56.35 -2.67 51.89
CA SER D 197 56.40 -1.44 51.10
C SER D 197 55.02 -1.14 50.51
N ILE D 198 54.58 0.11 50.65
CA ILE D 198 53.34 0.59 50.05
C ILE D 198 53.72 1.66 49.03
N THR D 199 53.17 1.53 47.82
CA THR D 199 53.51 2.41 46.71
C THR D 199 52.24 3.00 46.11
N CYS D 200 52.30 4.28 45.78
CA CYS D 200 51.20 4.99 45.13
C CYS D 200 51.45 4.96 43.62
N ASN D 201 50.61 4.22 42.89
CA ASN D 201 50.71 4.13 41.45
C ASN D 201 49.75 5.15 40.84
N VAL D 202 50.29 6.05 40.02
CA VAL D 202 49.51 7.10 39.38
C VAL D 202 49.76 7.04 37.88
N ALA D 203 48.70 7.24 37.10
CA ALA D 203 48.80 7.22 35.65
C ALA D 203 47.94 8.34 35.07
N HIS D 204 48.53 9.17 34.22
CA HIS D 204 47.82 10.24 33.52
C HIS D 204 47.90 9.95 32.03
N PRO D 205 46.88 9.33 31.43
CA PRO D 205 47.01 8.92 30.02
C PRO D 205 47.19 10.07 29.07
N ALA D 206 46.56 11.22 29.33
CA ALA D 206 46.68 12.37 28.44
C ALA D 206 48.12 12.86 28.33
N SER D 207 48.99 12.49 29.28
CA SER D 207 50.40 12.87 29.24
C SER D 207 51.32 11.66 29.11
N SER D 208 50.77 10.47 28.88
CA SER D 208 51.57 9.25 28.84
C SER D 208 52.44 9.14 30.08
N THR D 209 51.89 9.53 31.23
CA THR D 209 52.60 9.56 32.50
C THR D 209 52.27 8.32 33.30
N LYS D 210 53.29 7.73 33.91
CA LYS D 210 53.12 6.62 34.84
C LYS D 210 54.18 6.77 35.93
N VAL D 211 53.74 7.06 37.15
CA VAL D 211 54.62 7.33 38.27
C VAL D 211 54.30 6.37 39.41
N ASP D 212 55.34 5.89 40.09
CA ASP D 212 55.20 5.05 41.27
C ASP D 212 55.98 5.69 42.40
N LYS D 213 55.28 6.06 43.48
CA LYS D 213 55.89 6.72 44.62
C LYS D 213 55.72 5.86 45.86
N LYS D 214 56.79 5.75 46.65
CA LYS D 214 56.81 4.96 47.87
C LYS D 214 56.83 5.87 49.09
N ILE D 215 56.31 5.36 50.20
CA ILE D 215 56.15 6.13 51.43
C ILE D 215 57.09 5.59 52.49
N GLU D 216 58.28 6.17 52.60
CA GLU D 216 59.34 5.61 53.43
C GLU D 216 59.26 5.99 54.90
N PRO D 217 59.14 7.28 55.27
CA PRO D 217 59.22 7.59 56.70
C PRO D 217 57.86 7.84 57.35
#